data_1NX3
# 
_entry.id   1NX3 
# 
_audit_conform.dict_name       mmcif_pdbx.dic 
_audit_conform.dict_version    5.386 
_audit_conform.dict_location   http://mmcif.pdb.org/dictionaries/ascii/mmcif_pdbx.dic 
# 
loop_
_database_2.database_id 
_database_2.database_code 
_database_2.pdbx_database_accession 
_database_2.pdbx_DOI 
PDB   1NX3         pdb_00001nx3 10.2210/pdb1nx3/pdb 
RCSB  RCSB018304   ?            ?                   
WWPDB D_1000018304 ?            ?                   
# 
loop_
_pdbx_audit_revision_history.ordinal 
_pdbx_audit_revision_history.data_content_type 
_pdbx_audit_revision_history.major_revision 
_pdbx_audit_revision_history.minor_revision 
_pdbx_audit_revision_history.revision_date 
1 'Structure model' 1 0 2003-08-19 
2 'Structure model' 1 1 2008-04-29 
3 'Structure model' 1 2 2011-07-13 
4 'Structure model' 1 3 2012-05-02 
5 'Structure model' 1 4 2024-02-14 
# 
_pdbx_audit_revision_details.ordinal             1 
_pdbx_audit_revision_details.revision_ordinal    1 
_pdbx_audit_revision_details.data_content_type   'Structure model' 
_pdbx_audit_revision_details.provider            repository 
_pdbx_audit_revision_details.type                'Initial release' 
_pdbx_audit_revision_details.description         ? 
_pdbx_audit_revision_details.details             ? 
# 
loop_
_pdbx_audit_revision_group.ordinal 
_pdbx_audit_revision_group.revision_ordinal 
_pdbx_audit_revision_group.data_content_type 
_pdbx_audit_revision_group.group 
1 2 'Structure model' 'Version format compliance' 
2 3 'Structure model' 'Derived calculations'      
3 3 'Structure model' 'Version format compliance' 
4 4 'Structure model' 'Structure summary'         
5 5 'Structure model' 'Data collection'           
6 5 'Structure model' 'Database references'       
7 5 'Structure model' 'Derived calculations'      
# 
loop_
_pdbx_audit_revision_category.ordinal 
_pdbx_audit_revision_category.revision_ordinal 
_pdbx_audit_revision_category.data_content_type 
_pdbx_audit_revision_category.category 
1 5 'Structure model' chem_comp_atom         
2 5 'Structure model' chem_comp_bond         
3 5 'Structure model' database_2             
4 5 'Structure model' pdbx_struct_conn_angle 
5 5 'Structure model' struct_conn            
6 5 'Structure model' struct_site            
# 
loop_
_pdbx_audit_revision_item.ordinal 
_pdbx_audit_revision_item.revision_ordinal 
_pdbx_audit_revision_item.data_content_type 
_pdbx_audit_revision_item.item 
1  5 'Structure model' '_database_2.pdbx_DOI'                        
2  5 'Structure model' '_database_2.pdbx_database_accession'         
3  5 'Structure model' '_pdbx_struct_conn_angle.ptnr1_auth_comp_id'  
4  5 'Structure model' '_pdbx_struct_conn_angle.ptnr1_auth_seq_id'   
5  5 'Structure model' '_pdbx_struct_conn_angle.ptnr1_label_asym_id' 
6  5 'Structure model' '_pdbx_struct_conn_angle.ptnr1_label_atom_id' 
7  5 'Structure model' '_pdbx_struct_conn_angle.ptnr1_label_comp_id' 
8  5 'Structure model' '_pdbx_struct_conn_angle.ptnr1_label_seq_id'  
9  5 'Structure model' '_pdbx_struct_conn_angle.ptnr3_auth_comp_id'  
10 5 'Structure model' '_pdbx_struct_conn_angle.ptnr3_auth_seq_id'   
11 5 'Structure model' '_pdbx_struct_conn_angle.ptnr3_label_asym_id' 
12 5 'Structure model' '_pdbx_struct_conn_angle.ptnr3_label_atom_id' 
13 5 'Structure model' '_pdbx_struct_conn_angle.ptnr3_label_comp_id' 
14 5 'Structure model' '_pdbx_struct_conn_angle.ptnr3_label_seq_id'  
15 5 'Structure model' '_pdbx_struct_conn_angle.value'               
16 5 'Structure model' '_struct_conn.pdbx_dist_value'                
17 5 'Structure model' '_struct_conn.ptnr2_auth_comp_id'             
18 5 'Structure model' '_struct_conn.ptnr2_auth_seq_id'              
19 5 'Structure model' '_struct_conn.ptnr2_label_asym_id'            
20 5 'Structure model' '_struct_conn.ptnr2_label_atom_id'            
21 5 'Structure model' '_struct_conn.ptnr2_label_comp_id'            
22 5 'Structure model' '_struct_conn.ptnr2_label_seq_id'             
23 5 'Structure model' '_struct_site.pdbx_auth_asym_id'              
24 5 'Structure model' '_struct_site.pdbx_auth_comp_id'              
25 5 'Structure model' '_struct_site.pdbx_auth_seq_id'               
# 
_pdbx_database_status.status_code                     REL 
_pdbx_database_status.entry_id                        1NX3 
_pdbx_database_status.recvd_initial_deposition_date   2003-02-07 
_pdbx_database_status.deposit_site                    RCSB 
_pdbx_database_status.process_site                    RCSB 
_pdbx_database_status.SG_entry                        . 
_pdbx_database_status.status_code_sf                  ? 
_pdbx_database_status.status_code_mr                  ? 
_pdbx_database_status.status_code_cs                  ? 
_pdbx_database_status.methods_development_category    ? 
_pdbx_database_status.pdb_format_compatible           Y 
_pdbx_database_status.status_code_nmr_data            ? 
# 
loop_
_pdbx_database_related.db_name 
_pdbx_database_related.db_id 
_pdbx_database_related.details 
_pdbx_database_related.content_type 
PDB 1NX0 . unspecified 
PDB 1NX1 . unspecified 
PDB 1NX2 . unspecified 
# 
loop_
_audit_author.name 
_audit_author.pdbx_ordinal 
'Todd, B.'             1 
'Moore, D.'            2 
'Deivanayagam, C.C.S.' 3 
'Lin, G.-D.'           4 
'Chattopadhyay, D.'    5 
'Maki, M.'             6 
'Wang, K.K.W.'         7 
'Narayana, S.V.L.'     8 
# 
_citation.id                        primary 
_citation.title                     
;A structural model for the inhibition of calpain by calpastatin: crystal structures of the native domain VI of calpain and its complexes with calpastatin peptide and a small molecule inhibitor.
;
_citation.journal_abbrev            J.Mol.Biol. 
_citation.journal_volume            328 
_citation.page_first                131 
_citation.page_last                 146 
_citation.year                      2003 
_citation.journal_id_ASTM           JMOBAK 
_citation.country                   UK 
_citation.journal_id_ISSN           0022-2836 
_citation.journal_id_CSD            0070 
_citation.book_publisher            ? 
_citation.pdbx_database_id_PubMed   12684003 
_citation.pdbx_database_id_DOI      '10.1016/S0022-2836(03)00274-2' 
# 
loop_
_citation_author.citation_id 
_citation_author.name 
_citation_author.ordinal 
_citation_author.identifier_ORCID 
primary 'Todd, B.'             1 ? 
primary 'Moore, D.'            2 ? 
primary 'Deivanayagam, C.C.S.' 3 ? 
primary 'Lin, G.-D.'           4 ? 
primary 'Chattopadhyay, D.'    5 ? 
primary 'Maki, M.'             6 ? 
primary 'Wang, K.K.W.'         7 ? 
primary 'Narayana, S.V.L.'     8 ? 
# 
loop_
_entity.id 
_entity.type 
_entity.src_method 
_entity.pdbx_description 
_entity.formula_weight 
_entity.pdbx_number_of_molecules 
_entity.pdbx_ec 
_entity.pdbx_mutation 
_entity.pdbx_fragment 
_entity.details 
1 polymer     man 'Calcium-dependent protease, small subunit'   19883.477 1  ? ? 'Domain VI' ? 
2 non-polymer syn 'CALCIUM ION'                                 40.078    4  ? ? ?           ? 
3 non-polymer syn '3-(4-IODO-PHENYL)-2-MERCAPTO-PROPIONIC ACID' 308.136   1  ? ? ?           ? 
4 water       nat water                                         18.015    56 ? ? ?           ? 
# 
_entity_name_com.entity_id   1 
_entity_name_com.name        'Calpain regulatory subunit, Calcium-activated neutral proteinase, CANP' 
# 
_entity_poly.entity_id                      1 
_entity_poly.type                           'polypeptide(L)' 
_entity_poly.nstd_linkage                   no 
_entity_poly.nstd_monomer                   no 
_entity_poly.pdbx_seq_one_letter_code       
;EEVRQFRRLFAQLAGDDMEVSATELMNILNKVVTRHPDLKTDGFGIDTCRSMVAVMDSDTTGKLGFEEFKYLWNNIKKWQ
AIYKQFDVDRSGTIGSSELPGAFEAAGFHLNEHLYSMIIRRYSDEGGNMDFDNFISCLVRLDAMFRAFKSLDKDGTGQIQ
VNIQEWLQLTMYS
;
_entity_poly.pdbx_seq_one_letter_code_can   
;EEVRQFRRLFAQLAGDDMEVSATELMNILNKVVTRHPDLKTDGFGIDTCRSMVAVMDSDTTGKLGFEEFKYLWNNIKKWQ
AIYKQFDVDRSGTIGSSELPGAFEAAGFHLNEHLYSMIIRRYSDEGGNMDFDNFISCLVRLDAMFRAFKSLDKDGTGQIQ
VNIQEWLQLTMYS
;
_entity_poly.pdbx_strand_id                 A 
_entity_poly.pdbx_target_identifier         ? 
# 
loop_
_pdbx_entity_nonpoly.entity_id 
_pdbx_entity_nonpoly.name 
_pdbx_entity_nonpoly.comp_id 
2 'CALCIUM ION'                                 CA  
3 '3-(4-IODO-PHENYL)-2-MERCAPTO-PROPIONIC ACID' ISA 
4 water                                         HOH 
# 
loop_
_entity_poly_seq.entity_id 
_entity_poly_seq.num 
_entity_poly_seq.mon_id 
_entity_poly_seq.hetero 
1 1   GLU n 
1 2   GLU n 
1 3   VAL n 
1 4   ARG n 
1 5   GLN n 
1 6   PHE n 
1 7   ARG n 
1 8   ARG n 
1 9   LEU n 
1 10  PHE n 
1 11  ALA n 
1 12  GLN n 
1 13  LEU n 
1 14  ALA n 
1 15  GLY n 
1 16  ASP n 
1 17  ASP n 
1 18  MET n 
1 19  GLU n 
1 20  VAL n 
1 21  SER n 
1 22  ALA n 
1 23  THR n 
1 24  GLU n 
1 25  LEU n 
1 26  MET n 
1 27  ASN n 
1 28  ILE n 
1 29  LEU n 
1 30  ASN n 
1 31  LYS n 
1 32  VAL n 
1 33  VAL n 
1 34  THR n 
1 35  ARG n 
1 36  HIS n 
1 37  PRO n 
1 38  ASP n 
1 39  LEU n 
1 40  LYS n 
1 41  THR n 
1 42  ASP n 
1 43  GLY n 
1 44  PHE n 
1 45  GLY n 
1 46  ILE n 
1 47  ASP n 
1 48  THR n 
1 49  CYS n 
1 50  ARG n 
1 51  SER n 
1 52  MET n 
1 53  VAL n 
1 54  ALA n 
1 55  VAL n 
1 56  MET n 
1 57  ASP n 
1 58  SER n 
1 59  ASP n 
1 60  THR n 
1 61  THR n 
1 62  GLY n 
1 63  LYS n 
1 64  LEU n 
1 65  GLY n 
1 66  PHE n 
1 67  GLU n 
1 68  GLU n 
1 69  PHE n 
1 70  LYS n 
1 71  TYR n 
1 72  LEU n 
1 73  TRP n 
1 74  ASN n 
1 75  ASN n 
1 76  ILE n 
1 77  LYS n 
1 78  LYS n 
1 79  TRP n 
1 80  GLN n 
1 81  ALA n 
1 82  ILE n 
1 83  TYR n 
1 84  LYS n 
1 85  GLN n 
1 86  PHE n 
1 87  ASP n 
1 88  VAL n 
1 89  ASP n 
1 90  ARG n 
1 91  SER n 
1 92  GLY n 
1 93  THR n 
1 94  ILE n 
1 95  GLY n 
1 96  SER n 
1 97  SER n 
1 98  GLU n 
1 99  LEU n 
1 100 PRO n 
1 101 GLY n 
1 102 ALA n 
1 103 PHE n 
1 104 GLU n 
1 105 ALA n 
1 106 ALA n 
1 107 GLY n 
1 108 PHE n 
1 109 HIS n 
1 110 LEU n 
1 111 ASN n 
1 112 GLU n 
1 113 HIS n 
1 114 LEU n 
1 115 TYR n 
1 116 SER n 
1 117 MET n 
1 118 ILE n 
1 119 ILE n 
1 120 ARG n 
1 121 ARG n 
1 122 TYR n 
1 123 SER n 
1 124 ASP n 
1 125 GLU n 
1 126 GLY n 
1 127 GLY n 
1 128 ASN n 
1 129 MET n 
1 130 ASP n 
1 131 PHE n 
1 132 ASP n 
1 133 ASN n 
1 134 PHE n 
1 135 ILE n 
1 136 SER n 
1 137 CYS n 
1 138 LEU n 
1 139 VAL n 
1 140 ARG n 
1 141 LEU n 
1 142 ASP n 
1 143 ALA n 
1 144 MET n 
1 145 PHE n 
1 146 ARG n 
1 147 ALA n 
1 148 PHE n 
1 149 LYS n 
1 150 SER n 
1 151 LEU n 
1 152 ASP n 
1 153 LYS n 
1 154 ASP n 
1 155 GLY n 
1 156 THR n 
1 157 GLY n 
1 158 GLN n 
1 159 ILE n 
1 160 GLN n 
1 161 VAL n 
1 162 ASN n 
1 163 ILE n 
1 164 GLN n 
1 165 GLU n 
1 166 TRP n 
1 167 LEU n 
1 168 GLN n 
1 169 LEU n 
1 170 THR n 
1 171 MET n 
1 172 TYR n 
1 173 SER n 
# 
_entity_src_gen.entity_id                          1 
_entity_src_gen.pdbx_src_id                        1 
_entity_src_gen.pdbx_alt_source_flag               sample 
_entity_src_gen.pdbx_seq_type                      ? 
_entity_src_gen.pdbx_beg_seq_num                   ? 
_entity_src_gen.pdbx_end_seq_num                   ? 
_entity_src_gen.gene_src_common_name               pig 
_entity_src_gen.gene_src_genus                     Sus 
_entity_src_gen.pdbx_gene_src_gene                 'CAPNS1 OR CAPN4' 
_entity_src_gen.gene_src_species                   ? 
_entity_src_gen.gene_src_strain                    ? 
_entity_src_gen.gene_src_tissue                    ? 
_entity_src_gen.gene_src_tissue_fraction           ? 
_entity_src_gen.gene_src_details                   ? 
_entity_src_gen.pdbx_gene_src_fragment             ? 
_entity_src_gen.pdbx_gene_src_scientific_name      'Sus scrofa' 
_entity_src_gen.pdbx_gene_src_ncbi_taxonomy_id     9823 
_entity_src_gen.pdbx_gene_src_variant              ? 
_entity_src_gen.pdbx_gene_src_cell_line            ? 
_entity_src_gen.pdbx_gene_src_atcc                 ? 
_entity_src_gen.pdbx_gene_src_organ                ? 
_entity_src_gen.pdbx_gene_src_organelle            ? 
_entity_src_gen.pdbx_gene_src_cell                 ? 
_entity_src_gen.pdbx_gene_src_cellular_location    ? 
_entity_src_gen.host_org_common_name               ? 
_entity_src_gen.pdbx_host_org_scientific_name      'Escherichia coli' 
_entity_src_gen.pdbx_host_org_ncbi_taxonomy_id     562 
_entity_src_gen.host_org_genus                     Escherichia 
_entity_src_gen.pdbx_host_org_gene                 ? 
_entity_src_gen.pdbx_host_org_organ                ? 
_entity_src_gen.host_org_species                   ? 
_entity_src_gen.pdbx_host_org_tissue               ? 
_entity_src_gen.pdbx_host_org_tissue_fraction      ? 
_entity_src_gen.pdbx_host_org_strain               ? 
_entity_src_gen.pdbx_host_org_variant              ? 
_entity_src_gen.pdbx_host_org_cell_line            ? 
_entity_src_gen.pdbx_host_org_atcc                 ? 
_entity_src_gen.pdbx_host_org_culture_collection   ? 
_entity_src_gen.pdbx_host_org_cell                 ? 
_entity_src_gen.pdbx_host_org_organelle            ? 
_entity_src_gen.pdbx_host_org_cellular_location    ? 
_entity_src_gen.pdbx_host_org_vector_type          ? 
_entity_src_gen.pdbx_host_org_vector               ? 
_entity_src_gen.host_org_details                   ? 
_entity_src_gen.expression_system_id               ? 
_entity_src_gen.plasmid_name                       ? 
_entity_src_gen.plasmid_details                    ? 
_entity_src_gen.pdbx_description                   ? 
# 
loop_
_chem_comp.id 
_chem_comp.type 
_chem_comp.mon_nstd_flag 
_chem_comp.name 
_chem_comp.pdbx_synonyms 
_chem_comp.formula 
_chem_comp.formula_weight 
ALA 'L-peptide linking' y ALANINE                                       ?        'C3 H7 N O2'     89.093  
ARG 'L-peptide linking' y ARGININE                                      ?        'C6 H15 N4 O2 1' 175.209 
ASN 'L-peptide linking' y ASPARAGINE                                    ?        'C4 H8 N2 O3'    132.118 
ASP 'L-peptide linking' y 'ASPARTIC ACID'                               ?        'C4 H7 N O4'     133.103 
CA  non-polymer         . 'CALCIUM ION'                                 ?        'Ca 2'           40.078  
CYS 'L-peptide linking' y CYSTEINE                                      ?        'C3 H7 N O2 S'   121.158 
GLN 'L-peptide linking' y GLUTAMINE                                     ?        'C5 H10 N2 O3'   146.144 
GLU 'L-peptide linking' y 'GLUTAMIC ACID'                               ?        'C5 H9 N O4'     147.129 
GLY 'peptide linking'   y GLYCINE                                       ?        'C2 H5 N O2'     75.067  
HIS 'L-peptide linking' y HISTIDINE                                     ?        'C6 H10 N3 O2 1' 156.162 
HOH non-polymer         . WATER                                         ?        'H2 O'           18.015  
ILE 'L-peptide linking' y ISOLEUCINE                                    ?        'C6 H13 N O2'    131.173 
ISA non-polymer         . '3-(4-IODO-PHENYL)-2-MERCAPTO-PROPIONIC ACID' PD150606 'C9 H9 I O2 S'   308.136 
LEU 'L-peptide linking' y LEUCINE                                       ?        'C6 H13 N O2'    131.173 
LYS 'L-peptide linking' y LYSINE                                        ?        'C6 H15 N2 O2 1' 147.195 
MET 'L-peptide linking' y METHIONINE                                    ?        'C5 H11 N O2 S'  149.211 
PHE 'L-peptide linking' y PHENYLALANINE                                 ?        'C9 H11 N O2'    165.189 
PRO 'L-peptide linking' y PROLINE                                       ?        'C5 H9 N O2'     115.130 
SER 'L-peptide linking' y SERINE                                        ?        'C3 H7 N O3'     105.093 
THR 'L-peptide linking' y THREONINE                                     ?        'C4 H9 N O3'     119.119 
TRP 'L-peptide linking' y TRYPTOPHAN                                    ?        'C11 H12 N2 O2'  204.225 
TYR 'L-peptide linking' y TYROSINE                                      ?        'C9 H11 N O3'    181.189 
VAL 'L-peptide linking' y VALINE                                        ?        'C5 H11 N O2'    117.146 
# 
loop_
_pdbx_poly_seq_scheme.asym_id 
_pdbx_poly_seq_scheme.entity_id 
_pdbx_poly_seq_scheme.seq_id 
_pdbx_poly_seq_scheme.mon_id 
_pdbx_poly_seq_scheme.ndb_seq_num 
_pdbx_poly_seq_scheme.pdb_seq_num 
_pdbx_poly_seq_scheme.auth_seq_num 
_pdbx_poly_seq_scheme.pdb_mon_id 
_pdbx_poly_seq_scheme.auth_mon_id 
_pdbx_poly_seq_scheme.pdb_strand_id 
_pdbx_poly_seq_scheme.pdb_ins_code 
_pdbx_poly_seq_scheme.hetero 
A 1 1   GLU 1   94  94  GLU GLU A . n 
A 1 2   GLU 2   95  95  GLU GLU A . n 
A 1 3   VAL 3   96  96  VAL VAL A . n 
A 1 4   ARG 4   97  97  ARG ARG A . n 
A 1 5   GLN 5   98  98  GLN GLN A . n 
A 1 6   PHE 6   99  99  PHE PHE A . n 
A 1 7   ARG 7   100 100 ARG ARG A . n 
A 1 8   ARG 8   101 101 ARG ARG A . n 
A 1 9   LEU 9   102 102 LEU LEU A . n 
A 1 10  PHE 10  103 103 PHE PHE A . n 
A 1 11  ALA 11  104 104 ALA ALA A . n 
A 1 12  GLN 12  105 105 GLN GLN A . n 
A 1 13  LEU 13  106 106 LEU LEU A . n 
A 1 14  ALA 14  107 107 ALA ALA A . n 
A 1 15  GLY 15  108 108 GLY GLY A . n 
A 1 16  ASP 16  109 109 ASP ASP A . n 
A 1 17  ASP 17  110 110 ASP ASP A . n 
A 1 18  MET 18  111 111 MET MET A . n 
A 1 19  GLU 19  112 112 GLU GLU A . n 
A 1 20  VAL 20  113 113 VAL VAL A . n 
A 1 21  SER 21  114 114 SER SER A . n 
A 1 22  ALA 22  115 115 ALA ALA A . n 
A 1 23  THR 23  116 116 THR THR A . n 
A 1 24  GLU 24  117 117 GLU GLU A . n 
A 1 25  LEU 25  118 118 LEU LEU A . n 
A 1 26  MET 26  119 119 MET MET A . n 
A 1 27  ASN 27  120 120 ASN ASN A . n 
A 1 28  ILE 28  121 121 ILE ILE A . n 
A 1 29  LEU 29  122 122 LEU LEU A . n 
A 1 30  ASN 30  123 123 ASN ASN A . n 
A 1 31  LYS 31  124 124 LYS LYS A . n 
A 1 32  VAL 32  125 125 VAL VAL A . n 
A 1 33  VAL 33  126 126 VAL VAL A . n 
A 1 34  THR 34  127 127 THR THR A . n 
A 1 35  ARG 35  128 128 ARG ARG A . n 
A 1 36  HIS 36  129 129 HIS HIS A . n 
A 1 37  PRO 37  130 130 PRO PRO A . n 
A 1 38  ASP 38  131 131 ASP ASP A . n 
A 1 39  LEU 39  132 132 LEU LEU A . n 
A 1 40  LYS 40  133 133 LYS LYS A . n 
A 1 41  THR 41  134 134 THR THR A . n 
A 1 42  ASP 42  135 135 ASP ASP A . n 
A 1 43  GLY 43  136 136 GLY GLY A . n 
A 1 44  PHE 44  137 137 PHE PHE A . n 
A 1 45  GLY 45  138 138 GLY GLY A . n 
A 1 46  ILE 46  139 139 ILE ILE A . n 
A 1 47  ASP 47  140 140 ASP ASP A . n 
A 1 48  THR 48  141 141 THR THR A . n 
A 1 49  CYS 49  142 142 CYS CYS A . n 
A 1 50  ARG 50  143 143 ARG ARG A . n 
A 1 51  SER 51  144 144 SER SER A . n 
A 1 52  MET 52  145 145 MET MET A . n 
A 1 53  VAL 53  146 146 VAL VAL A . n 
A 1 54  ALA 54  147 147 ALA ALA A . n 
A 1 55  VAL 55  148 148 VAL VAL A . n 
A 1 56  MET 56  149 149 MET MET A . n 
A 1 57  ASP 57  150 150 ASP ASP A . n 
A 1 58  SER 58  151 151 SER SER A . n 
A 1 59  ASP 59  152 152 ASP ASP A . n 
A 1 60  THR 60  153 153 THR THR A . n 
A 1 61  THR 61  154 154 THR THR A . n 
A 1 62  GLY 62  155 155 GLY GLY A . n 
A 1 63  LYS 63  156 156 LYS LYS A . n 
A 1 64  LEU 64  157 157 LEU LEU A . n 
A 1 65  GLY 65  158 158 GLY GLY A . n 
A 1 66  PHE 66  159 159 PHE PHE A . n 
A 1 67  GLU 67  160 160 GLU GLU A . n 
A 1 68  GLU 68  161 161 GLU GLU A . n 
A 1 69  PHE 69  162 162 PHE PHE A . n 
A 1 70  LYS 70  163 163 LYS LYS A . n 
A 1 71  TYR 71  164 164 TYR TYR A . n 
A 1 72  LEU 72  165 165 LEU LEU A . n 
A 1 73  TRP 73  166 166 TRP TRP A . n 
A 1 74  ASN 74  167 167 ASN ASN A . n 
A 1 75  ASN 75  168 168 ASN ASN A . n 
A 1 76  ILE 76  169 169 ILE ILE A . n 
A 1 77  LYS 77  170 170 LYS LYS A . n 
A 1 78  LYS 78  171 171 LYS LYS A . n 
A 1 79  TRP 79  172 172 TRP TRP A . n 
A 1 80  GLN 80  173 173 GLN GLN A . n 
A 1 81  ALA 81  174 174 ALA ALA A . n 
A 1 82  ILE 82  175 175 ILE ILE A . n 
A 1 83  TYR 83  176 176 TYR TYR A . n 
A 1 84  LYS 84  177 177 LYS LYS A . n 
A 1 85  GLN 85  178 178 GLN GLN A . n 
A 1 86  PHE 86  179 179 PHE PHE A . n 
A 1 87  ASP 87  180 180 ASP ASP A . n 
A 1 88  VAL 88  181 181 VAL VAL A . n 
A 1 89  ASP 89  182 182 ASP ASP A . n 
A 1 90  ARG 90  183 183 ARG ARG A . n 
A 1 91  SER 91  184 184 SER SER A . n 
A 1 92  GLY 92  185 185 GLY GLY A . n 
A 1 93  THR 93  186 186 THR THR A . n 
A 1 94  ILE 94  187 187 ILE ILE A . n 
A 1 95  GLY 95  188 188 GLY GLY A . n 
A 1 96  SER 96  189 189 SER SER A . n 
A 1 97  SER 97  190 190 SER SER A . n 
A 1 98  GLU 98  191 191 GLU GLU A . n 
A 1 99  LEU 99  192 192 LEU LEU A . n 
A 1 100 PRO 100 193 193 PRO PRO A . n 
A 1 101 GLY 101 194 194 GLY GLY A . n 
A 1 102 ALA 102 195 195 ALA ALA A . n 
A 1 103 PHE 103 196 196 PHE PHE A . n 
A 1 104 GLU 104 197 197 GLU GLU A . n 
A 1 105 ALA 105 198 198 ALA ALA A . n 
A 1 106 ALA 106 199 199 ALA ALA A . n 
A 1 107 GLY 107 200 200 GLY GLY A . n 
A 1 108 PHE 108 201 201 PHE PHE A . n 
A 1 109 HIS 109 202 202 HIS HIS A . n 
A 1 110 LEU 110 203 203 LEU LEU A . n 
A 1 111 ASN 111 204 204 ASN ASN A . n 
A 1 112 GLU 112 205 205 GLU GLU A . n 
A 1 113 HIS 113 206 206 HIS HIS A . n 
A 1 114 LEU 114 207 207 LEU LEU A . n 
A 1 115 TYR 115 208 208 TYR TYR A . n 
A 1 116 SER 116 209 209 SER SER A . n 
A 1 117 MET 117 210 210 MET MET A . n 
A 1 118 ILE 118 211 211 ILE ILE A . n 
A 1 119 ILE 119 212 212 ILE ILE A . n 
A 1 120 ARG 120 213 213 ARG ARG A . n 
A 1 121 ARG 121 214 214 ARG ARG A . n 
A 1 122 TYR 122 215 215 TYR TYR A . n 
A 1 123 SER 123 216 216 SER SER A . n 
A 1 124 ASP 124 217 217 ASP ASP A . n 
A 1 125 GLU 125 218 218 GLU GLU A . n 
A 1 126 GLY 126 219 219 GLY GLY A . n 
A 1 127 GLY 127 220 220 GLY GLY A . n 
A 1 128 ASN 128 221 221 ASN ASN A . n 
A 1 129 MET 129 222 222 MET MET A . n 
A 1 130 ASP 130 223 223 ASP ASP A . n 
A 1 131 PHE 131 224 224 PHE PHE A . n 
A 1 132 ASP 132 225 225 ASP ASP A . n 
A 1 133 ASN 133 226 226 ASN ASN A . n 
A 1 134 PHE 134 227 227 PHE PHE A . n 
A 1 135 ILE 135 228 228 ILE ILE A . n 
A 1 136 SER 136 229 229 SER SER A . n 
A 1 137 CYS 137 230 230 CYS CYS A . n 
A 1 138 LEU 138 231 231 LEU LEU A . n 
A 1 139 VAL 139 232 232 VAL VAL A . n 
A 1 140 ARG 140 233 233 ARG ARG A . n 
A 1 141 LEU 141 234 234 LEU LEU A . n 
A 1 142 ASP 142 235 235 ASP ASP A . n 
A 1 143 ALA 143 236 236 ALA ALA A . n 
A 1 144 MET 144 237 237 MET MET A . n 
A 1 145 PHE 145 238 238 PHE PHE A . n 
A 1 146 ARG 146 239 239 ARG ARG A . n 
A 1 147 ALA 147 240 240 ALA ALA A . n 
A 1 148 PHE 148 241 241 PHE PHE A . n 
A 1 149 LYS 149 242 242 LYS LYS A . n 
A 1 150 SER 150 243 243 SER SER A . n 
A 1 151 LEU 151 244 244 LEU LEU A . n 
A 1 152 ASP 152 245 245 ASP ASP A . n 
A 1 153 LYS 153 246 246 LYS LYS A . n 
A 1 154 ASP 154 247 247 ASP ASP A . n 
A 1 155 GLY 155 248 248 GLY GLY A . n 
A 1 156 THR 156 249 249 THR THR A . n 
A 1 157 GLY 157 250 250 GLY GLY A . n 
A 1 158 GLN 158 251 251 GLN GLN A . n 
A 1 159 ILE 159 252 252 ILE ILE A . n 
A 1 160 GLN 160 253 253 GLN GLN A . n 
A 1 161 VAL 161 254 254 VAL VAL A . n 
A 1 162 ASN 162 255 255 ASN ASN A . n 
A 1 163 ILE 163 256 256 ILE ILE A . n 
A 1 164 GLN 164 257 257 GLN GLN A . n 
A 1 165 GLU 165 258 258 GLU GLU A . n 
A 1 166 TRP 166 259 259 TRP TRP A . n 
A 1 167 LEU 167 260 260 LEU LEU A . n 
A 1 168 GLN 168 261 261 GLN GLN A . n 
A 1 169 LEU 169 262 262 LEU LEU A . n 
A 1 170 THR 170 263 263 THR THR A . n 
A 1 171 MET 171 264 264 MET MET A . n 
A 1 172 TYR 172 265 265 TYR TYR A . n 
A 1 173 SER 173 266 266 SER SER A . n 
# 
loop_
_pdbx_nonpoly_scheme.asym_id 
_pdbx_nonpoly_scheme.entity_id 
_pdbx_nonpoly_scheme.mon_id 
_pdbx_nonpoly_scheme.ndb_seq_num 
_pdbx_nonpoly_scheme.pdb_seq_num 
_pdbx_nonpoly_scheme.auth_seq_num 
_pdbx_nonpoly_scheme.pdb_mon_id 
_pdbx_nonpoly_scheme.auth_mon_id 
_pdbx_nonpoly_scheme.pdb_strand_id 
_pdbx_nonpoly_scheme.pdb_ins_code 
B 2 CA  1  1   1  CA  CA2 A . 
C 2 CA  1  2   2  CA  CA2 A . 
D 2 CA  1  3   3  CA  CA2 A . 
E 2 CA  1  4   4  CA  CA2 A . 
F 3 ISA 1  267 12 ISA ISA A . 
G 4 HOH 1  268 1  HOH TIP A . 
G 4 HOH 2  269 2  HOH TIP A . 
G 4 HOH 3  270 3  HOH TIP A . 
G 4 HOH 4  271 4  HOH TIP A . 
G 4 HOH 5  272 5  HOH TIP A . 
G 4 HOH 6  273 6  HOH TIP A . 
G 4 HOH 7  274 7  HOH TIP A . 
G 4 HOH 8  275 8  HOH TIP A . 
G 4 HOH 9  276 9  HOH TIP A . 
G 4 HOH 10 277 10 HOH TIP A . 
G 4 HOH 11 278 11 HOH TIP A . 
G 4 HOH 12 279 12 HOH TIP A . 
G 4 HOH 13 280 13 HOH TIP A . 
G 4 HOH 14 281 14 HOH TIP A . 
G 4 HOH 15 282 15 HOH TIP A . 
G 4 HOH 16 283 16 HOH TIP A . 
G 4 HOH 17 284 17 HOH TIP A . 
G 4 HOH 18 285 18 HOH TIP A . 
G 4 HOH 19 286 19 HOH TIP A . 
G 4 HOH 20 287 20 HOH TIP A . 
G 4 HOH 21 288 21 HOH TIP A . 
G 4 HOH 22 289 22 HOH TIP A . 
G 4 HOH 23 290 23 HOH TIP A . 
G 4 HOH 24 291 24 HOH TIP A . 
G 4 HOH 25 292 25 HOH TIP A . 
G 4 HOH 26 293 26 HOH TIP A . 
G 4 HOH 27 294 27 HOH TIP A . 
G 4 HOH 28 295 28 HOH TIP A . 
G 4 HOH 29 296 29 HOH TIP A . 
G 4 HOH 30 297 30 HOH TIP A . 
G 4 HOH 31 298 31 HOH TIP A . 
G 4 HOH 32 299 32 HOH TIP A . 
G 4 HOH 33 300 33 HOH TIP A . 
G 4 HOH 34 301 34 HOH TIP A . 
G 4 HOH 35 302 35 HOH TIP A . 
G 4 HOH 36 303 36 HOH TIP A . 
G 4 HOH 37 304 37 HOH TIP A . 
G 4 HOH 38 305 38 HOH TIP A . 
G 4 HOH 39 306 39 HOH TIP A . 
G 4 HOH 40 307 40 HOH TIP A . 
G 4 HOH 41 308 41 HOH TIP A . 
G 4 HOH 42 309 42 HOH TIP A . 
G 4 HOH 43 310 43 HOH TIP A . 
G 4 HOH 44 311 44 HOH TIP A . 
G 4 HOH 45 312 45 HOH TIP A . 
G 4 HOH 46 313 46 HOH TIP A . 
G 4 HOH 47 314 47 HOH TIP A . 
G 4 HOH 48 315 48 HOH TIP A . 
G 4 HOH 49 316 49 HOH TIP A . 
G 4 HOH 50 317 50 HOH TIP A . 
G 4 HOH 51 318 51 HOH TIP A . 
G 4 HOH 52 319 52 HOH TIP A . 
G 4 HOH 53 320 53 HOH TIP A . 
G 4 HOH 54 321 54 HOH TIP A . 
G 4 HOH 55 322 55 HOH TIP A . 
G 4 HOH 56 323 56 HOH TIP A . 
# 
loop_
_software.name 
_software.classification 
_software.version 
_software.citation_id 
_software.pdbx_ordinal 
DENZO     'data reduction' . ? 1 
SCALEPACK 'data scaling'   . ? 2 
AMoRE     phasing          . ? 3 
CNS       refinement       . ? 4 
# 
_cell.entry_id           1NX3 
_cell.length_a           78.578 
_cell.length_b           78.578 
_cell.length_c           77.891 
_cell.angle_alpha        90.00 
_cell.angle_beta         90.00 
_cell.angle_gamma        120.00 
_cell.Z_PDB              6 
_cell.pdbx_unique_axis   ? 
_cell.length_a_esd       ? 
_cell.length_b_esd       ? 
_cell.length_c_esd       ? 
_cell.angle_alpha_esd    ? 
_cell.angle_beta_esd     ? 
_cell.angle_gamma_esd    ? 
# 
_symmetry.entry_id                         1NX3 
_symmetry.space_group_name_H-M             'P 31 2 1' 
_symmetry.pdbx_full_space_group_name_H-M   ? 
_symmetry.cell_setting                     ? 
_symmetry.Int_Tables_number                152 
_symmetry.space_group_name_Hall            ? 
# 
_exptl.entry_id          1NX3 
_exptl.method            'X-RAY DIFFRACTION' 
_exptl.crystals_number   1 
# 
_exptl_crystal.id                    1 
_exptl_crystal.density_meas          ? 
_exptl_crystal.density_Matthews      4.22 
_exptl_crystal.density_percent_sol   64.76 
_exptl_crystal.description           ? 
_exptl_crystal.F_000                 ? 
_exptl_crystal.preparation           ? 
# 
_exptl_crystal_grow.crystal_id      1 
_exptl_crystal_grow.method          'VAPOR DIFFUSION, HANGING DROP' 
_exptl_crystal_grow.temp            ? 
_exptl_crystal_grow.temp_details    ? 
_exptl_crystal_grow.pH              ? 
_exptl_crystal_grow.pdbx_details    'PEG 6000, BME, EDTA, CaCl2, VAPOR DIFFUSION, HANGING DROP' 
_exptl_crystal_grow.pdbx_pH_range   . 
# 
_diffrn.id                     1 
_diffrn.ambient_temp           103 
_diffrn.ambient_temp_details   ? 
_diffrn.crystal_id             1 
# 
_diffrn_detector.diffrn_id              1 
_diffrn_detector.detector               'IMAGE PLATE' 
_diffrn_detector.type                   'RIGAKU RAXIS IV' 
_diffrn_detector.pdbx_collection_date   ? 
_diffrn_detector.details                ? 
# 
_diffrn_radiation.diffrn_id                        1 
_diffrn_radiation.wavelength_id                    1 
_diffrn_radiation.pdbx_monochromatic_or_laue_m_l   M 
_diffrn_radiation.monochromator                    ? 
_diffrn_radiation.pdbx_diffrn_protocol             'SINGLE WAVELENGTH' 
_diffrn_radiation.pdbx_scattering_type             x-ray 
# 
_diffrn_radiation_wavelength.id           1 
_diffrn_radiation_wavelength.wavelength   1.5418 
_diffrn_radiation_wavelength.wt           1.0 
# 
_diffrn_source.diffrn_id                   1 
_diffrn_source.source                      'ROTATING ANODE' 
_diffrn_source.type                        'RIGAKU RUH3R' 
_diffrn_source.pdbx_synchrotron_site       ? 
_diffrn_source.pdbx_synchrotron_beamline   ? 
_diffrn_source.pdbx_wavelength             ? 
_diffrn_source.pdbx_wavelength_list        1.5418 
# 
_reflns.entry_id                     1NX3 
_reflns.number_all                   10626 
_reflns.number_obs                   10626 
_reflns.percent_possible_obs         99.9 
_reflns.observed_criterion_sigma_F   2.45 
_reflns.observed_criterion_sigma_I   0 
_reflns.d_resolution_high            ? 
_reflns.d_resolution_low             100 
_reflns.pdbx_Rmerge_I_obs            0.081 
_reflns.pdbx_Rsym_value              ? 
_reflns.pdbx_netI_over_sigmaI        15.8 
_reflns.B_iso_Wilson_estimate        ? 
_reflns.pdbx_redundancy              ? 
_reflns.R_free_details               ? 
_reflns.limit_h_max                  ? 
_reflns.limit_h_min                  ? 
_reflns.limit_k_max                  ? 
_reflns.limit_k_min                  ? 
_reflns.limit_l_max                  ? 
_reflns.limit_l_min                  ? 
_reflns.observed_criterion_F_max     ? 
_reflns.observed_criterion_F_min     ? 
_reflns.pdbx_ordinal                 1 
_reflns.pdbx_diffrn_id               1 
_reflns.pdbx_chi_squared             ? 
_reflns.pdbx_scaling_rejects         ? 
# 
_refine.entry_id                                 1NX3 
_refine.ls_d_res_high                            2.45 
_refine.ls_d_res_low                             100 
_refine.pdbx_ls_sigma_F                          3 
_refine.pdbx_ls_sigma_I                          ? 
_refine.ls_number_reflns_all                     10626 
_refine.ls_number_reflns_obs                     10626 
_refine.ls_number_reflns_R_free                  1063 
_refine.ls_percent_reflns_obs                    ? 
_refine.ls_R_factor_all                          ? 
_refine.ls_R_factor_obs                          0.21 
_refine.ls_R_factor_R_work                       0.21 
_refine.ls_R_factor_R_free                       0.253 
_refine.ls_redundancy_reflns_obs                 ? 
_refine.pdbx_data_cutoff_high_absF               ? 
_refine.pdbx_data_cutoff_low_absF                ? 
_refine.ls_number_parameters                     ? 
_refine.ls_number_restraints                     ? 
_refine.ls_percent_reflns_R_free                 10 
_refine.ls_R_factor_R_free_error                 ? 
_refine.ls_R_factor_R_free_error_details         ? 
_refine.pdbx_method_to_determine_struct          'MOLECULAR REPLACEMENT' 
_refine.pdbx_starting_model                      ? 
_refine.pdbx_ls_cross_valid_method               ? 
_refine.pdbx_R_Free_selection_details            random 
_refine.pdbx_stereochem_target_val_spec_case     ? 
_refine.pdbx_stereochemistry_target_values       'Engh & Huber' 
_refine.solvent_model_details                    ? 
_refine.solvent_model_param_bsol                 ? 
_refine.solvent_model_param_ksol                 ? 
_refine.occupancy_max                            ? 
_refine.occupancy_min                            ? 
_refine.pdbx_isotropic_thermal_model             ? 
_refine.B_iso_mean                               ? 
_refine.aniso_B[1][1]                            ? 
_refine.aniso_B[1][2]                            ? 
_refine.aniso_B[1][3]                            ? 
_refine.aniso_B[2][2]                            ? 
_refine.aniso_B[2][3]                            ? 
_refine.aniso_B[3][3]                            ? 
_refine.details                                  ? 
_refine.B_iso_min                                ? 
_refine.B_iso_max                                ? 
_refine.correlation_coeff_Fo_to_Fc               ? 
_refine.correlation_coeff_Fo_to_Fc_free          ? 
_refine.pdbx_solvent_vdw_probe_radii             ? 
_refine.pdbx_solvent_ion_probe_radii             ? 
_refine.pdbx_solvent_shrinkage_radii             ? 
_refine.overall_SU_R_Cruickshank_DPI             ? 
_refine.overall_SU_R_free                        ? 
_refine.overall_SU_B                             ? 
_refine.overall_SU_ML                            ? 
_refine.pdbx_overall_ESU_R                       ? 
_refine.pdbx_overall_ESU_R_Free                  ? 
_refine.pdbx_data_cutoff_high_rms_absF           ? 
_refine.pdbx_refine_id                           'X-RAY DIFFRACTION' 
_refine.pdbx_diffrn_id                           1 
_refine.pdbx_overall_phase_error                 ? 
_refine.ls_wR_factor_R_free                      ? 
_refine.ls_wR_factor_R_work                      ? 
_refine.overall_FOM_free_R_set                   ? 
_refine.overall_FOM_work_R_set                   ? 
_refine.pdbx_TLS_residual_ADP_flag               ? 
_refine.pdbx_overall_SU_R_free_Cruickshank_DPI   ? 
_refine.pdbx_overall_SU_R_Blow_DPI               ? 
_refine.pdbx_overall_SU_R_free_Blow_DPI          ? 
# 
_refine_hist.pdbx_refine_id                   'X-RAY DIFFRACTION' 
_refine_hist.cycle_id                         LAST 
_refine_hist.pdbx_number_atoms_protein        1395 
_refine_hist.pdbx_number_atoms_nucleic_acid   0 
_refine_hist.pdbx_number_atoms_ligand         17 
_refine_hist.number_atoms_solvent             56 
_refine_hist.number_atoms_total               1468 
_refine_hist.d_res_high                       2.45 
_refine_hist.d_res_low                        100 
# 
_struct.entry_id                  1NX3 
_struct.title                     'Calpain Domain VI in Complex with the Inhibitor PD150606' 
_struct.pdbx_model_details        ? 
_struct.pdbx_CASP_flag            ? 
_struct.pdbx_model_type_details   ? 
# 
_struct_keywords.entry_id        1NX3 
_struct_keywords.pdbx_keywords   HYDROLASE 
_struct_keywords.text            'HYDROLASE, CALCIUM BINDING' 
# 
loop_
_struct_asym.id 
_struct_asym.pdbx_blank_PDB_chainid_flag 
_struct_asym.pdbx_modified 
_struct_asym.entity_id 
_struct_asym.details 
A N N 1 ? 
B N N 2 ? 
C N N 2 ? 
D N N 2 ? 
E N N 2 ? 
F N N 3 ? 
G N N 4 ? 
# 
_struct_ref.id                         1 
_struct_ref.db_name                    UNP 
_struct_ref.db_code                    CPNS1_PIG 
_struct_ref.pdbx_db_accession          P04574 
_struct_ref.entity_id                  1 
_struct_ref.pdbx_seq_one_letter_code   
;EEVRQFRRLFAQLAGDDMEVSATELMNILNKVVTRHPDLKTDGFGIDTCRSMVAVMDSDTTGKLGFEEFKYLWNNIKKWQ
AIYKQFDVDRSGTIGSSELPGAFEAAGFHLNEHLYSMIIRRYSDEGGNMDFDNFISCLVRLDAMFRAFKSLDKDGTGQIQ
VNIQEWLQLTMYS
;
_struct_ref.pdbx_align_begin           94 
_struct_ref.pdbx_db_isoform            ? 
# 
_struct_ref_seq.align_id                      1 
_struct_ref_seq.ref_id                        1 
_struct_ref_seq.pdbx_PDB_id_code              1NX3 
_struct_ref_seq.pdbx_strand_id                A 
_struct_ref_seq.seq_align_beg                 1 
_struct_ref_seq.pdbx_seq_align_beg_ins_code   ? 
_struct_ref_seq.seq_align_end                 173 
_struct_ref_seq.pdbx_seq_align_end_ins_code   ? 
_struct_ref_seq.pdbx_db_accession             P04574 
_struct_ref_seq.db_align_beg                  94 
_struct_ref_seq.pdbx_db_align_beg_ins_code    ? 
_struct_ref_seq.db_align_end                  266 
_struct_ref_seq.pdbx_db_align_end_ins_code    ? 
_struct_ref_seq.pdbx_auth_seq_align_beg       94 
_struct_ref_seq.pdbx_auth_seq_align_end       266 
# 
_pdbx_struct_assembly.id                   1 
_pdbx_struct_assembly.details              author_and_software_defined_assembly 
_pdbx_struct_assembly.method_details       PISA,PQS 
_pdbx_struct_assembly.oligomeric_details   dimeric 
_pdbx_struct_assembly.oligomeric_count     2 
# 
loop_
_pdbx_struct_assembly_prop.biol_id 
_pdbx_struct_assembly_prop.type 
_pdbx_struct_assembly_prop.value 
_pdbx_struct_assembly_prop.details 
1 'ABSA (A^2)' 5820  ? 
1 MORE         -101  ? 
1 'SSA (A^2)'  16230 ? 
# 
_pdbx_struct_assembly_gen.assembly_id       1 
_pdbx_struct_assembly_gen.oper_expression   1,2 
_pdbx_struct_assembly_gen.asym_id_list      A,B,C,D,E,F,G 
# 
loop_
_pdbx_struct_oper_list.id 
_pdbx_struct_oper_list.type 
_pdbx_struct_oper_list.name 
_pdbx_struct_oper_list.symmetry_operation 
_pdbx_struct_oper_list.matrix[1][1] 
_pdbx_struct_oper_list.matrix[1][2] 
_pdbx_struct_oper_list.matrix[1][3] 
_pdbx_struct_oper_list.vector[1] 
_pdbx_struct_oper_list.matrix[2][1] 
_pdbx_struct_oper_list.matrix[2][2] 
_pdbx_struct_oper_list.matrix[2][3] 
_pdbx_struct_oper_list.vector[2] 
_pdbx_struct_oper_list.matrix[3][1] 
_pdbx_struct_oper_list.matrix[3][2] 
_pdbx_struct_oper_list.matrix[3][3] 
_pdbx_struct_oper_list.vector[3] 
1 'identity operation'         1_555 x,y,z          1.0000000000 0.0000000000 0.0000000000 0.0000000000  0.0000000000 1.0000000000  0.0000000000 0.0000000000  0.0000000000 0.0000000000 1.0000000000  0.0000000000   
2 'crystal symmetry operation' 6_555 -x,-x+y,-z+1/3 0.4578380254 0.8516235369 0.2551895256 -3.7651606017 0.8516235369 -0.5025080730 0.1490737671 12.1252833739 0.2551895256 0.1490737671 -0.9553299524 -18.9552545516 
# 
_struct_biol.id                    1 
_struct_biol.pdbx_parent_biol_id   ? 
_struct_biol.details               ? 
# 
loop_
_struct_conf.conf_type_id 
_struct_conf.id 
_struct_conf.pdbx_PDB_helix_id 
_struct_conf.beg_label_comp_id 
_struct_conf.beg_label_asym_id 
_struct_conf.beg_label_seq_id 
_struct_conf.pdbx_beg_PDB_ins_code 
_struct_conf.end_label_comp_id 
_struct_conf.end_label_asym_id 
_struct_conf.end_label_seq_id 
_struct_conf.pdbx_end_PDB_ins_code 
_struct_conf.beg_auth_comp_id 
_struct_conf.beg_auth_asym_id 
_struct_conf.beg_auth_seq_id 
_struct_conf.end_auth_comp_id 
_struct_conf.end_auth_asym_id 
_struct_conf.end_auth_seq_id 
_struct_conf.pdbx_PDB_helix_class 
_struct_conf.details 
_struct_conf.pdbx_PDB_helix_length 
HELX_P HELX_P1 1 GLU A 1   ? GLY A 15  ? GLU A 94  GLY A 108 1 ? 15 
HELX_P HELX_P2 2 ASP A 16  ? MET A 18  ? ASP A 109 MET A 111 5 ? 3  
HELX_P HELX_P3 3 SER A 21  ? THR A 34  ? SER A 114 THR A 127 1 ? 14 
HELX_P HELX_P4 4 GLY A 45  ? ASP A 57  ? GLY A 138 ASP A 150 1 ? 13 
HELX_P HELX_P5 5 GLY A 65  ? ASP A 87  ? GLY A 158 ASP A 180 1 ? 23 
HELX_P HELX_P6 6 GLU A 98  ? GLY A 107 ? GLU A 191 GLY A 200 1 ? 10 
HELX_P HELX_P7 7 ASN A 111 ? SER A 123 ? ASN A 204 SER A 216 1 ? 13 
HELX_P HELX_P8 8 ASP A 130 ? LEU A 151 ? ASP A 223 LEU A 244 1 ? 22 
HELX_P HELX_P9 9 ASN A 162 ? TYR A 172 ? ASN A 255 TYR A 265 1 ? 11 
# 
_struct_conf_type.id          HELX_P 
_struct_conf_type.criteria    ? 
_struct_conf_type.reference   ? 
# 
loop_
_struct_conn.id 
_struct_conn.conn_type_id 
_struct_conn.pdbx_leaving_atom_flag 
_struct_conn.pdbx_PDB_id 
_struct_conn.ptnr1_label_asym_id 
_struct_conn.ptnr1_label_comp_id 
_struct_conn.ptnr1_label_seq_id 
_struct_conn.ptnr1_label_atom_id 
_struct_conn.pdbx_ptnr1_label_alt_id 
_struct_conn.pdbx_ptnr1_PDB_ins_code 
_struct_conn.pdbx_ptnr1_standard_comp_id 
_struct_conn.ptnr1_symmetry 
_struct_conn.ptnr2_label_asym_id 
_struct_conn.ptnr2_label_comp_id 
_struct_conn.ptnr2_label_seq_id 
_struct_conn.ptnr2_label_atom_id 
_struct_conn.pdbx_ptnr2_label_alt_id 
_struct_conn.pdbx_ptnr2_PDB_ins_code 
_struct_conn.ptnr1_auth_asym_id 
_struct_conn.ptnr1_auth_comp_id 
_struct_conn.ptnr1_auth_seq_id 
_struct_conn.ptnr2_auth_asym_id 
_struct_conn.ptnr2_auth_comp_id 
_struct_conn.ptnr2_auth_seq_id 
_struct_conn.ptnr2_symmetry 
_struct_conn.pdbx_ptnr3_label_atom_id 
_struct_conn.pdbx_ptnr3_label_seq_id 
_struct_conn.pdbx_ptnr3_label_comp_id 
_struct_conn.pdbx_ptnr3_label_asym_id 
_struct_conn.pdbx_ptnr3_label_alt_id 
_struct_conn.pdbx_ptnr3_PDB_ins_code 
_struct_conn.details 
_struct_conn.pdbx_dist_value 
_struct_conn.pdbx_value_order 
_struct_conn.pdbx_role 
metalc1  metalc ? ? B CA . CA ? ? ? 1_555 A ASP 57  OD1 ? ? A CA 1 A ASP 150 1_555 ? ? ? ? ? ? ? 2.286 ? ? 
metalc2  metalc ? ? B CA . CA ? ? ? 1_555 A ASP 59  OD1 ? ? A CA 1 A ASP 152 1_555 ? ? ? ? ? ? ? 2.224 ? ? 
metalc3  metalc ? ? B CA . CA ? ? ? 1_555 A THR 61  OG1 ? ? A CA 1 A THR 154 1_555 ? ? ? ? ? ? ? 2.443 ? ? 
metalc4  metalc ? ? B CA . CA ? ? ? 1_555 A LYS 63  O   ? ? A CA 1 A LYS 156 1_555 ? ? ? ? ? ? ? 2.323 ? ? 
metalc5  metalc ? ? B CA . CA ? ? ? 1_555 A GLU 68  OE2 ? ? A CA 1 A GLU 161 1_555 ? ? ? ? ? ? ? 2.603 ? ? 
metalc6  metalc ? ? B CA . CA ? ? ? 1_555 A GLU 68  OE1 ? ? A CA 1 A GLU 161 1_555 ? ? ? ? ? ? ? 2.559 ? ? 
metalc7  metalc ? ? B CA . CA ? ? ? 1_555 G HOH .   O   ? ? A CA 1 A HOH 277 1_555 ? ? ? ? ? ? ? 2.528 ? ? 
metalc8  metalc ? ? C CA . CA ? ? ? 1_555 A ALA 14  O   ? ? A CA 2 A ALA 107 1_555 ? ? ? ? ? ? ? 2.212 ? ? 
metalc9  metalc ? ? C CA . CA ? ? ? 1_555 A ASP 17  OD1 ? ? A CA 2 A ASP 110 1_555 ? ? ? ? ? ? ? 2.464 ? ? 
metalc10 metalc ? ? C CA . CA ? ? ? 1_555 A GLU 19  O   ? ? A CA 2 A GLU 112 1_555 ? ? ? ? ? ? ? 2.503 ? ? 
metalc11 metalc ? ? C CA . CA ? ? ? 1_555 A GLU 24  OE1 ? ? A CA 2 A GLU 117 1_555 ? ? ? ? ? ? ? 2.301 ? ? 
metalc12 metalc ? ? C CA . CA ? ? ? 1_555 A GLU 24  OE2 ? ? A CA 2 A GLU 117 1_555 ? ? ? ? ? ? ? 2.556 ? ? 
metalc13 metalc ? ? C CA . CA ? ? ? 1_555 G HOH .   O   ? ? A CA 2 A HOH 290 1_555 ? ? ? ? ? ? ? 2.447 ? ? 
metalc14 metalc ? ? D CA . CA ? ? ? 1_555 A ASP 87  OD1 ? ? A CA 3 A ASP 180 1_555 ? ? ? ? ? ? ? 2.323 ? ? 
metalc15 metalc ? ? D CA . CA ? ? ? 1_555 A ASP 89  OD1 ? ? A CA 3 A ASP 182 1_555 ? ? ? ? ? ? ? 2.148 ? ? 
metalc16 metalc ? ? D CA . CA ? ? ? 1_555 A SER 91  OG  ? ? A CA 3 A SER 184 1_555 ? ? ? ? ? ? ? 2.477 ? ? 
metalc17 metalc ? ? D CA . CA ? ? ? 1_555 A THR 93  O   ? ? A CA 3 A THR 186 1_555 ? ? ? ? ? ? ? 2.538 ? ? 
metalc18 metalc ? ? D CA . CA ? ? ? 1_555 A GLU 98  OE1 ? ? A CA 3 A GLU 191 1_555 ? ? ? ? ? ? ? 2.172 ? ? 
metalc19 metalc ? ? D CA . CA ? ? ? 1_555 A GLU 98  OE2 ? ? A CA 3 A GLU 191 1_555 ? ? ? ? ? ? ? 2.922 ? ? 
metalc20 metalc ? ? D CA . CA ? ? ? 1_555 G HOH .   O   ? ? A CA 3 A HOH 320 1_555 ? ? ? ? ? ? ? 2.575 ? ? 
metalc21 metalc ? ? E CA . CA ? ? ? 1_555 A ASP 42  OD1 ? ? A CA 4 A ASP 135 1_555 ? ? ? ? ? ? ? 2.396 ? ? 
metalc22 metalc ? ? E CA . CA ? ? ? 1_555 A ASP 130 OD1 ? ? A CA 4 A ASP 223 1_555 ? ? ? ? ? ? ? 2.749 ? ? 
metalc23 metalc ? ? E CA . CA ? ? ? 1_555 A ASP 130 OD2 ? ? A CA 4 A ASP 223 1_555 ? ? ? ? ? ? ? 2.104 ? ? 
metalc24 metalc ? ? E CA . CA ? ? ? 1_555 A ASP 132 OD1 ? ? A CA 4 A ASP 225 1_555 ? ? ? ? ? ? ? 2.536 ? ? 
metalc25 metalc ? ? E CA . CA ? ? ? 1_555 A ASP 132 OD2 ? ? A CA 4 A ASP 225 1_555 ? ? ? ? ? ? ? 2.547 ? ? 
metalc26 metalc ? ? E CA . CA ? ? ? 1_555 A ASN 133 ND2 ? ? A CA 4 A ASN 226 1_555 ? ? ? ? ? ? ? 2.399 ? ? 
metalc27 metalc ? ? E CA . CA ? ? ? 1_555 G HOH .   O   ? ? A CA 4 A HOH 316 1_555 ? ? ? ? ? ? ? 2.786 ? ? 
# 
_struct_conn_type.id          metalc 
_struct_conn_type.criteria    ? 
_struct_conn_type.reference   ? 
# 
loop_
_pdbx_struct_conn_angle.id 
_pdbx_struct_conn_angle.ptnr1_label_atom_id 
_pdbx_struct_conn_angle.ptnr1_label_alt_id 
_pdbx_struct_conn_angle.ptnr1_label_asym_id 
_pdbx_struct_conn_angle.ptnr1_label_comp_id 
_pdbx_struct_conn_angle.ptnr1_label_seq_id 
_pdbx_struct_conn_angle.ptnr1_auth_atom_id 
_pdbx_struct_conn_angle.ptnr1_auth_asym_id 
_pdbx_struct_conn_angle.ptnr1_auth_comp_id 
_pdbx_struct_conn_angle.ptnr1_auth_seq_id 
_pdbx_struct_conn_angle.ptnr1_PDB_ins_code 
_pdbx_struct_conn_angle.ptnr1_symmetry 
_pdbx_struct_conn_angle.ptnr2_label_atom_id 
_pdbx_struct_conn_angle.ptnr2_label_alt_id 
_pdbx_struct_conn_angle.ptnr2_label_asym_id 
_pdbx_struct_conn_angle.ptnr2_label_comp_id 
_pdbx_struct_conn_angle.ptnr2_label_seq_id 
_pdbx_struct_conn_angle.ptnr2_auth_atom_id 
_pdbx_struct_conn_angle.ptnr2_auth_asym_id 
_pdbx_struct_conn_angle.ptnr2_auth_comp_id 
_pdbx_struct_conn_angle.ptnr2_auth_seq_id 
_pdbx_struct_conn_angle.ptnr2_PDB_ins_code 
_pdbx_struct_conn_angle.ptnr2_symmetry 
_pdbx_struct_conn_angle.ptnr3_label_atom_id 
_pdbx_struct_conn_angle.ptnr3_label_alt_id 
_pdbx_struct_conn_angle.ptnr3_label_asym_id 
_pdbx_struct_conn_angle.ptnr3_label_comp_id 
_pdbx_struct_conn_angle.ptnr3_label_seq_id 
_pdbx_struct_conn_angle.ptnr3_auth_atom_id 
_pdbx_struct_conn_angle.ptnr3_auth_asym_id 
_pdbx_struct_conn_angle.ptnr3_auth_comp_id 
_pdbx_struct_conn_angle.ptnr3_auth_seq_id 
_pdbx_struct_conn_angle.ptnr3_PDB_ins_code 
_pdbx_struct_conn_angle.ptnr3_symmetry 
_pdbx_struct_conn_angle.value 
_pdbx_struct_conn_angle.value_esd 
1  OD1 ? A ASP 57  ? A ASP 150 ? 1_555 CA ? B CA . ? A CA 1 ? 1_555 OD1 ? A ASP 59  ? A ASP 152 ? 1_555 86.0  ? 
2  OD1 ? A ASP 57  ? A ASP 150 ? 1_555 CA ? B CA . ? A CA 1 ? 1_555 OG1 ? A THR 61  ? A THR 154 ? 1_555 86.3  ? 
3  OD1 ? A ASP 59  ? A ASP 152 ? 1_555 CA ? B CA . ? A CA 1 ? 1_555 OG1 ? A THR 61  ? A THR 154 ? 1_555 85.2  ? 
4  OD1 ? A ASP 57  ? A ASP 150 ? 1_555 CA ? B CA . ? A CA 1 ? 1_555 O   ? A LYS 63  ? A LYS 156 ? 1_555 81.8  ? 
5  OD1 ? A ASP 59  ? A ASP 152 ? 1_555 CA ? B CA . ? A CA 1 ? 1_555 O   ? A LYS 63  ? A LYS 156 ? 1_555 155.1 ? 
6  OG1 ? A THR 61  ? A THR 154 ? 1_555 CA ? B CA . ? A CA 1 ? 1_555 O   ? A LYS 63  ? A LYS 156 ? 1_555 72.4  ? 
7  OD1 ? A ASP 57  ? A ASP 150 ? 1_555 CA ? B CA . ? A CA 1 ? 1_555 OE2 ? A GLU 68  ? A GLU 161 ? 1_555 103.0 ? 
8  OD1 ? A ASP 59  ? A ASP 152 ? 1_555 CA ? B CA . ? A CA 1 ? 1_555 OE2 ? A GLU 68  ? A GLU 161 ? 1_555 75.6  ? 
9  OG1 ? A THR 61  ? A THR 154 ? 1_555 CA ? B CA . ? A CA 1 ? 1_555 OE2 ? A GLU 68  ? A GLU 161 ? 1_555 157.9 ? 
10 O   ? A LYS 63  ? A LYS 156 ? 1_555 CA ? B CA . ? A CA 1 ? 1_555 OE2 ? A GLU 68  ? A GLU 161 ? 1_555 128.3 ? 
11 OD1 ? A ASP 57  ? A ASP 150 ? 1_555 CA ? B CA . ? A CA 1 ? 1_555 OE1 ? A GLU 68  ? A GLU 161 ? 1_555 106.8 ? 
12 OD1 ? A ASP 59  ? A ASP 152 ? 1_555 CA ? B CA . ? A CA 1 ? 1_555 OE1 ? A GLU 68  ? A GLU 161 ? 1_555 125.8 ? 
13 OG1 ? A THR 61  ? A THR 154 ? 1_555 CA ? B CA . ? A CA 1 ? 1_555 OE1 ? A GLU 68  ? A GLU 161 ? 1_555 146.2 ? 
14 O   ? A LYS 63  ? A LYS 156 ? 1_555 CA ? B CA . ? A CA 1 ? 1_555 OE1 ? A GLU 68  ? A GLU 161 ? 1_555 78.7  ? 
15 OE2 ? A GLU 68  ? A GLU 161 ? 1_555 CA ? B CA . ? A CA 1 ? 1_555 OE1 ? A GLU 68  ? A GLU 161 ? 1_555 50.3  ? 
16 OD1 ? A ASP 57  ? A ASP 150 ? 1_555 CA ? B CA . ? A CA 1 ? 1_555 O   ? G HOH .   ? A HOH 277 ? 1_555 164.7 ? 
17 OD1 ? A ASP 59  ? A ASP 152 ? 1_555 CA ? B CA . ? A CA 1 ? 1_555 O   ? G HOH .   ? A HOH 277 ? 1_555 83.2  ? 
18 OG1 ? A THR 61  ? A THR 154 ? 1_555 CA ? B CA . ? A CA 1 ? 1_555 O   ? G HOH .   ? A HOH 277 ? 1_555 82.1  ? 
19 O   ? A LYS 63  ? A LYS 156 ? 1_555 CA ? B CA . ? A CA 1 ? 1_555 O   ? G HOH .   ? A HOH 277 ? 1_555 103.9 ? 
20 OE2 ? A GLU 68  ? A GLU 161 ? 1_555 CA ? B CA . ? A CA 1 ? 1_555 O   ? G HOH .   ? A HOH 277 ? 1_555 84.8  ? 
21 OE1 ? A GLU 68  ? A GLU 161 ? 1_555 CA ? B CA . ? A CA 1 ? 1_555 O   ? G HOH .   ? A HOH 277 ? 1_555 88.4  ? 
22 O   ? A ALA 14  ? A ALA 107 ? 1_555 CA ? C CA . ? A CA 2 ? 1_555 OD1 ? A ASP 17  ? A ASP 110 ? 1_555 94.2  ? 
23 O   ? A ALA 14  ? A ALA 107 ? 1_555 CA ? C CA . ? A CA 2 ? 1_555 O   ? A GLU 19  ? A GLU 112 ? 1_555 85.8  ? 
24 OD1 ? A ASP 17  ? A ASP 110 ? 1_555 CA ? C CA . ? A CA 2 ? 1_555 O   ? A GLU 19  ? A GLU 112 ? 1_555 75.7  ? 
25 O   ? A ALA 14  ? A ALA 107 ? 1_555 CA ? C CA . ? A CA 2 ? 1_555 OE1 ? A GLU 24  ? A GLU 117 ? 1_555 89.4  ? 
26 OD1 ? A ASP 17  ? A ASP 110 ? 1_555 CA ? C CA . ? A CA 2 ? 1_555 OE1 ? A GLU 24  ? A GLU 117 ? 1_555 159.8 ? 
27 O   ? A GLU 19  ? A GLU 112 ? 1_555 CA ? C CA . ? A CA 2 ? 1_555 OE1 ? A GLU 24  ? A GLU 117 ? 1_555 124.4 ? 
28 O   ? A ALA 14  ? A ALA 107 ? 1_555 CA ? C CA . ? A CA 2 ? 1_555 OE2 ? A GLU 24  ? A GLU 117 ? 1_555 99.1  ? 
29 OD1 ? A ASP 17  ? A ASP 110 ? 1_555 CA ? C CA . ? A CA 2 ? 1_555 OE2 ? A GLU 24  ? A GLU 117 ? 1_555 144.6 ? 
30 O   ? A GLU 19  ? A GLU 112 ? 1_555 CA ? C CA . ? A CA 2 ? 1_555 OE2 ? A GLU 24  ? A GLU 117 ? 1_555 72.7  ? 
31 OE1 ? A GLU 24  ? A GLU 117 ? 1_555 CA ? C CA . ? A CA 2 ? 1_555 OE2 ? A GLU 24  ? A GLU 117 ? 1_555 53.5  ? 
32 O   ? A ALA 14  ? A ALA 107 ? 1_555 CA ? C CA . ? A CA 2 ? 1_555 O   ? G HOH .   ? A HOH 290 ? 1_555 170.9 ? 
33 OD1 ? A ASP 17  ? A ASP 110 ? 1_555 CA ? C CA . ? A CA 2 ? 1_555 O   ? G HOH .   ? A HOH 290 ? 1_555 84.3  ? 
34 O   ? A GLU 19  ? A GLU 112 ? 1_555 CA ? C CA . ? A CA 2 ? 1_555 O   ? G HOH .   ? A HOH 290 ? 1_555 102.5 ? 
35 OE1 ? A GLU 24  ? A GLU 117 ? 1_555 CA ? C CA . ? A CA 2 ? 1_555 O   ? G HOH .   ? A HOH 290 ? 1_555 89.0  ? 
36 OE2 ? A GLU 24  ? A GLU 117 ? 1_555 CA ? C CA . ? A CA 2 ? 1_555 O   ? G HOH .   ? A HOH 290 ? 1_555 87.1  ? 
37 OD1 ? A ASP 87  ? A ASP 180 ? 1_555 CA ? D CA . ? A CA 3 ? 1_555 OD1 ? A ASP 89  ? A ASP 182 ? 1_555 71.5  ? 
38 OD1 ? A ASP 87  ? A ASP 180 ? 1_555 CA ? D CA . ? A CA 3 ? 1_555 OG  ? A SER 91  ? A SER 184 ? 1_555 77.1  ? 
39 OD1 ? A ASP 89  ? A ASP 182 ? 1_555 CA ? D CA . ? A CA 3 ? 1_555 OG  ? A SER 91  ? A SER 184 ? 1_555 88.6  ? 
40 OD1 ? A ASP 87  ? A ASP 180 ? 1_555 CA ? D CA . ? A CA 3 ? 1_555 O   ? A THR 93  ? A THR 186 ? 1_555 76.9  ? 
41 OD1 ? A ASP 89  ? A ASP 182 ? 1_555 CA ? D CA . ? A CA 3 ? 1_555 O   ? A THR 93  ? A THR 186 ? 1_555 144.1 ? 
42 OG  ? A SER 91  ? A SER 184 ? 1_555 CA ? D CA . ? A CA 3 ? 1_555 O   ? A THR 93  ? A THR 186 ? 1_555 67.8  ? 
43 OD1 ? A ASP 87  ? A ASP 180 ? 1_555 CA ? D CA . ? A CA 3 ? 1_555 OE1 ? A GLU 98  ? A GLU 191 ? 1_555 112.5 ? 
44 OD1 ? A ASP 89  ? A ASP 182 ? 1_555 CA ? D CA . ? A CA 3 ? 1_555 OE1 ? A GLU 98  ? A GLU 191 ? 1_555 115.9 ? 
45 OG  ? A SER 91  ? A SER 184 ? 1_555 CA ? D CA . ? A CA 3 ? 1_555 OE1 ? A GLU 98  ? A GLU 191 ? 1_555 155.3 ? 
46 O   ? A THR 93  ? A THR 186 ? 1_555 CA ? D CA . ? A CA 3 ? 1_555 OE1 ? A GLU 98  ? A GLU 191 ? 1_555 91.6  ? 
47 OD1 ? A ASP 87  ? A ASP 180 ? 1_555 CA ? D CA . ? A CA 3 ? 1_555 OE2 ? A GLU 98  ? A GLU 191 ? 1_555 93.2  ? 
48 OD1 ? A ASP 89  ? A ASP 182 ? 1_555 CA ? D CA . ? A CA 3 ? 1_555 OE2 ? A GLU 98  ? A GLU 191 ? 1_555 67.9  ? 
49 OG  ? A SER 91  ? A SER 184 ? 1_555 CA ? D CA . ? A CA 3 ? 1_555 OE2 ? A GLU 98  ? A GLU 191 ? 1_555 156.4 ? 
50 O   ? A THR 93  ? A THR 186 ? 1_555 CA ? D CA . ? A CA 3 ? 1_555 OE2 ? A GLU 98  ? A GLU 191 ? 1_555 131.4 ? 
51 OE1 ? A GLU 98  ? A GLU 191 ? 1_555 CA ? D CA . ? A CA 3 ? 1_555 OE2 ? A GLU 98  ? A GLU 191 ? 1_555 48.2  ? 
52 OD1 ? A ASP 87  ? A ASP 180 ? 1_555 CA ? D CA . ? A CA 3 ? 1_555 O   ? G HOH .   ? A HOH 320 ? 1_555 164.5 ? 
53 OD1 ? A ASP 89  ? A ASP 182 ? 1_555 CA ? D CA . ? A CA 3 ? 1_555 O   ? G HOH .   ? A HOH 320 ? 1_555 96.9  ? 
54 OG  ? A SER 91  ? A SER 184 ? 1_555 CA ? D CA . ? A CA 3 ? 1_555 O   ? G HOH .   ? A HOH 320 ? 1_555 92.9  ? 
55 O   ? A THR 93  ? A THR 186 ? 1_555 CA ? D CA . ? A CA 3 ? 1_555 O   ? G HOH .   ? A HOH 320 ? 1_555 110.4 ? 
56 OE1 ? A GLU 98  ? A GLU 191 ? 1_555 CA ? D CA . ? A CA 3 ? 1_555 O   ? G HOH .   ? A HOH 320 ? 1_555 81.5  ? 
57 OE2 ? A GLU 98  ? A GLU 191 ? 1_555 CA ? D CA . ? A CA 3 ? 1_555 O   ? G HOH .   ? A HOH 320 ? 1_555 91.6  ? 
58 OD1 ? A ASP 42  ? A ASP 135 ? 1_555 CA ? E CA . ? A CA 4 ? 1_555 OD1 ? A ASP 130 ? A ASP 223 ? 1_555 114.4 ? 
59 OD1 ? A ASP 42  ? A ASP 135 ? 1_555 CA ? E CA . ? A CA 4 ? 1_555 OD2 ? A ASP 130 ? A ASP 223 ? 1_555 88.4  ? 
60 OD1 ? A ASP 130 ? A ASP 223 ? 1_555 CA ? E CA . ? A CA 4 ? 1_555 OD2 ? A ASP 130 ? A ASP 223 ? 1_555 51.6  ? 
61 OD1 ? A ASP 42  ? A ASP 135 ? 1_555 CA ? E CA . ? A CA 4 ? 1_555 OD1 ? A ASP 132 ? A ASP 225 ? 1_555 76.1  ? 
62 OD1 ? A ASP 130 ? A ASP 223 ? 1_555 CA ? E CA . ? A CA 4 ? 1_555 OD1 ? A ASP 132 ? A ASP 225 ? 1_555 55.5  ? 
63 OD2 ? A ASP 130 ? A ASP 223 ? 1_555 CA ? E CA . ? A CA 4 ? 1_555 OD1 ? A ASP 132 ? A ASP 225 ? 1_555 86.7  ? 
64 OD1 ? A ASP 42  ? A ASP 135 ? 1_555 CA ? E CA . ? A CA 4 ? 1_555 OD2 ? A ASP 132 ? A ASP 225 ? 1_555 92.3  ? 
65 OD1 ? A ASP 130 ? A ASP 223 ? 1_555 CA ? E CA . ? A CA 4 ? 1_555 OD2 ? A ASP 132 ? A ASP 225 ? 1_555 89.0  ? 
66 OD2 ? A ASP 130 ? A ASP 223 ? 1_555 CA ? E CA . ? A CA 4 ? 1_555 OD2 ? A ASP 132 ? A ASP 225 ? 1_555 135.9 ? 
67 OD1 ? A ASP 132 ? A ASP 225 ? 1_555 CA ? E CA . ? A CA 4 ? 1_555 OD2 ? A ASP 132 ? A ASP 225 ? 1_555 51.1  ? 
68 OD1 ? A ASP 42  ? A ASP 135 ? 1_555 CA ? E CA . ? A CA 4 ? 1_555 ND2 ? A ASN 133 ? A ASN 226 ? 1_555 162.1 ? 
69 OD1 ? A ASP 130 ? A ASP 223 ? 1_555 CA ? E CA . ? A CA 4 ? 1_555 ND2 ? A ASN 133 ? A ASN 226 ? 1_555 71.7  ? 
70 OD2 ? A ASP 130 ? A ASP 223 ? 1_555 CA ? E CA . ? A CA 4 ? 1_555 ND2 ? A ASN 133 ? A ASN 226 ? 1_555 107.4 ? 
71 OD1 ? A ASP 132 ? A ASP 225 ? 1_555 CA ? E CA . ? A CA 4 ? 1_555 ND2 ? A ASN 133 ? A ASN 226 ? 1_555 96.1  ? 
72 OD2 ? A ASP 132 ? A ASP 225 ? 1_555 CA ? E CA . ? A CA 4 ? 1_555 ND2 ? A ASN 133 ? A ASN 226 ? 1_555 70.6  ? 
73 OD1 ? A ASP 42  ? A ASP 135 ? 1_555 CA ? E CA . ? A CA 4 ? 1_555 O   ? G HOH .   ? A HOH 316 ? 1_555 101.0 ? 
74 OD1 ? A ASP 130 ? A ASP 223 ? 1_555 CA ? E CA . ? A CA 4 ? 1_555 O   ? G HOH .   ? A HOH 316 ? 1_555 104.9 ? 
75 OD2 ? A ASP 130 ? A ASP 223 ? 1_555 CA ? E CA . ? A CA 4 ? 1_555 O   ? G HOH .   ? A HOH 316 ? 1_555 67.0  ? 
76 OD1 ? A ASP 132 ? A ASP 225 ? 1_555 CA ? E CA . ? A CA 4 ? 1_555 O   ? G HOH .   ? A HOH 316 ? 1_555 153.7 ? 
77 OD2 ? A ASP 132 ? A ASP 225 ? 1_555 CA ? E CA . ? A CA 4 ? 1_555 O   ? G HOH .   ? A HOH 316 ? 1_555 154.3 ? 
78 ND2 ? A ASN 133 ? A ASN 226 ? 1_555 CA ? E CA . ? A CA 4 ? 1_555 O   ? G HOH .   ? A HOH 316 ? 1_555 93.0  ? 
# 
_struct_sheet.id               A 
_struct_sheet.type             ? 
_struct_sheet.number_strands   2 
_struct_sheet.details          ? 
# 
_struct_sheet_order.sheet_id     A 
_struct_sheet_order.range_id_1   1 
_struct_sheet_order.range_id_2   2 
_struct_sheet_order.offset       ? 
_struct_sheet_order.sense        anti-parallel 
# 
loop_
_struct_sheet_range.sheet_id 
_struct_sheet_range.id 
_struct_sheet_range.beg_label_comp_id 
_struct_sheet_range.beg_label_asym_id 
_struct_sheet_range.beg_label_seq_id 
_struct_sheet_range.pdbx_beg_PDB_ins_code 
_struct_sheet_range.end_label_comp_id 
_struct_sheet_range.end_label_asym_id 
_struct_sheet_range.end_label_seq_id 
_struct_sheet_range.pdbx_end_PDB_ins_code 
_struct_sheet_range.beg_auth_comp_id 
_struct_sheet_range.beg_auth_asym_id 
_struct_sheet_range.beg_auth_seq_id 
_struct_sheet_range.end_auth_comp_id 
_struct_sheet_range.end_auth_asym_id 
_struct_sheet_range.end_auth_seq_id 
A 1 ILE A 94  ? GLY A 95  ? ILE A 187 GLY A 188 
A 2 ASN A 128 ? MET A 129 ? ASN A 221 MET A 222 
# 
_pdbx_struct_sheet_hbond.sheet_id                A 
_pdbx_struct_sheet_hbond.range_id_1              1 
_pdbx_struct_sheet_hbond.range_id_2              2 
_pdbx_struct_sheet_hbond.range_1_label_atom_id   N 
_pdbx_struct_sheet_hbond.range_1_label_comp_id   ILE 
_pdbx_struct_sheet_hbond.range_1_label_asym_id   A 
_pdbx_struct_sheet_hbond.range_1_label_seq_id    94 
_pdbx_struct_sheet_hbond.range_1_PDB_ins_code    ? 
_pdbx_struct_sheet_hbond.range_1_auth_atom_id    N 
_pdbx_struct_sheet_hbond.range_1_auth_comp_id    ILE 
_pdbx_struct_sheet_hbond.range_1_auth_asym_id    A 
_pdbx_struct_sheet_hbond.range_1_auth_seq_id     187 
_pdbx_struct_sheet_hbond.range_2_label_atom_id   O 
_pdbx_struct_sheet_hbond.range_2_label_comp_id   MET 
_pdbx_struct_sheet_hbond.range_2_label_asym_id   A 
_pdbx_struct_sheet_hbond.range_2_label_seq_id    129 
_pdbx_struct_sheet_hbond.range_2_PDB_ins_code    ? 
_pdbx_struct_sheet_hbond.range_2_auth_atom_id    O 
_pdbx_struct_sheet_hbond.range_2_auth_comp_id    MET 
_pdbx_struct_sheet_hbond.range_2_auth_asym_id    A 
_pdbx_struct_sheet_hbond.range_2_auth_seq_id     222 
# 
loop_
_struct_site.id 
_struct_site.pdbx_evidence_code 
_struct_site.pdbx_auth_asym_id 
_struct_site.pdbx_auth_comp_id 
_struct_site.pdbx_auth_seq_id 
_struct_site.pdbx_auth_ins_code 
_struct_site.pdbx_num_residues 
_struct_site.details 
AC1 Software A CA  1   ? 6 'BINDING SITE FOR RESIDUE CA A 1'    
AC2 Software A CA  2   ? 5 'BINDING SITE FOR RESIDUE CA A 2'    
AC3 Software A CA  3   ? 6 'BINDING SITE FOR RESIDUE CA A 3'    
AC4 Software A CA  4   ? 5 'BINDING SITE FOR RESIDUE CA A 4'    
AC5 Software A ISA 267 ? 4 'BINDING SITE FOR RESIDUE ISA A 267' 
# 
loop_
_struct_site_gen.id 
_struct_site_gen.site_id 
_struct_site_gen.pdbx_num_res 
_struct_site_gen.label_comp_id 
_struct_site_gen.label_asym_id 
_struct_site_gen.label_seq_id 
_struct_site_gen.pdbx_auth_ins_code 
_struct_site_gen.auth_comp_id 
_struct_site_gen.auth_asym_id 
_struct_site_gen.auth_seq_id 
_struct_site_gen.label_atom_id 
_struct_site_gen.label_alt_id 
_struct_site_gen.symmetry 
_struct_site_gen.details 
1  AC1 6 ASP A 57  ? ASP A 150 . ? 1_555 ? 
2  AC1 6 ASP A 59  ? ASP A 152 . ? 1_555 ? 
3  AC1 6 THR A 61  ? THR A 154 . ? 1_555 ? 
4  AC1 6 LYS A 63  ? LYS A 156 . ? 1_555 ? 
5  AC1 6 GLU A 68  ? GLU A 161 . ? 1_555 ? 
6  AC1 6 HOH G .   ? HOH A 277 . ? 1_555 ? 
7  AC2 5 ALA A 14  ? ALA A 107 . ? 1_555 ? 
8  AC2 5 ASP A 17  ? ASP A 110 . ? 1_555 ? 
9  AC2 5 GLU A 19  ? GLU A 112 . ? 1_555 ? 
10 AC2 5 GLU A 24  ? GLU A 117 . ? 1_555 ? 
11 AC2 5 HOH G .   ? HOH A 290 . ? 1_555 ? 
12 AC3 6 ASP A 87  ? ASP A 180 . ? 1_555 ? 
13 AC3 6 ASP A 89  ? ASP A 182 . ? 1_555 ? 
14 AC3 6 SER A 91  ? SER A 184 . ? 1_555 ? 
15 AC3 6 THR A 93  ? THR A 186 . ? 1_555 ? 
16 AC3 6 GLU A 98  ? GLU A 191 . ? 1_555 ? 
17 AC3 6 HOH G .   ? HOH A 320 . ? 1_555 ? 
18 AC4 5 ASP A 42  ? ASP A 135 . ? 1_555 ? 
19 AC4 5 ASP A 130 ? ASP A 223 . ? 1_555 ? 
20 AC4 5 ASP A 132 ? ASP A 225 . ? 1_555 ? 
21 AC4 5 ASN A 133 ? ASN A 226 . ? 1_555 ? 
22 AC4 5 HOH G .   ? HOH A 316 . ? 1_555 ? 
23 AC5 4 VAL A 32  ? VAL A 125 . ? 1_555 ? 
24 AC5 4 HIS A 36  ? HIS A 129 . ? 1_555 ? 
25 AC5 4 LYS A 77  ? LYS A 170 . ? 1_555 ? 
26 AC5 4 GLN A 80  ? GLN A 173 . ? 1_555 ? 
# 
loop_
_pdbx_validate_torsion.id 
_pdbx_validate_torsion.PDB_model_num 
_pdbx_validate_torsion.auth_comp_id 
_pdbx_validate_torsion.auth_asym_id 
_pdbx_validate_torsion.auth_seq_id 
_pdbx_validate_torsion.PDB_ins_code 
_pdbx_validate_torsion.label_alt_id 
_pdbx_validate_torsion.phi 
_pdbx_validate_torsion.psi 
1 1 HIS A 129 ? ? -116.07 75.81  
2 1 THR A 134 ? ? -175.40 148.11 
# 
_pdbx_validate_chiral.id              1 
_pdbx_validate_chiral.PDB_model_num   1 
_pdbx_validate_chiral.auth_atom_id    C3 
_pdbx_validate_chiral.label_alt_id    ? 
_pdbx_validate_chiral.auth_asym_id    A 
_pdbx_validate_chiral.auth_comp_id    ISA 
_pdbx_validate_chiral.auth_seq_id     267 
_pdbx_validate_chiral.PDB_ins_code    ? 
_pdbx_validate_chiral.details         PLANAR 
_pdbx_validate_chiral.omega           . 
# 
loop_
_chem_comp_atom.comp_id 
_chem_comp_atom.atom_id 
_chem_comp_atom.type_symbol 
_chem_comp_atom.pdbx_aromatic_flag 
_chem_comp_atom.pdbx_stereo_config 
_chem_comp_atom.pdbx_ordinal 
ALA N    N  N N 1   
ALA CA   C  N S 2   
ALA C    C  N N 3   
ALA O    O  N N 4   
ALA CB   C  N N 5   
ALA OXT  O  N N 6   
ALA H    H  N N 7   
ALA H2   H  N N 8   
ALA HA   H  N N 9   
ALA HB1  H  N N 10  
ALA HB2  H  N N 11  
ALA HB3  H  N N 12  
ALA HXT  H  N N 13  
ARG N    N  N N 14  
ARG CA   C  N S 15  
ARG C    C  N N 16  
ARG O    O  N N 17  
ARG CB   C  N N 18  
ARG CG   C  N N 19  
ARG CD   C  N N 20  
ARG NE   N  N N 21  
ARG CZ   C  N N 22  
ARG NH1  N  N N 23  
ARG NH2  N  N N 24  
ARG OXT  O  N N 25  
ARG H    H  N N 26  
ARG H2   H  N N 27  
ARG HA   H  N N 28  
ARG HB2  H  N N 29  
ARG HB3  H  N N 30  
ARG HG2  H  N N 31  
ARG HG3  H  N N 32  
ARG HD2  H  N N 33  
ARG HD3  H  N N 34  
ARG HE   H  N N 35  
ARG HH11 H  N N 36  
ARG HH12 H  N N 37  
ARG HH21 H  N N 38  
ARG HH22 H  N N 39  
ARG HXT  H  N N 40  
ASN N    N  N N 41  
ASN CA   C  N S 42  
ASN C    C  N N 43  
ASN O    O  N N 44  
ASN CB   C  N N 45  
ASN CG   C  N N 46  
ASN OD1  O  N N 47  
ASN ND2  N  N N 48  
ASN OXT  O  N N 49  
ASN H    H  N N 50  
ASN H2   H  N N 51  
ASN HA   H  N N 52  
ASN HB2  H  N N 53  
ASN HB3  H  N N 54  
ASN HD21 H  N N 55  
ASN HD22 H  N N 56  
ASN HXT  H  N N 57  
ASP N    N  N N 58  
ASP CA   C  N S 59  
ASP C    C  N N 60  
ASP O    O  N N 61  
ASP CB   C  N N 62  
ASP CG   C  N N 63  
ASP OD1  O  N N 64  
ASP OD2  O  N N 65  
ASP OXT  O  N N 66  
ASP H    H  N N 67  
ASP H2   H  N N 68  
ASP HA   H  N N 69  
ASP HB2  H  N N 70  
ASP HB3  H  N N 71  
ASP HD2  H  N N 72  
ASP HXT  H  N N 73  
CA  CA   CA N N 74  
CYS N    N  N N 75  
CYS CA   C  N R 76  
CYS C    C  N N 77  
CYS O    O  N N 78  
CYS CB   C  N N 79  
CYS SG   S  N N 80  
CYS OXT  O  N N 81  
CYS H    H  N N 82  
CYS H2   H  N N 83  
CYS HA   H  N N 84  
CYS HB2  H  N N 85  
CYS HB3  H  N N 86  
CYS HG   H  N N 87  
CYS HXT  H  N N 88  
GLN N    N  N N 89  
GLN CA   C  N S 90  
GLN C    C  N N 91  
GLN O    O  N N 92  
GLN CB   C  N N 93  
GLN CG   C  N N 94  
GLN CD   C  N N 95  
GLN OE1  O  N N 96  
GLN NE2  N  N N 97  
GLN OXT  O  N N 98  
GLN H    H  N N 99  
GLN H2   H  N N 100 
GLN HA   H  N N 101 
GLN HB2  H  N N 102 
GLN HB3  H  N N 103 
GLN HG2  H  N N 104 
GLN HG3  H  N N 105 
GLN HE21 H  N N 106 
GLN HE22 H  N N 107 
GLN HXT  H  N N 108 
GLU N    N  N N 109 
GLU CA   C  N S 110 
GLU C    C  N N 111 
GLU O    O  N N 112 
GLU CB   C  N N 113 
GLU CG   C  N N 114 
GLU CD   C  N N 115 
GLU OE1  O  N N 116 
GLU OE2  O  N N 117 
GLU OXT  O  N N 118 
GLU H    H  N N 119 
GLU H2   H  N N 120 
GLU HA   H  N N 121 
GLU HB2  H  N N 122 
GLU HB3  H  N N 123 
GLU HG2  H  N N 124 
GLU HG3  H  N N 125 
GLU HE2  H  N N 126 
GLU HXT  H  N N 127 
GLY N    N  N N 128 
GLY CA   C  N N 129 
GLY C    C  N N 130 
GLY O    O  N N 131 
GLY OXT  O  N N 132 
GLY H    H  N N 133 
GLY H2   H  N N 134 
GLY HA2  H  N N 135 
GLY HA3  H  N N 136 
GLY HXT  H  N N 137 
HIS N    N  N N 138 
HIS CA   C  N S 139 
HIS C    C  N N 140 
HIS O    O  N N 141 
HIS CB   C  N N 142 
HIS CG   C  Y N 143 
HIS ND1  N  Y N 144 
HIS CD2  C  Y N 145 
HIS CE1  C  Y N 146 
HIS NE2  N  Y N 147 
HIS OXT  O  N N 148 
HIS H    H  N N 149 
HIS H2   H  N N 150 
HIS HA   H  N N 151 
HIS HB2  H  N N 152 
HIS HB3  H  N N 153 
HIS HD1  H  N N 154 
HIS HD2  H  N N 155 
HIS HE1  H  N N 156 
HIS HE2  H  N N 157 
HIS HXT  H  N N 158 
HOH O    O  N N 159 
HOH H1   H  N N 160 
HOH H2   H  N N 161 
ILE N    N  N N 162 
ILE CA   C  N S 163 
ILE C    C  N N 164 
ILE O    O  N N 165 
ILE CB   C  N S 166 
ILE CG1  C  N N 167 
ILE CG2  C  N N 168 
ILE CD1  C  N N 169 
ILE OXT  O  N N 170 
ILE H    H  N N 171 
ILE H2   H  N N 172 
ILE HA   H  N N 173 
ILE HB   H  N N 174 
ILE HG12 H  N N 175 
ILE HG13 H  N N 176 
ILE HG21 H  N N 177 
ILE HG22 H  N N 178 
ILE HG23 H  N N 179 
ILE HD11 H  N N 180 
ILE HD12 H  N N 181 
ILE HD13 H  N N 182 
ILE HXT  H  N N 183 
ISA I    I  N N 184 
ISA CZ   C  Y N 185 
ISA CE1  C  Y N 186 
ISA CD1  C  Y N 187 
ISA CE2  C  Y N 188 
ISA CD2  C  Y N 189 
ISA CG   C  Y N 190 
ISA C4   C  N N 191 
ISA C3   C  N S 192 
ISA S3   S  N N 193 
ISA C2   C  N N 194 
ISA O3   O  N N 195 
ISA O2   O  N N 196 
ISA HE1  H  N N 197 
ISA HD1  H  N N 198 
ISA HE2  H  N N 199 
ISA HD2  H  N N 200 
ISA H41  H  N N 201 
ISA H42  H  N N 202 
ISA H3   H  N N 203 
ISA HS3  H  N N 204 
ISA HO2  H  N N 205 
LEU N    N  N N 206 
LEU CA   C  N S 207 
LEU C    C  N N 208 
LEU O    O  N N 209 
LEU CB   C  N N 210 
LEU CG   C  N N 211 
LEU CD1  C  N N 212 
LEU CD2  C  N N 213 
LEU OXT  O  N N 214 
LEU H    H  N N 215 
LEU H2   H  N N 216 
LEU HA   H  N N 217 
LEU HB2  H  N N 218 
LEU HB3  H  N N 219 
LEU HG   H  N N 220 
LEU HD11 H  N N 221 
LEU HD12 H  N N 222 
LEU HD13 H  N N 223 
LEU HD21 H  N N 224 
LEU HD22 H  N N 225 
LEU HD23 H  N N 226 
LEU HXT  H  N N 227 
LYS N    N  N N 228 
LYS CA   C  N S 229 
LYS C    C  N N 230 
LYS O    O  N N 231 
LYS CB   C  N N 232 
LYS CG   C  N N 233 
LYS CD   C  N N 234 
LYS CE   C  N N 235 
LYS NZ   N  N N 236 
LYS OXT  O  N N 237 
LYS H    H  N N 238 
LYS H2   H  N N 239 
LYS HA   H  N N 240 
LYS HB2  H  N N 241 
LYS HB3  H  N N 242 
LYS HG2  H  N N 243 
LYS HG3  H  N N 244 
LYS HD2  H  N N 245 
LYS HD3  H  N N 246 
LYS HE2  H  N N 247 
LYS HE3  H  N N 248 
LYS HZ1  H  N N 249 
LYS HZ2  H  N N 250 
LYS HZ3  H  N N 251 
LYS HXT  H  N N 252 
MET N    N  N N 253 
MET CA   C  N S 254 
MET C    C  N N 255 
MET O    O  N N 256 
MET CB   C  N N 257 
MET CG   C  N N 258 
MET SD   S  N N 259 
MET CE   C  N N 260 
MET OXT  O  N N 261 
MET H    H  N N 262 
MET H2   H  N N 263 
MET HA   H  N N 264 
MET HB2  H  N N 265 
MET HB3  H  N N 266 
MET HG2  H  N N 267 
MET HG3  H  N N 268 
MET HE1  H  N N 269 
MET HE2  H  N N 270 
MET HE3  H  N N 271 
MET HXT  H  N N 272 
PHE N    N  N N 273 
PHE CA   C  N S 274 
PHE C    C  N N 275 
PHE O    O  N N 276 
PHE CB   C  N N 277 
PHE CG   C  Y N 278 
PHE CD1  C  Y N 279 
PHE CD2  C  Y N 280 
PHE CE1  C  Y N 281 
PHE CE2  C  Y N 282 
PHE CZ   C  Y N 283 
PHE OXT  O  N N 284 
PHE H    H  N N 285 
PHE H2   H  N N 286 
PHE HA   H  N N 287 
PHE HB2  H  N N 288 
PHE HB3  H  N N 289 
PHE HD1  H  N N 290 
PHE HD2  H  N N 291 
PHE HE1  H  N N 292 
PHE HE2  H  N N 293 
PHE HZ   H  N N 294 
PHE HXT  H  N N 295 
PRO N    N  N N 296 
PRO CA   C  N S 297 
PRO C    C  N N 298 
PRO O    O  N N 299 
PRO CB   C  N N 300 
PRO CG   C  N N 301 
PRO CD   C  N N 302 
PRO OXT  O  N N 303 
PRO H    H  N N 304 
PRO HA   H  N N 305 
PRO HB2  H  N N 306 
PRO HB3  H  N N 307 
PRO HG2  H  N N 308 
PRO HG3  H  N N 309 
PRO HD2  H  N N 310 
PRO HD3  H  N N 311 
PRO HXT  H  N N 312 
SER N    N  N N 313 
SER CA   C  N S 314 
SER C    C  N N 315 
SER O    O  N N 316 
SER CB   C  N N 317 
SER OG   O  N N 318 
SER OXT  O  N N 319 
SER H    H  N N 320 
SER H2   H  N N 321 
SER HA   H  N N 322 
SER HB2  H  N N 323 
SER HB3  H  N N 324 
SER HG   H  N N 325 
SER HXT  H  N N 326 
THR N    N  N N 327 
THR CA   C  N S 328 
THR C    C  N N 329 
THR O    O  N N 330 
THR CB   C  N R 331 
THR OG1  O  N N 332 
THR CG2  C  N N 333 
THR OXT  O  N N 334 
THR H    H  N N 335 
THR H2   H  N N 336 
THR HA   H  N N 337 
THR HB   H  N N 338 
THR HG1  H  N N 339 
THR HG21 H  N N 340 
THR HG22 H  N N 341 
THR HG23 H  N N 342 
THR HXT  H  N N 343 
TRP N    N  N N 344 
TRP CA   C  N S 345 
TRP C    C  N N 346 
TRP O    O  N N 347 
TRP CB   C  N N 348 
TRP CG   C  Y N 349 
TRP CD1  C  Y N 350 
TRP CD2  C  Y N 351 
TRP NE1  N  Y N 352 
TRP CE2  C  Y N 353 
TRP CE3  C  Y N 354 
TRP CZ2  C  Y N 355 
TRP CZ3  C  Y N 356 
TRP CH2  C  Y N 357 
TRP OXT  O  N N 358 
TRP H    H  N N 359 
TRP H2   H  N N 360 
TRP HA   H  N N 361 
TRP HB2  H  N N 362 
TRP HB3  H  N N 363 
TRP HD1  H  N N 364 
TRP HE1  H  N N 365 
TRP HE3  H  N N 366 
TRP HZ2  H  N N 367 
TRP HZ3  H  N N 368 
TRP HH2  H  N N 369 
TRP HXT  H  N N 370 
TYR N    N  N N 371 
TYR CA   C  N S 372 
TYR C    C  N N 373 
TYR O    O  N N 374 
TYR CB   C  N N 375 
TYR CG   C  Y N 376 
TYR CD1  C  Y N 377 
TYR CD2  C  Y N 378 
TYR CE1  C  Y N 379 
TYR CE2  C  Y N 380 
TYR CZ   C  Y N 381 
TYR OH   O  N N 382 
TYR OXT  O  N N 383 
TYR H    H  N N 384 
TYR H2   H  N N 385 
TYR HA   H  N N 386 
TYR HB2  H  N N 387 
TYR HB3  H  N N 388 
TYR HD1  H  N N 389 
TYR HD2  H  N N 390 
TYR HE1  H  N N 391 
TYR HE2  H  N N 392 
TYR HH   H  N N 393 
TYR HXT  H  N N 394 
VAL N    N  N N 395 
VAL CA   C  N S 396 
VAL C    C  N N 397 
VAL O    O  N N 398 
VAL CB   C  N N 399 
VAL CG1  C  N N 400 
VAL CG2  C  N N 401 
VAL OXT  O  N N 402 
VAL H    H  N N 403 
VAL H2   H  N N 404 
VAL HA   H  N N 405 
VAL HB   H  N N 406 
VAL HG11 H  N N 407 
VAL HG12 H  N N 408 
VAL HG13 H  N N 409 
VAL HG21 H  N N 410 
VAL HG22 H  N N 411 
VAL HG23 H  N N 412 
VAL HXT  H  N N 413 
# 
loop_
_chem_comp_bond.comp_id 
_chem_comp_bond.atom_id_1 
_chem_comp_bond.atom_id_2 
_chem_comp_bond.value_order 
_chem_comp_bond.pdbx_aromatic_flag 
_chem_comp_bond.pdbx_stereo_config 
_chem_comp_bond.pdbx_ordinal 
ALA N   CA   sing N N 1   
ALA N   H    sing N N 2   
ALA N   H2   sing N N 3   
ALA CA  C    sing N N 4   
ALA CA  CB   sing N N 5   
ALA CA  HA   sing N N 6   
ALA C   O    doub N N 7   
ALA C   OXT  sing N N 8   
ALA CB  HB1  sing N N 9   
ALA CB  HB2  sing N N 10  
ALA CB  HB3  sing N N 11  
ALA OXT HXT  sing N N 12  
ARG N   CA   sing N N 13  
ARG N   H    sing N N 14  
ARG N   H2   sing N N 15  
ARG CA  C    sing N N 16  
ARG CA  CB   sing N N 17  
ARG CA  HA   sing N N 18  
ARG C   O    doub N N 19  
ARG C   OXT  sing N N 20  
ARG CB  CG   sing N N 21  
ARG CB  HB2  sing N N 22  
ARG CB  HB3  sing N N 23  
ARG CG  CD   sing N N 24  
ARG CG  HG2  sing N N 25  
ARG CG  HG3  sing N N 26  
ARG CD  NE   sing N N 27  
ARG CD  HD2  sing N N 28  
ARG CD  HD3  sing N N 29  
ARG NE  CZ   sing N N 30  
ARG NE  HE   sing N N 31  
ARG CZ  NH1  sing N N 32  
ARG CZ  NH2  doub N N 33  
ARG NH1 HH11 sing N N 34  
ARG NH1 HH12 sing N N 35  
ARG NH2 HH21 sing N N 36  
ARG NH2 HH22 sing N N 37  
ARG OXT HXT  sing N N 38  
ASN N   CA   sing N N 39  
ASN N   H    sing N N 40  
ASN N   H2   sing N N 41  
ASN CA  C    sing N N 42  
ASN CA  CB   sing N N 43  
ASN CA  HA   sing N N 44  
ASN C   O    doub N N 45  
ASN C   OXT  sing N N 46  
ASN CB  CG   sing N N 47  
ASN CB  HB2  sing N N 48  
ASN CB  HB3  sing N N 49  
ASN CG  OD1  doub N N 50  
ASN CG  ND2  sing N N 51  
ASN ND2 HD21 sing N N 52  
ASN ND2 HD22 sing N N 53  
ASN OXT HXT  sing N N 54  
ASP N   CA   sing N N 55  
ASP N   H    sing N N 56  
ASP N   H2   sing N N 57  
ASP CA  C    sing N N 58  
ASP CA  CB   sing N N 59  
ASP CA  HA   sing N N 60  
ASP C   O    doub N N 61  
ASP C   OXT  sing N N 62  
ASP CB  CG   sing N N 63  
ASP CB  HB2  sing N N 64  
ASP CB  HB3  sing N N 65  
ASP CG  OD1  doub N N 66  
ASP CG  OD2  sing N N 67  
ASP OD2 HD2  sing N N 68  
ASP OXT HXT  sing N N 69  
CYS N   CA   sing N N 70  
CYS N   H    sing N N 71  
CYS N   H2   sing N N 72  
CYS CA  C    sing N N 73  
CYS CA  CB   sing N N 74  
CYS CA  HA   sing N N 75  
CYS C   O    doub N N 76  
CYS C   OXT  sing N N 77  
CYS CB  SG   sing N N 78  
CYS CB  HB2  sing N N 79  
CYS CB  HB3  sing N N 80  
CYS SG  HG   sing N N 81  
CYS OXT HXT  sing N N 82  
GLN N   CA   sing N N 83  
GLN N   H    sing N N 84  
GLN N   H2   sing N N 85  
GLN CA  C    sing N N 86  
GLN CA  CB   sing N N 87  
GLN CA  HA   sing N N 88  
GLN C   O    doub N N 89  
GLN C   OXT  sing N N 90  
GLN CB  CG   sing N N 91  
GLN CB  HB2  sing N N 92  
GLN CB  HB3  sing N N 93  
GLN CG  CD   sing N N 94  
GLN CG  HG2  sing N N 95  
GLN CG  HG3  sing N N 96  
GLN CD  OE1  doub N N 97  
GLN CD  NE2  sing N N 98  
GLN NE2 HE21 sing N N 99  
GLN NE2 HE22 sing N N 100 
GLN OXT HXT  sing N N 101 
GLU N   CA   sing N N 102 
GLU N   H    sing N N 103 
GLU N   H2   sing N N 104 
GLU CA  C    sing N N 105 
GLU CA  CB   sing N N 106 
GLU CA  HA   sing N N 107 
GLU C   O    doub N N 108 
GLU C   OXT  sing N N 109 
GLU CB  CG   sing N N 110 
GLU CB  HB2  sing N N 111 
GLU CB  HB3  sing N N 112 
GLU CG  CD   sing N N 113 
GLU CG  HG2  sing N N 114 
GLU CG  HG3  sing N N 115 
GLU CD  OE1  doub N N 116 
GLU CD  OE2  sing N N 117 
GLU OE2 HE2  sing N N 118 
GLU OXT HXT  sing N N 119 
GLY N   CA   sing N N 120 
GLY N   H    sing N N 121 
GLY N   H2   sing N N 122 
GLY CA  C    sing N N 123 
GLY CA  HA2  sing N N 124 
GLY CA  HA3  sing N N 125 
GLY C   O    doub N N 126 
GLY C   OXT  sing N N 127 
GLY OXT HXT  sing N N 128 
HIS N   CA   sing N N 129 
HIS N   H    sing N N 130 
HIS N   H2   sing N N 131 
HIS CA  C    sing N N 132 
HIS CA  CB   sing N N 133 
HIS CA  HA   sing N N 134 
HIS C   O    doub N N 135 
HIS C   OXT  sing N N 136 
HIS CB  CG   sing N N 137 
HIS CB  HB2  sing N N 138 
HIS CB  HB3  sing N N 139 
HIS CG  ND1  sing Y N 140 
HIS CG  CD2  doub Y N 141 
HIS ND1 CE1  doub Y N 142 
HIS ND1 HD1  sing N N 143 
HIS CD2 NE2  sing Y N 144 
HIS CD2 HD2  sing N N 145 
HIS CE1 NE2  sing Y N 146 
HIS CE1 HE1  sing N N 147 
HIS NE2 HE2  sing N N 148 
HIS OXT HXT  sing N N 149 
HOH O   H1   sing N N 150 
HOH O   H2   sing N N 151 
ILE N   CA   sing N N 152 
ILE N   H    sing N N 153 
ILE N   H2   sing N N 154 
ILE CA  C    sing N N 155 
ILE CA  CB   sing N N 156 
ILE CA  HA   sing N N 157 
ILE C   O    doub N N 158 
ILE C   OXT  sing N N 159 
ILE CB  CG1  sing N N 160 
ILE CB  CG2  sing N N 161 
ILE CB  HB   sing N N 162 
ILE CG1 CD1  sing N N 163 
ILE CG1 HG12 sing N N 164 
ILE CG1 HG13 sing N N 165 
ILE CG2 HG21 sing N N 166 
ILE CG2 HG22 sing N N 167 
ILE CG2 HG23 sing N N 168 
ILE CD1 HD11 sing N N 169 
ILE CD1 HD12 sing N N 170 
ILE CD1 HD13 sing N N 171 
ILE OXT HXT  sing N N 172 
ISA I   CZ   sing N N 173 
ISA CZ  CE1  doub Y N 174 
ISA CZ  CE2  sing Y N 175 
ISA CE1 CD1  sing Y N 176 
ISA CE1 HE1  sing N N 177 
ISA CD1 CG   doub Y N 178 
ISA CD1 HD1  sing N N 179 
ISA CE2 CD2  doub Y N 180 
ISA CE2 HE2  sing N N 181 
ISA CD2 CG   sing Y N 182 
ISA CD2 HD2  sing N N 183 
ISA CG  C4   sing N N 184 
ISA C4  C3   sing N N 185 
ISA C4  H41  sing N N 186 
ISA C4  H42  sing N N 187 
ISA C3  S3   sing N N 188 
ISA C3  C2   sing N N 189 
ISA C3  H3   sing N N 190 
ISA S3  HS3  sing N N 191 
ISA C2  O3   doub N N 192 
ISA C2  O2   sing N N 193 
ISA O2  HO2  sing N N 194 
LEU N   CA   sing N N 195 
LEU N   H    sing N N 196 
LEU N   H2   sing N N 197 
LEU CA  C    sing N N 198 
LEU CA  CB   sing N N 199 
LEU CA  HA   sing N N 200 
LEU C   O    doub N N 201 
LEU C   OXT  sing N N 202 
LEU CB  CG   sing N N 203 
LEU CB  HB2  sing N N 204 
LEU CB  HB3  sing N N 205 
LEU CG  CD1  sing N N 206 
LEU CG  CD2  sing N N 207 
LEU CG  HG   sing N N 208 
LEU CD1 HD11 sing N N 209 
LEU CD1 HD12 sing N N 210 
LEU CD1 HD13 sing N N 211 
LEU CD2 HD21 sing N N 212 
LEU CD2 HD22 sing N N 213 
LEU CD2 HD23 sing N N 214 
LEU OXT HXT  sing N N 215 
LYS N   CA   sing N N 216 
LYS N   H    sing N N 217 
LYS N   H2   sing N N 218 
LYS CA  C    sing N N 219 
LYS CA  CB   sing N N 220 
LYS CA  HA   sing N N 221 
LYS C   O    doub N N 222 
LYS C   OXT  sing N N 223 
LYS CB  CG   sing N N 224 
LYS CB  HB2  sing N N 225 
LYS CB  HB3  sing N N 226 
LYS CG  CD   sing N N 227 
LYS CG  HG2  sing N N 228 
LYS CG  HG3  sing N N 229 
LYS CD  CE   sing N N 230 
LYS CD  HD2  sing N N 231 
LYS CD  HD3  sing N N 232 
LYS CE  NZ   sing N N 233 
LYS CE  HE2  sing N N 234 
LYS CE  HE3  sing N N 235 
LYS NZ  HZ1  sing N N 236 
LYS NZ  HZ2  sing N N 237 
LYS NZ  HZ3  sing N N 238 
LYS OXT HXT  sing N N 239 
MET N   CA   sing N N 240 
MET N   H    sing N N 241 
MET N   H2   sing N N 242 
MET CA  C    sing N N 243 
MET CA  CB   sing N N 244 
MET CA  HA   sing N N 245 
MET C   O    doub N N 246 
MET C   OXT  sing N N 247 
MET CB  CG   sing N N 248 
MET CB  HB2  sing N N 249 
MET CB  HB3  sing N N 250 
MET CG  SD   sing N N 251 
MET CG  HG2  sing N N 252 
MET CG  HG3  sing N N 253 
MET SD  CE   sing N N 254 
MET CE  HE1  sing N N 255 
MET CE  HE2  sing N N 256 
MET CE  HE3  sing N N 257 
MET OXT HXT  sing N N 258 
PHE N   CA   sing N N 259 
PHE N   H    sing N N 260 
PHE N   H2   sing N N 261 
PHE CA  C    sing N N 262 
PHE CA  CB   sing N N 263 
PHE CA  HA   sing N N 264 
PHE C   O    doub N N 265 
PHE C   OXT  sing N N 266 
PHE CB  CG   sing N N 267 
PHE CB  HB2  sing N N 268 
PHE CB  HB3  sing N N 269 
PHE CG  CD1  doub Y N 270 
PHE CG  CD2  sing Y N 271 
PHE CD1 CE1  sing Y N 272 
PHE CD1 HD1  sing N N 273 
PHE CD2 CE2  doub Y N 274 
PHE CD2 HD2  sing N N 275 
PHE CE1 CZ   doub Y N 276 
PHE CE1 HE1  sing N N 277 
PHE CE2 CZ   sing Y N 278 
PHE CE2 HE2  sing N N 279 
PHE CZ  HZ   sing N N 280 
PHE OXT HXT  sing N N 281 
PRO N   CA   sing N N 282 
PRO N   CD   sing N N 283 
PRO N   H    sing N N 284 
PRO CA  C    sing N N 285 
PRO CA  CB   sing N N 286 
PRO CA  HA   sing N N 287 
PRO C   O    doub N N 288 
PRO C   OXT  sing N N 289 
PRO CB  CG   sing N N 290 
PRO CB  HB2  sing N N 291 
PRO CB  HB3  sing N N 292 
PRO CG  CD   sing N N 293 
PRO CG  HG2  sing N N 294 
PRO CG  HG3  sing N N 295 
PRO CD  HD2  sing N N 296 
PRO CD  HD3  sing N N 297 
PRO OXT HXT  sing N N 298 
SER N   CA   sing N N 299 
SER N   H    sing N N 300 
SER N   H2   sing N N 301 
SER CA  C    sing N N 302 
SER CA  CB   sing N N 303 
SER CA  HA   sing N N 304 
SER C   O    doub N N 305 
SER C   OXT  sing N N 306 
SER CB  OG   sing N N 307 
SER CB  HB2  sing N N 308 
SER CB  HB3  sing N N 309 
SER OG  HG   sing N N 310 
SER OXT HXT  sing N N 311 
THR N   CA   sing N N 312 
THR N   H    sing N N 313 
THR N   H2   sing N N 314 
THR CA  C    sing N N 315 
THR CA  CB   sing N N 316 
THR CA  HA   sing N N 317 
THR C   O    doub N N 318 
THR C   OXT  sing N N 319 
THR CB  OG1  sing N N 320 
THR CB  CG2  sing N N 321 
THR CB  HB   sing N N 322 
THR OG1 HG1  sing N N 323 
THR CG2 HG21 sing N N 324 
THR CG2 HG22 sing N N 325 
THR CG2 HG23 sing N N 326 
THR OXT HXT  sing N N 327 
TRP N   CA   sing N N 328 
TRP N   H    sing N N 329 
TRP N   H2   sing N N 330 
TRP CA  C    sing N N 331 
TRP CA  CB   sing N N 332 
TRP CA  HA   sing N N 333 
TRP C   O    doub N N 334 
TRP C   OXT  sing N N 335 
TRP CB  CG   sing N N 336 
TRP CB  HB2  sing N N 337 
TRP CB  HB3  sing N N 338 
TRP CG  CD1  doub Y N 339 
TRP CG  CD2  sing Y N 340 
TRP CD1 NE1  sing Y N 341 
TRP CD1 HD1  sing N N 342 
TRP CD2 CE2  doub Y N 343 
TRP CD2 CE3  sing Y N 344 
TRP NE1 CE2  sing Y N 345 
TRP NE1 HE1  sing N N 346 
TRP CE2 CZ2  sing Y N 347 
TRP CE3 CZ3  doub Y N 348 
TRP CE3 HE3  sing N N 349 
TRP CZ2 CH2  doub Y N 350 
TRP CZ2 HZ2  sing N N 351 
TRP CZ3 CH2  sing Y N 352 
TRP CZ3 HZ3  sing N N 353 
TRP CH2 HH2  sing N N 354 
TRP OXT HXT  sing N N 355 
TYR N   CA   sing N N 356 
TYR N   H    sing N N 357 
TYR N   H2   sing N N 358 
TYR CA  C    sing N N 359 
TYR CA  CB   sing N N 360 
TYR CA  HA   sing N N 361 
TYR C   O    doub N N 362 
TYR C   OXT  sing N N 363 
TYR CB  CG   sing N N 364 
TYR CB  HB2  sing N N 365 
TYR CB  HB3  sing N N 366 
TYR CG  CD1  doub Y N 367 
TYR CG  CD2  sing Y N 368 
TYR CD1 CE1  sing Y N 369 
TYR CD1 HD1  sing N N 370 
TYR CD2 CE2  doub Y N 371 
TYR CD2 HD2  sing N N 372 
TYR CE1 CZ   doub Y N 373 
TYR CE1 HE1  sing N N 374 
TYR CE2 CZ   sing Y N 375 
TYR CE2 HE2  sing N N 376 
TYR CZ  OH   sing N N 377 
TYR OH  HH   sing N N 378 
TYR OXT HXT  sing N N 379 
VAL N   CA   sing N N 380 
VAL N   H    sing N N 381 
VAL N   H2   sing N N 382 
VAL CA  C    sing N N 383 
VAL CA  CB   sing N N 384 
VAL CA  HA   sing N N 385 
VAL C   O    doub N N 386 
VAL C   OXT  sing N N 387 
VAL CB  CG1  sing N N 388 
VAL CB  CG2  sing N N 389 
VAL CB  HB   sing N N 390 
VAL CG1 HG11 sing N N 391 
VAL CG1 HG12 sing N N 392 
VAL CG1 HG13 sing N N 393 
VAL CG2 HG21 sing N N 394 
VAL CG2 HG22 sing N N 395 
VAL CG2 HG23 sing N N 396 
VAL OXT HXT  sing N N 397 
# 
_atom_sites.entry_id                    1NX3 
_atom_sites.fract_transf_matrix[1][1]   0.00750014 
_atom_sites.fract_transf_matrix[1][2]   -0.01094698 
_atom_sites.fract_transf_matrix[1][3]   -0.00631198 
_atom_sites.fract_transf_matrix[2][1]   -0.00711520 
_atom_sites.fract_transf_matrix[2][2]   -0.01182088 
_atom_sites.fract_transf_matrix[2][3]   -0.00505804 
_atom_sites.fract_transf_matrix[3][1]   -0.00132101 
_atom_sites.fract_transf_matrix[3][2]   0.00568738 
_atom_sites.fract_transf_matrix[3][3]   -0.01143341 
_atom_sites.fract_transf_vector[1]      0.020655 
_atom_sites.fract_transf_vector[2]      0.412606 
_atom_sites.fract_transf_vector[3]      0.021332 
# 
loop_
_atom_type.symbol 
C  
CA 
I  
N  
O  
S  
# 
loop_
_atom_site.group_PDB 
_atom_site.id 
_atom_site.type_symbol 
_atom_site.label_atom_id 
_atom_site.label_alt_id 
_atom_site.label_comp_id 
_atom_site.label_asym_id 
_atom_site.label_entity_id 
_atom_site.label_seq_id 
_atom_site.pdbx_PDB_ins_code 
_atom_site.Cartn_x 
_atom_site.Cartn_y 
_atom_site.Cartn_z 
_atom_site.occupancy 
_atom_site.B_iso_or_equiv 
_atom_site.pdbx_formal_charge 
_atom_site.auth_seq_id 
_atom_site.auth_comp_id 
_atom_site.auth_asym_id 
_atom_site.auth_atom_id 
_atom_site.pdbx_PDB_model_num 
ATOM   1    N  N   . GLU A 1 1   ? 2.458   2.027   27.315  1.00 83.83 ? 94  GLU A N   1 
ATOM   2    C  CA  . GLU A 1 1   ? 2.327   0.793   26.490  1.00 83.80 ? 94  GLU A CA  1 
ATOM   3    C  C   . GLU A 1 1   ? 2.616   1.095   25.019  1.00 83.96 ? 94  GLU A C   1 
ATOM   4    O  O   . GLU A 1 1   ? 2.967   2.224   24.671  1.00 84.22 ? 94  GLU A O   1 
ATOM   5    C  CB  . GLU A 1 1   ? 0.915   0.225   26.626  1.00 83.80 ? 94  GLU A CB  1 
ATOM   6    C  CG  . GLU A 1 1   ? 0.732   -1.142  26.000  1.00 84.00 ? 94  GLU A CG  1 
ATOM   7    C  CD  . GLU A 1 1   ? -0.720  -1.537  25.914  1.00 84.31 ? 94  GLU A CD  1 
ATOM   8    O  OE1 . GLU A 1 1   ? -1.404  -1.486  26.956  1.00 84.99 ? 94  GLU A OE1 1 
ATOM   9    O  OE2 . GLU A 1 1   ? -1.177  -1.897  24.810  1.00 84.71 ? 94  GLU A OE2 1 
ATOM   10   N  N   . GLU A 1 2   ? 2.471   0.084   24.163  1.00 83.78 ? 95  GLU A N   1 
ATOM   11   C  CA  . GLU A 1 2   ? 2.712   0.240   22.730  1.00 82.60 ? 95  GLU A CA  1 
ATOM   12   C  C   . GLU A 1 2   ? 1.574   1.005   22.060  1.00 80.34 ? 95  GLU A C   1 
ATOM   13   O  O   . GLU A 1 2   ? 1.812   1.950   21.312  1.00 79.46 ? 95  GLU A O   1 
ATOM   14   C  CB  . GLU A 1 2   ? 2.865   -1.128  22.055  1.00 85.13 ? 95  GLU A CB  1 
ATOM   15   C  CG  . GLU A 1 2   ? 4.062   -1.948  22.533  1.00 88.06 ? 95  GLU A CG  1 
ATOM   16   C  CD  . GLU A 1 2   ? 4.307   -3.185  21.678  1.00 89.93 ? 95  GLU A CD  1 
ATOM   17   O  OE1 . GLU A 1 2   ? 5.241   -3.955  21.997  1.00 90.56 ? 95  GLU A OE1 1 
ATOM   18   O  OE2 . GLU A 1 2   ? 3.572   -3.388  20.685  1.00 90.44 ? 95  GLU A OE2 1 
ATOM   19   N  N   . VAL A 1 3   ? 0.341   0.584   22.327  1.00 78.53 ? 96  VAL A N   1 
ATOM   20   C  CA  . VAL A 1 3   ? -0.833  1.237   21.757  1.00 76.84 ? 96  VAL A CA  1 
ATOM   21   C  C   . VAL A 1 3   ? -0.871  2.698   22.195  1.00 76.24 ? 96  VAL A C   1 
ATOM   22   O  O   . VAL A 1 3   ? -1.292  3.579   21.442  1.00 76.42 ? 96  VAL A O   1 
ATOM   23   C  CB  . VAL A 1 3   ? -2.135  0.550   22.227  1.00 76.65 ? 96  VAL A CB  1 
ATOM   24   C  CG1 . VAL A 1 3   ? -3.349  1.290   21.682  1.00 75.70 ? 96  VAL A CG1 1 
ATOM   25   C  CG2 . VAL A 1 3   ? -2.146  -0.897  21.772  1.00 77.56 ? 96  VAL A CG2 1 
ATOM   26   N  N   . ARG A 1 4   ? -0.422  2.939   23.422  1.00 74.57 ? 97  ARG A N   1 
ATOM   27   C  CA  . ARG A 1 4   ? -0.394  4.278   23.997  1.00 72.81 ? 97  ARG A CA  1 
ATOM   28   C  C   . ARG A 1 4   ? 0.488   5.242   23.201  1.00 69.37 ? 97  ARG A C   1 
ATOM   29   O  O   . ARG A 1 4   ? 0.016   6.273   22.714  1.00 68.19 ? 97  ARG A O   1 
ATOM   30   C  CB  . ARG A 1 4   ? 0.097   4.205   25.448  1.00 75.75 ? 97  ARG A CB  1 
ATOM   31   C  CG  . ARG A 1 4   ? -0.926  3.669   26.459  1.00 80.23 ? 97  ARG A CG  1 
ATOM   32   C  CD  . ARG A 1 4   ? -1.532  2.319   26.054  1.00 82.48 ? 97  ARG A CD  1 
ATOM   33   N  NE  . ARG A 1 4   ? -2.348  1.743   27.124  1.00 84.24 ? 97  ARG A NE  1 
ATOM   34   C  CZ  . ARG A 1 4   ? -3.141  0.684   26.982  1.00 84.71 ? 97  ARG A CZ  1 
ATOM   35   N  NH1 . ARG A 1 4   ? -3.238  0.073   25.808  1.00 84.06 ? 97  ARG A NH1 1 
ATOM   36   N  NH2 . ARG A 1 4   ? -3.837  0.230   28.018  1.00 84.66 ? 97  ARG A NH2 1 
ATOM   37   N  N   . GLN A 1 5   ? 1.765   4.896   23.069  1.00 65.75 ? 98  GLN A N   1 
ATOM   38   C  CA  . GLN A 1 5   ? 2.716   5.737   22.354  1.00 62.05 ? 98  GLN A CA  1 
ATOM   39   C  C   . GLN A 1 5   ? 2.490   5.859   20.857  1.00 59.48 ? 98  GLN A C   1 
ATOM   40   O  O   . GLN A 1 5   ? 2.958   6.816   20.239  1.00 59.57 ? 98  GLN A O   1 
ATOM   41   C  CB  . GLN A 1 5   ? 4.141   5.261   22.626  1.00 63.43 ? 98  GLN A CB  1 
ATOM   42   C  CG  . GLN A 1 5   ? 4.646   5.684   23.992  1.00 65.80 ? 98  GLN A CG  1 
ATOM   43   C  CD  . GLN A 1 5   ? 4.480   7.180   24.227  1.00 66.79 ? 98  GLN A CD  1 
ATOM   44   O  OE1 . GLN A 1 5   ? 5.025   8.005   23.485  1.00 66.25 ? 98  GLN A OE1 1 
ATOM   45   N  NE2 . GLN A 1 5   ? 3.722   7.535   25.260  1.00 66.41 ? 98  GLN A NE2 1 
ATOM   46   N  N   . PHE A 1 6   ? 1.785   4.902   20.267  1.00 55.64 ? 99  PHE A N   1 
ATOM   47   C  CA  . PHE A 1 6   ? 1.513   4.978   18.839  1.00 52.73 ? 99  PHE A CA  1 
ATOM   48   C  C   . PHE A 1 6   ? 0.410   6.008   18.608  1.00 52.60 ? 99  PHE A C   1 
ATOM   49   O  O   . PHE A 1 6   ? 0.387   6.710   17.592  1.00 51.77 ? 99  PHE A O   1 
ATOM   50   C  CB  . PHE A 1 6   ? 1.052   3.627   18.290  1.00 48.56 ? 99  PHE A CB  1 
ATOM   51   C  CG  . PHE A 1 6   ? 0.732   3.660   16.828  1.00 43.87 ? 99  PHE A CG  1 
ATOM   52   C  CD1 . PHE A 1 6   ? 1.751   3.774   15.887  1.00 41.92 ? 99  PHE A CD1 1 
ATOM   53   C  CD2 . PHE A 1 6   ? -0.591  3.634   16.392  1.00 42.44 ? 99  PHE A CD2 1 
ATOM   54   C  CE1 . PHE A 1 6   ? 1.455   3.863   14.527  1.00 42.41 ? 99  PHE A CE1 1 
ATOM   55   C  CE2 . PHE A 1 6   ? -0.900  3.721   15.039  1.00 40.17 ? 99  PHE A CE2 1 
ATOM   56   C  CZ  . PHE A 1 6   ? 0.125   3.838   14.103  1.00 41.90 ? 99  PHE A CZ  1 
ATOM   57   N  N   . ARG A 1 7   ? -0.507  6.084   19.565  1.00 52.98 ? 100 ARG A N   1 
ATOM   58   C  CA  . ARG A 1 7   ? -1.622  7.015   19.493  1.00 53.08 ? 100 ARG A CA  1 
ATOM   59   C  C   . ARG A 1 7   ? -1.075  8.439   19.560  1.00 51.26 ? 100 ARG A C   1 
ATOM   60   O  O   . ARG A 1 7   ? -1.601  9.347   18.917  1.00 51.11 ? 100 ARG A O   1 
ATOM   61   C  CB  . ARG A 1 7   ? -2.583  6.738   20.648  1.00 54.90 ? 100 ARG A CB  1 
ATOM   62   C  CG  . ARG A 1 7   ? -4.009  7.171   20.392  1.00 60.81 ? 100 ARG A CG  1 
ATOM   63   C  CD  . ARG A 1 7   ? -4.990  6.195   21.034  1.00 64.42 ? 100 ARG A CD  1 
ATOM   64   N  NE  . ARG A 1 7   ? -4.547  5.777   22.364  1.00 68.49 ? 100 ARG A NE  1 
ATOM   65   C  CZ  . ARG A 1 7   ? -5.219  4.942   23.155  1.00 71.29 ? 100 ARG A CZ  1 
ATOM   66   N  NH1 . ARG A 1 7   ? -6.377  4.425   22.757  1.00 72.26 ? 100 ARG A NH1 1 
ATOM   67   N  NH2 . ARG A 1 7   ? -4.726  4.614   24.348  1.00 72.23 ? 100 ARG A NH2 1 
ATOM   68   N  N   . ARG A 1 8   ? -0.004  8.619   20.332  1.00 49.50 ? 101 ARG A N   1 
ATOM   69   C  CA  . ARG A 1 8   ? 0.641   9.919   20.475  1.00 47.96 ? 101 ARG A CA  1 
ATOM   70   C  C   . ARG A 1 8   ? 1.378   10.254  19.182  1.00 46.40 ? 101 ARG A C   1 
ATOM   71   O  O   . ARG A 1 8   ? 1.317   11.382  18.688  1.00 45.34 ? 101 ARG A O   1 
ATOM   72   C  CB  . ARG A 1 8   ? 1.648   9.905   21.627  1.00 48.60 ? 101 ARG A CB  1 
ATOM   73   C  CG  . ARG A 1 8   ? 1.057   9.707   23.015  1.00 50.05 ? 101 ARG A CG  1 
ATOM   74   C  CD  . ARG A 1 8   ? 1.610   10.772  23.955  1.00 51.69 ? 101 ARG A CD  1 
ATOM   75   N  NE  . ARG A 1 8   ? 3.046   10.936  23.759  1.00 54.36 ? 101 ARG A NE  1 
ATOM   76   C  CZ  . ARG A 1 8   ? 3.726   12.045  24.032  1.00 55.08 ? 101 ARG A CZ  1 
ATOM   77   N  NH1 . ARG A 1 8   ? 3.110   13.112  24.522  1.00 52.72 ? 101 ARG A NH1 1 
ATOM   78   N  NH2 . ARG A 1 8   ? 5.031   12.088  23.795  1.00 57.01 ? 101 ARG A NH2 1 
ATOM   79   N  N   . LEU A 1 9   ? 2.084   9.260   18.648  1.00 44.61 ? 102 LEU A N   1 
ATOM   80   C  CA  . LEU A 1 9   ? 2.831   9.420   17.406  1.00 43.44 ? 102 LEU A CA  1 
ATOM   81   C  C   . LEU A 1 9   ? 1.920   9.934   16.290  1.00 40.58 ? 102 LEU A C   1 
ATOM   82   O  O   . LEU A 1 9   ? 2.296   10.826  15.532  1.00 40.49 ? 102 LEU A O   1 
ATOM   83   C  CB  . LEU A 1 9   ? 3.452   8.083   16.983  1.00 45.08 ? 102 LEU A CB  1 
ATOM   84   C  CG  . LEU A 1 9   ? 4.166   8.115   15.630  1.00 49.02 ? 102 LEU A CG  1 
ATOM   85   C  CD1 . LEU A 1 9   ? 5.351   9.082   15.704  1.00 47.42 ? 102 LEU A CD1 1 
ATOM   86   C  CD2 . LEU A 1 9   ? 4.623   6.714   15.246  1.00 48.74 ? 102 LEU A CD2 1 
ATOM   87   N  N   . PHE A 1 10  ? 0.725   9.363   16.190  1.00 37.34 ? 103 PHE A N   1 
ATOM   88   C  CA  . PHE A 1 10  ? -0.223  9.786   15.168  1.00 35.93 ? 103 PHE A CA  1 
ATOM   89   C  C   . PHE A 1 10  ? -0.675  11.221  15.414  1.00 35.04 ? 103 PHE A C   1 
ATOM   90   O  O   . PHE A 1 10  ? -0.680  12.042  14.501  1.00 33.98 ? 103 PHE A O   1 
ATOM   91   C  CB  . PHE A 1 10  ? -1.454  8.881   15.162  1.00 34.97 ? 103 PHE A CB  1 
ATOM   92   C  CG  . PHE A 1 10  ? -2.585  9.426   14.348  1.00 35.18 ? 103 PHE A CG  1 
ATOM   93   C  CD1 . PHE A 1 10  ? -2.507  9.458   12.958  1.00 34.47 ? 103 PHE A CD1 1 
ATOM   94   C  CD2 . PHE A 1 10  ? -3.716  9.950   14.970  1.00 34.05 ? 103 PHE A CD2 1 
ATOM   95   C  CE1 . PHE A 1 10  ? -3.538  10.008  12.198  1.00 32.56 ? 103 PHE A CE1 1 
ATOM   96   C  CE2 . PHE A 1 10  ? -4.751  10.503  14.219  1.00 32.65 ? 103 PHE A CE2 1 
ATOM   97   C  CZ  . PHE A 1 10  ? -4.663  10.533  12.832  1.00 32.80 ? 103 PHE A CZ  1 
ATOM   98   N  N   . ALA A 1 11  ? -1.068  11.510  16.653  1.00 33.18 ? 104 ALA A N   1 
ATOM   99   C  CA  . ALA A 1 11  ? -1.527  12.851  17.004  1.00 32.56 ? 104 ALA A CA  1 
ATOM   100  C  C   . ALA A 1 11  ? -0.457  13.866  16.623  1.00 32.37 ? 104 ALA A C   1 
ATOM   101  O  O   . ALA A 1 11  ? -0.751  14.901  16.017  1.00 31.47 ? 104 ALA A O   1 
ATOM   102  C  CB  . ALA A 1 11  ? -1.834  12.929  18.498  1.00 28.75 ? 104 ALA A CB  1 
ATOM   103  N  N   . GLN A 1 12  ? 0.787   13.553  16.969  1.00 33.10 ? 105 GLN A N   1 
ATOM   104  C  CA  . GLN A 1 12  ? 1.911   14.421  16.664  1.00 35.91 ? 105 GLN A CA  1 
ATOM   105  C  C   . GLN A 1 12  ? 2.120   14.646  15.174  1.00 36.44 ? 105 GLN A C   1 
ATOM   106  O  O   . GLN A 1 12  ? 2.389   15.769  14.757  1.00 37.93 ? 105 GLN A O   1 
ATOM   107  C  CB  . GLN A 1 12  ? 3.200   13.853  17.255  1.00 40.82 ? 105 GLN A CB  1 
ATOM   108  C  CG  . GLN A 1 12  ? 4.457   14.436  16.625  1.00 45.53 ? 105 GLN A CG  1 
ATOM   109  C  CD  . GLN A 1 12  ? 5.715   14.038  17.363  1.00 50.60 ? 105 GLN A CD  1 
ATOM   110  O  OE1 . GLN A 1 12  ? 5.879   12.877  17.752  1.00 52.46 ? 105 GLN A OE1 1 
ATOM   111  N  NE2 . GLN A 1 12  ? 6.623   14.998  17.553  1.00 52.12 ? 105 GLN A NE2 1 
ATOM   112  N  N   . LEU A 1 13  ? 2.008   13.582  14.380  1.00 36.47 ? 106 LEU A N   1 
ATOM   113  C  CA  . LEU A 1 13  ? 2.205   13.669  12.930  1.00 36.43 ? 106 LEU A CA  1 
ATOM   114  C  C   . LEU A 1 13  ? 1.035   14.297  12.197  1.00 34.18 ? 106 LEU A C   1 
ATOM   115  O  O   . LEU A 1 13  ? 1.224   15.006  11.213  1.00 35.64 ? 106 LEU A O   1 
ATOM   116  C  CB  . LEU A 1 13  ? 2.462   12.279  12.331  1.00 37.82 ? 106 LEU A CB  1 
ATOM   117  C  CG  . LEU A 1 13  ? 3.713   11.523  12.781  1.00 39.96 ? 106 LEU A CG  1 
ATOM   118  C  CD1 . LEU A 1 13  ? 3.681   10.113  12.190  1.00 40.00 ? 106 LEU A CD1 1 
ATOM   119  C  CD2 . LEU A 1 13  ? 4.973   12.282  12.345  1.00 39.26 ? 106 LEU A CD2 1 
ATOM   120  N  N   . ALA A 1 14  ? -0.173  14.020  12.671  1.00 32.82 ? 107 ALA A N   1 
ATOM   121  C  CA  . ALA A 1 14  ? -1.379  14.550  12.050  1.00 31.62 ? 107 ALA A CA  1 
ATOM   122  C  C   . ALA A 1 14  ? -1.439  16.078  12.145  1.00 32.27 ? 107 ALA A C   1 
ATOM   123  O  O   . ALA A 1 14  ? -1.893  16.751  11.217  1.00 31.87 ? 107 ALA A O   1 
ATOM   124  C  CB  . ALA A 1 14  ? -2.606  13.923  12.696  1.00 25.35 ? 107 ALA A CB  1 
ATOM   125  N  N   . GLY A 1 15  ? -0.988  16.622  13.273  1.00 33.82 ? 108 GLY A N   1 
ATOM   126  C  CA  . GLY A 1 15  ? -0.987  18.061  13.451  1.00 34.83 ? 108 GLY A CA  1 
ATOM   127  C  C   . GLY A 1 15  ? -2.329  18.766  13.579  1.00 37.96 ? 108 GLY A C   1 
ATOM   128  O  O   . GLY A 1 15  ? -3.307  18.226  14.103  1.00 36.35 ? 108 GLY A O   1 
ATOM   129  N  N   . ASP A 1 16  ? -2.347  19.995  13.075  1.00 40.42 ? 109 ASP A N   1 
ATOM   130  C  CA  . ASP A 1 16  ? -3.496  20.898  13.106  1.00 42.54 ? 109 ASP A CA  1 
ATOM   131  C  C   . ASP A 1 16  ? -4.883  20.331  12.829  1.00 43.30 ? 109 ASP A C   1 
ATOM   132  O  O   . ASP A 1 16  ? -5.789  20.528  13.633  1.00 42.70 ? 109 ASP A O   1 
ATOM   133  C  CB  . ASP A 1 16  ? -3.235  22.077  12.160  1.00 45.38 ? 109 ASP A CB  1 
ATOM   134  C  CG  . ASP A 1 16  ? -1.958  22.840  12.507  1.00 48.93 ? 109 ASP A CG  1 
ATOM   135  O  OD1 . ASP A 1 16  ? -1.545  23.702  11.696  1.00 49.27 ? 109 ASP A OD1 1 
ATOM   136  O  OD2 . ASP A 1 16  ? -1.367  22.586  13.586  1.00 49.37 ? 109 ASP A OD2 1 
ATOM   137  N  N   . ASP A 1 17  ? -5.072  19.660  11.691  1.00 44.39 ? 110 ASP A N   1 
ATOM   138  C  CA  . ASP A 1 17  ? -6.390  19.105  11.364  1.00 44.17 ? 110 ASP A CA  1 
ATOM   139  C  C   . ASP A 1 17  ? -6.596  17.699  11.920  1.00 43.51 ? 110 ASP A C   1 
ATOM   140  O  O   . ASP A 1 17  ? -7.652  17.086  11.742  1.00 43.09 ? 110 ASP A O   1 
ATOM   141  C  CB  . ASP A 1 17  ? -6.630  19.111  9.851   1.00 44.41 ? 110 ASP A CB  1 
ATOM   142  C  CG  . ASP A 1 17  ? -5.511  18.450  9.074   1.00 44.02 ? 110 ASP A CG  1 
ATOM   143  O  OD1 . ASP A 1 17  ? -4.824  17.570  9.636   1.00 40.96 ? 110 ASP A OD1 1 
ATOM   144  O  OD2 . ASP A 1 17  ? -5.335  18.807  7.890   1.00 45.13 ? 110 ASP A OD2 1 
ATOM   145  N  N   . MET A 1 18  ? -5.566  17.192  12.581  1.00 43.21 ? 111 MET A N   1 
ATOM   146  C  CA  . MET A 1 18  ? -5.618  15.886  13.221  1.00 42.53 ? 111 MET A CA  1 
ATOM   147  C  C   . MET A 1 18  ? -5.820  14.642  12.356  1.00 40.22 ? 111 MET A C   1 
ATOM   148  O  O   . MET A 1 18  ? -6.293  13.606  12.827  1.00 39.64 ? 111 MET A O   1 
ATOM   149  C  CB  . MET A 1 18  ? -6.649  15.947  14.342  1.00 43.72 ? 111 MET A CB  1 
ATOM   150  C  CG  . MET A 1 18  ? -6.154  16.807  15.485  1.00 44.04 ? 111 MET A CG  1 
ATOM   151  S  SD  . MET A 1 18  ? -7.456  17.334  16.536  1.00 48.72 ? 111 MET A SD  1 
ATOM   152  C  CE  . MET A 1 18  ? -7.341  19.132  16.326  1.00 46.33 ? 111 MET A CE  1 
ATOM   153  N  N   . GLU A 1 19  ? -5.464  14.755  11.084  1.00 37.18 ? 112 GLU A N   1 
ATOM   154  C  CA  . GLU A 1 19  ? -5.519  13.624  10.170  1.00 36.08 ? 112 GLU A CA  1 
ATOM   155  C  C   . GLU A 1 19  ? -4.210  13.718  9.400   1.00 34.73 ? 112 GLU A C   1 
ATOM   156  O  O   . GLU A 1 19  ? -3.606  14.791  9.329   1.00 32.78 ? 112 GLU A O   1 
ATOM   157  C  CB  . GLU A 1 19  ? -6.703  13.714  9.198   1.00 35.38 ? 112 GLU A CB  1 
ATOM   158  C  CG  . GLU A 1 19  ? -8.069  13.539  9.836   1.00 33.25 ? 112 GLU A CG  1 
ATOM   159  C  CD  . GLU A 1 19  ? -9.091  12.956  8.867   1.00 35.87 ? 112 GLU A CD  1 
ATOM   160  O  OE1 . GLU A 1 19  ? -8.941  13.150  7.638   1.00 32.85 ? 112 GLU A OE1 1 
ATOM   161  O  OE2 . GLU A 1 19  ? -10.054 12.311  9.338   1.00 35.37 ? 112 GLU A OE2 1 
ATOM   162  N  N   . VAL A 1 20  ? -3.758  12.602  8.844   1.00 32.96 ? 113 VAL A N   1 
ATOM   163  C  CA  . VAL A 1 20  ? -2.518  12.611  8.090   1.00 30.26 ? 113 VAL A CA  1 
ATOM   164  C  C   . VAL A 1 20  ? -2.770  12.772  6.592   1.00 30.75 ? 113 VAL A C   1 
ATOM   165  O  O   . VAL A 1 20  ? -3.419  11.935  5.962   1.00 30.48 ? 113 VAL A O   1 
ATOM   166  C  CB  . VAL A 1 20  ? -1.705  11.326  8.349   1.00 29.20 ? 113 VAL A CB  1 
ATOM   167  C  CG1 . VAL A 1 20  ? -0.557  11.208  7.337   1.00 22.74 ? 113 VAL A CG1 1 
ATOM   168  C  CG2 . VAL A 1 20  ? -1.165  11.353  9.774   1.00 25.36 ? 113 VAL A CG2 1 
ATOM   169  N  N   . SER A 1 21  ? -2.264  13.871  6.040   1.00 29.67 ? 114 SER A N   1 
ATOM   170  C  CA  . SER A 1 21  ? -2.404  14.158  4.621   1.00 29.33 ? 114 SER A CA  1 
ATOM   171  C  C   . SER A 1 21  ? -1.345  13.380  3.843   1.00 27.23 ? 114 SER A C   1 
ATOM   172  O  O   . SER A 1 21  ? -0.554  12.637  4.423   1.00 27.45 ? 114 SER A O   1 
ATOM   173  C  CB  . SER A 1 21  ? -2.218  15.652  4.362   1.00 29.06 ? 114 SER A CB  1 
ATOM   174  O  OG  . SER A 1 21  ? -0.862  16.026  4.537   1.00 28.56 ? 114 SER A OG  1 
ATOM   175  N  N   . ALA A 1 22  ? -1.325  13.566  2.530   1.00 28.33 ? 115 ALA A N   1 
ATOM   176  C  CA  . ALA A 1 22  ? -0.362  12.878  1.676   1.00 28.65 ? 115 ALA A CA  1 
ATOM   177  C  C   . ALA A 1 22  ? 1.035   13.409  1.948   1.00 29.54 ? 115 ALA A C   1 
ATOM   178  O  O   . ALA A 1 22  ? 1.995   12.647  2.037   1.00 30.24 ? 115 ALA A O   1 
ATOM   179  C  CB  . ALA A 1 22  ? -0.726  13.080  0.210   1.00 30.16 ? 115 ALA A CB  1 
ATOM   180  N  N   . THR A 1 23  ? 1.145   14.727  2.074   1.00 31.90 ? 116 THR A N   1 
ATOM   181  C  CA  . THR A 1 23  ? 2.428   15.362  2.345   1.00 31.91 ? 116 THR A CA  1 
ATOM   182  C  C   . THR A 1 23  ? 3.002   14.855  3.666   1.00 32.72 ? 116 THR A C   1 
ATOM   183  O  O   . THR A 1 23  ? 4.184   14.526  3.746   1.00 36.07 ? 116 THR A O   1 
ATOM   184  C  CB  . THR A 1 23  ? 2.284   16.892  2.395   1.00 32.05 ? 116 THR A CB  1 
ATOM   185  O  OG1 . THR A 1 23  ? 1.899   17.374  1.099   1.00 34.34 ? 116 THR A OG1 1 
ATOM   186  C  CG2 . THR A 1 23  ? 3.597   17.541  2.814   1.00 29.43 ? 116 THR A CG2 1 
ATOM   187  N  N   . GLU A 1 24  ? 2.166   14.783  4.697   1.00 31.67 ? 117 GLU A N   1 
ATOM   188  C  CA  . GLU A 1 24  ? 2.617   14.297  5.996   1.00 33.05 ? 117 GLU A CA  1 
ATOM   189  C  C   . GLU A 1 24  ? 3.082   12.845  5.892   1.00 33.01 ? 117 GLU A C   1 
ATOM   190  O  O   . GLU A 1 24  ? 4.178   12.498  6.340   1.00 34.09 ? 117 GLU A O   1 
ATOM   191  C  CB  . GLU A 1 24  ? 1.490   14.444  7.026   1.00 33.39 ? 117 GLU A CB  1 
ATOM   192  C  CG  . GLU A 1 24  ? 1.285   15.896  7.451   1.00 32.73 ? 117 GLU A CG  1 
ATOM   193  C  CD  . GLU A 1 24  ? -0.074  16.172  8.056   1.00 33.58 ? 117 GLU A CD  1 
ATOM   194  O  OE1 . GLU A 1 24  ? -0.268  17.303  8.545   1.00 33.52 ? 117 GLU A OE1 1 
ATOM   195  O  OE2 . GLU A 1 24  ? -0.945  15.276  8.034   1.00 34.17 ? 117 GLU A OE2 1 
ATOM   196  N  N   . LEU A 1 25  ? 2.246   12.005  5.285   1.00 32.79 ? 118 LEU A N   1 
ATOM   197  C  CA  . LEU A 1 25  ? 2.579   10.598  5.087   1.00 31.73 ? 118 LEU A CA  1 
ATOM   198  C  C   . LEU A 1 25  ? 3.913   10.455  4.338   1.00 30.94 ? 118 LEU A C   1 
ATOM   199  O  O   . LEU A 1 25  ? 4.795   9.708   4.763   1.00 29.66 ? 118 LEU A O   1 
ATOM   200  C  CB  . LEU A 1 25  ? 1.472   9.900   4.288   1.00 28.87 ? 118 LEU A CB  1 
ATOM   201  C  CG  . LEU A 1 25  ? 1.800   8.450   3.924   1.00 27.42 ? 118 LEU A CG  1 
ATOM   202  C  CD1 . LEU A 1 25  ? 2.034   7.674   5.205   1.00 27.24 ? 118 LEU A CD1 1 
ATOM   203  C  CD2 . LEU A 1 25  ? 0.669   7.826   3.097   1.00 22.59 ? 118 LEU A CD2 1 
ATOM   204  N  N   . MET A 1 26  ? 4.054   11.183  3.232   1.00 31.85 ? 119 MET A N   1 
ATOM   205  C  CA  . MET A 1 26  ? 5.275   11.130  2.432   1.00 34.23 ? 119 MET A CA  1 
ATOM   206  C  C   . MET A 1 26  ? 6.519   11.457  3.248   1.00 34.85 ? 119 MET A C   1 
ATOM   207  O  O   . MET A 1 26  ? 7.551   10.810  3.104   1.00 35.17 ? 119 MET A O   1 
ATOM   208  C  CB  . MET A 1 26  ? 5.198   12.096  1.247   1.00 33.32 ? 119 MET A CB  1 
ATOM   209  C  CG  . MET A 1 26  ? 6.531   12.255  0.526   1.00 36.08 ? 119 MET A CG  1 
ATOM   210  S  SD  . MET A 1 26  ? 6.530   13.513  -0.762  1.00 35.63 ? 119 MET A SD  1 
ATOM   211  C  CE  . MET A 1 26  ? 6.531   14.996  0.239   1.00 38.88 ? 119 MET A CE  1 
ATOM   212  N  N   . ASN A 1 27  ? 6.416   12.468  4.104   1.00 36.83 ? 120 ASN A N   1 
ATOM   213  C  CA  . ASN A 1 27  ? 7.545   12.870  4.924   1.00 35.95 ? 120 ASN A CA  1 
ATOM   214  C  C   . ASN A 1 27  ? 7.917   11.811  5.946   1.00 35.56 ? 120 ASN A C   1 
ATOM   215  O  O   . ASN A 1 27  ? 9.090   11.456  6.081   1.00 33.81 ? 120 ASN A O   1 
ATOM   216  C  CB  . ASN A 1 27  ? 7.244   14.206  5.607   1.00 37.04 ? 120 ASN A CB  1 
ATOM   217  C  CG  . ASN A 1 27  ? 7.196   15.358  4.617   1.00 37.27 ? 120 ASN A CG  1 
ATOM   218  O  OD1 . ASN A 1 27  ? 7.984   15.406  3.668   1.00 37.61 ? 120 ASN A OD1 1 
ATOM   219  N  ND2 . ASN A 1 27  ? 6.287   16.298  4.839   1.00 35.94 ? 120 ASN A ND2 1 
ATOM   220  N  N   . ILE A 1 28  ? 6.926   11.293  6.660   1.00 35.81 ? 121 ILE A N   1 
ATOM   221  C  CA  . ILE A 1 28  ? 7.208   10.266  7.650   1.00 36.87 ? 121 ILE A CA  1 
ATOM   222  C  C   . ILE A 1 28  ? 7.688   8.966   6.978   1.00 37.45 ? 121 ILE A C   1 
ATOM   223  O  O   . ILE A 1 28  ? 8.616   8.321   7.462   1.00 39.72 ? 121 ILE A O   1 
ATOM   224  C  CB  . ILE A 1 28  ? 5.966   9.984   8.545   1.00 36.50 ? 121 ILE A CB  1 
ATOM   225  C  CG1 . ILE A 1 28  ? 6.336   8.995   9.657   1.00 38.73 ? 121 ILE A CG1 1 
ATOM   226  C  CG2 . ILE A 1 28  ? 4.825   9.440   7.711   1.00 38.09 ? 121 ILE A CG2 1 
ATOM   227  C  CD1 . ILE A 1 28  ? 7.475   9.471   10.572  1.00 40.94 ? 121 ILE A CD1 1 
ATOM   228  N  N   . LEU A 1 29  ? 7.077   8.588   5.860   1.00 38.24 ? 122 LEU A N   1 
ATOM   229  C  CA  . LEU A 1 29  ? 7.492   7.365   5.173   1.00 38.69 ? 122 LEU A CA  1 
ATOM   230  C  C   . LEU A 1 29  ? 8.950   7.449   4.747   1.00 38.73 ? 122 LEU A C   1 
ATOM   231  O  O   . LEU A 1 29  ? 9.720   6.518   4.969   1.00 37.92 ? 122 LEU A O   1 
ATOM   232  C  CB  . LEU A 1 29  ? 6.628   7.098   3.934   1.00 35.66 ? 122 LEU A CB  1 
ATOM   233  C  CG  . LEU A 1 29  ? 5.207   6.593   4.158   1.00 36.03 ? 122 LEU A CG  1 
ATOM   234  C  CD1 . LEU A 1 29  ? 4.556   6.320   2.806   1.00 33.52 ? 122 LEU A CD1 1 
ATOM   235  C  CD2 . LEU A 1 29  ? 5.238   5.330   5.020   1.00 34.95 ? 122 LEU A CD2 1 
ATOM   236  N  N   . ASN A 1 30  ? 9.325   8.562   4.125   1.00 39.42 ? 123 ASN A N   1 
ATOM   237  C  CA  . ASN A 1 30  ? 10.701  8.718   3.677   1.00 41.72 ? 123 ASN A CA  1 
ATOM   238  C  C   . ASN A 1 30  ? 11.673  8.658   4.843   1.00 42.99 ? 123 ASN A C   1 
ATOM   239  O  O   . ASN A 1 30  ? 12.541  7.793   4.883   1.00 44.90 ? 123 ASN A O   1 
ATOM   240  C  CB  . ASN A 1 30  ? 10.882  10.033  2.915   1.00 38.51 ? 123 ASN A CB  1 
ATOM   241  C  CG  . ASN A 1 30  ? 10.244  9.996   1.546   1.00 39.04 ? 123 ASN A CG  1 
ATOM   242  O  OD1 . ASN A 1 30  ? 10.359  9.004   0.826   1.00 37.68 ? 123 ASN A OD1 1 
ATOM   243  N  ND2 . ASN A 1 30  ? 9.573   11.082  1.171   1.00 39.40 ? 123 ASN A ND2 1 
ATOM   244  N  N   . LYS A 1 31  ? 11.514  9.565   5.798   1.00 45.05 ? 124 LYS A N   1 
ATOM   245  C  CA  . LYS A 1 31  ? 12.393  9.607   6.954   1.00 47.06 ? 124 LYS A CA  1 
ATOM   246  C  C   . LYS A 1 31  ? 12.578  8.234   7.585   1.00 47.44 ? 124 LYS A C   1 
ATOM   247  O  O   . LYS A 1 31  ? 13.678  7.898   8.024   1.00 48.48 ? 124 LYS A O   1 
ATOM   248  C  CB  . LYS A 1 31  ? 11.858  10.608  7.986   1.00 49.10 ? 124 LYS A CB  1 
ATOM   249  C  CG  . LYS A 1 31  ? 12.051  12.066  7.559   1.00 52.88 ? 124 LYS A CG  1 
ATOM   250  C  CD  . LYS A 1 31  ? 11.200  13.039  8.377   1.00 55.79 ? 124 LYS A CD  1 
ATOM   251  C  CE  . LYS A 1 31  ? 11.557  13.016  9.855   1.00 57.72 ? 124 LYS A CE  1 
ATOM   252  N  NZ  . LYS A 1 31  ? 10.749  14.005  10.635  1.00 58.18 ? 124 LYS A NZ  1 
ATOM   253  N  N   . VAL A 1 32  ? 11.516  7.435   7.619   1.00 47.20 ? 125 VAL A N   1 
ATOM   254  C  CA  . VAL A 1 32  ? 11.603  6.101   8.200   1.00 47.41 ? 125 VAL A CA  1 
ATOM   255  C  C   . VAL A 1 32  ? 12.331  5.119   7.288   1.00 48.99 ? 125 VAL A C   1 
ATOM   256  O  O   . VAL A 1 32  ? 13.231  4.401   7.735   1.00 50.00 ? 125 VAL A O   1 
ATOM   257  C  CB  . VAL A 1 32  ? 10.200  5.514   8.515   1.00 48.60 ? 125 VAL A CB  1 
ATOM   258  C  CG1 . VAL A 1 32  ? 10.336  4.088   9.045   1.00 45.63 ? 125 VAL A CG1 1 
ATOM   259  C  CG2 . VAL A 1 32  ? 9.488   6.380   9.545   1.00 48.60 ? 125 VAL A CG2 1 
ATOM   260  N  N   . VAL A 1 33  ? 11.955  5.081   6.011   1.00 49.73 ? 126 VAL A N   1 
ATOM   261  C  CA  . VAL A 1 33  ? 12.590  4.147   5.081   1.00 50.93 ? 126 VAL A CA  1 
ATOM   262  C  C   . VAL A 1 33  ? 14.100  4.377   5.019   1.00 52.29 ? 126 VAL A C   1 
ATOM   263  O  O   . VAL A 1 33  ? 14.855  3.489   4.625   1.00 52.04 ? 126 VAL A O   1 
ATOM   264  C  CB  . VAL A 1 33  ? 11.988  4.252   3.643   1.00 49.07 ? 126 VAL A CB  1 
ATOM   265  C  CG1 . VAL A 1 33  ? 12.639  5.383   2.864   1.00 47.04 ? 126 VAL A CG1 1 
ATOM   266  C  CG2 . VAL A 1 33  ? 12.160  2.937   2.918   1.00 48.24 ? 126 VAL A CG2 1 
ATOM   267  N  N   . THR A 1 34  ? 14.534  5.564   5.428   1.00 53.65 ? 127 THR A N   1 
ATOM   268  C  CA  . THR A 1 34  ? 15.949  5.897   5.410   1.00 56.30 ? 127 THR A CA  1 
ATOM   269  C  C   . THR A 1 34  ? 16.733  5.126   6.466   1.00 57.05 ? 127 THR A C   1 
ATOM   270  O  O   . THR A 1 34  ? 17.918  4.856   6.285   1.00 57.16 ? 127 THR A O   1 
ATOM   271  C  CB  . THR A 1 34  ? 16.174  7.402   5.633   1.00 56.72 ? 127 THR A CB  1 
ATOM   272  O  OG1 . THR A 1 34  ? 15.546  8.140   4.578   1.00 58.47 ? 127 THR A OG1 1 
ATOM   273  C  CG2 . THR A 1 34  ? 17.664  7.720   5.642   1.00 57.98 ? 127 THR A CG2 1 
ATOM   274  N  N   . ARG A 1 35  ? 16.078  4.774   7.567   1.00 57.54 ? 128 ARG A N   1 
ATOM   275  C  CA  . ARG A 1 35  ? 16.756  4.031   8.621   1.00 59.09 ? 128 ARG A CA  1 
ATOM   276  C  C   . ARG A 1 35  ? 16.918  2.561   8.232   1.00 59.31 ? 128 ARG A C   1 
ATOM   277  O  O   . ARG A 1 35  ? 17.663  1.818   8.874   1.00 59.85 ? 128 ARG A O   1 
ATOM   278  C  CB  . ARG A 1 35  ? 15.978  4.114   9.940   1.00 60.80 ? 128 ARG A CB  1 
ATOM   279  C  CG  . ARG A 1 35  ? 15.720  5.518   10.475  1.00 63.63 ? 128 ARG A CG  1 
ATOM   280  C  CD  . ARG A 1 35  ? 15.456  5.470   11.981  1.00 66.63 ? 128 ARG A CD  1 
ATOM   281  N  NE  . ARG A 1 35  ? 14.879  6.706   12.506  1.00 69.65 ? 128 ARG A NE  1 
ATOM   282  C  CZ  . ARG A 1 35  ? 13.612  7.072   12.325  1.00 70.46 ? 128 ARG A CZ  1 
ATOM   283  N  NH1 . ARG A 1 35  ? 12.792  6.294   11.635  1.00 70.45 ? 128 ARG A NH1 1 
ATOM   284  N  NH2 . ARG A 1 35  ? 13.159  8.209   12.842  1.00 70.52 ? 128 ARG A NH2 1 
ATOM   285  N  N   . HIS A 1 36  ? 16.219  2.146   7.181   1.00 58.56 ? 129 HIS A N   1 
ATOM   286  C  CA  . HIS A 1 36  ? 16.273  0.762   6.719   1.00 57.76 ? 129 HIS A CA  1 
ATOM   287  C  C   . HIS A 1 36  ? 16.872  0.673   5.316   1.00 57.95 ? 129 HIS A C   1 
ATOM   288  O  O   . HIS A 1 36  ? 16.153  0.469   4.338   1.00 56.71 ? 129 HIS A O   1 
ATOM   289  C  CB  . HIS A 1 36  ? 14.864  0.173   6.716   1.00 57.89 ? 129 HIS A CB  1 
ATOM   290  C  CG  . HIS A 1 36  ? 14.196  0.192   8.056   1.00 56.67 ? 129 HIS A CG  1 
ATOM   291  N  ND1 . HIS A 1 36  ? 14.188  -0.897  8.900   1.00 57.77 ? 129 HIS A ND1 1 
ATOM   292  C  CD2 . HIS A 1 36  ? 13.512  1.168   8.697   1.00 56.39 ? 129 HIS A CD2 1 
ATOM   293  C  CE1 . HIS A 1 36  ? 13.526  -0.594  10.003  1.00 57.34 ? 129 HIS A CE1 1 
ATOM   294  N  NE2 . HIS A 1 36  ? 13.106  0.654   9.905   1.00 56.70 ? 129 HIS A NE2 1 
ATOM   295  N  N   . PRO A 1 37  ? 18.205  0.816   5.207   1.00 59.21 ? 130 PRO A N   1 
ATOM   296  C  CA  . PRO A 1 37  ? 18.926  0.761   3.928   1.00 58.65 ? 130 PRO A CA  1 
ATOM   297  C  C   . PRO A 1 37  ? 18.802  -0.561  3.169   1.00 57.67 ? 130 PRO A C   1 
ATOM   298  O  O   . PRO A 1 37  ? 19.040  -0.610  1.962   1.00 57.30 ? 130 PRO A O   1 
ATOM   299  C  CB  . PRO A 1 37  ? 20.364  1.082   4.333   1.00 58.48 ? 130 PRO A CB  1 
ATOM   300  C  CG  . PRO A 1 37  ? 20.449  0.516   5.717   1.00 59.35 ? 130 PRO A CG  1 
ATOM   301  C  CD  . PRO A 1 37  ? 19.149  0.978   6.328   1.00 59.62 ? 130 PRO A CD  1 
ATOM   302  N  N   . ASP A 1 38  ? 18.431  -1.625  3.878   1.00 57.07 ? 131 ASP A N   1 
ATOM   303  C  CA  . ASP A 1 38  ? 18.252  -2.935  3.258   1.00 56.46 ? 131 ASP A CA  1 
ATOM   304  C  C   . ASP A 1 38  ? 16.984  -2.930  2.402   1.00 55.55 ? 131 ASP A C   1 
ATOM   305  O  O   . ASP A 1 38  ? 16.637  -3.929  1.774   1.00 56.02 ? 131 ASP A O   1 
ATOM   306  C  CB  . ASP A 1 38  ? 18.162  -4.023  4.330   1.00 57.55 ? 131 ASP A CB  1 
ATOM   307  C  CG  . ASP A 1 38  ? 17.051  -3.767  5.328   1.00 60.27 ? 131 ASP A CG  1 
ATOM   308  O  OD1 . ASP A 1 38  ? 16.968  -2.631  5.844   1.00 60.25 ? 131 ASP A OD1 1 
ATOM   309  O  OD2 . ASP A 1 38  ? 16.265  -4.702  5.606   1.00 62.72 ? 131 ASP A OD2 1 
ATOM   310  N  N   . LEU A 1 39  ? 16.293  -1.793  2.390   1.00 54.38 ? 132 LEU A N   1 
ATOM   311  C  CA  . LEU A 1 39  ? 15.083  -1.617  1.590   1.00 51.76 ? 132 LEU A CA  1 
ATOM   312  C  C   . LEU A 1 39  ? 15.400  -0.556  0.540   1.00 50.28 ? 132 LEU A C   1 
ATOM   313  O  O   . LEU A 1 39  ? 15.162  0.629   0.761   1.00 51.58 ? 132 LEU A O   1 
ATOM   314  C  CB  . LEU A 1 39  ? 13.923  -1.128  2.458   1.00 50.64 ? 132 LEU A CB  1 
ATOM   315  C  CG  . LEU A 1 39  ? 13.508  -1.982  3.657   1.00 51.94 ? 132 LEU A CG  1 
ATOM   316  C  CD1 . LEU A 1 39  ? 12.356  -1.300  4.377   1.00 51.65 ? 132 LEU A CD1 1 
ATOM   317  C  CD2 . LEU A 1 39  ? 13.104  -3.374  3.196   1.00 52.21 ? 132 LEU A CD2 1 
ATOM   318  N  N   . LYS A 1 40  ? 15.948  -0.973  -0.597  1.00 48.58 ? 133 LYS A N   1 
ATOM   319  C  CA  . LYS A 1 40  ? 16.292  -0.015  -1.640  1.00 47.44 ? 133 LYS A CA  1 
ATOM   320  C  C   . LYS A 1 40  ? 15.046  0.718   -2.121  1.00 44.93 ? 133 LYS A C   1 
ATOM   321  O  O   . LYS A 1 40  ? 13.962  0.145   -2.170  1.00 45.43 ? 133 LYS A O   1 
ATOM   322  C  CB  . LYS A 1 40  ? 16.964  -0.717  -2.819  1.00 49.19 ? 133 LYS A CB  1 
ATOM   323  C  CG  . LYS A 1 40  ? 17.594  0.248   -3.807  1.00 50.78 ? 133 LYS A CG  1 
ATOM   324  C  CD  . LYS A 1 40  ? 18.119  -0.470  -5.032  1.00 54.65 ? 133 LYS A CD  1 
ATOM   325  C  CE  . LYS A 1 40  ? 18.804  0.502   -5.981  1.00 56.62 ? 133 LYS A CE  1 
ATOM   326  N  NZ  . LYS A 1 40  ? 19.213  -0.150  -7.260  1.00 59.08 ? 133 LYS A NZ  1 
ATOM   327  N  N   . THR A 1 41  ? 15.211  1.988   -2.469  1.00 42.56 ? 134 THR A N   1 
ATOM   328  C  CA  . THR A 1 41  ? 14.106  2.811   -2.932  1.00 40.32 ? 134 THR A CA  1 
ATOM   329  C  C   . THR A 1 41  ? 14.575  4.181   -3.371  1.00 39.81 ? 134 THR A C   1 
ATOM   330  O  O   . THR A 1 41  ? 15.535  4.723   -2.830  1.00 40.72 ? 134 THR A O   1 
ATOM   331  C  CB  . THR A 1 41  ? 13.038  3.017   -1.826  1.00 40.71 ? 134 THR A CB  1 
ATOM   332  O  OG1 . THR A 1 41  ? 12.141  4.062   -2.224  1.00 40.84 ? 134 THR A OG1 1 
ATOM   333  C  CG2 . THR A 1 41  ? 13.687  3.402   -0.504  1.00 37.74 ? 134 THR A CG2 1 
ATOM   334  N  N   . ASP A 1 42  ? 13.887  4.742   -4.354  1.00 39.19 ? 135 ASP A N   1 
ATOM   335  C  CA  . ASP A 1 42  ? 14.222  6.068   -4.844  1.00 38.78 ? 135 ASP A CA  1 
ATOM   336  C  C   . ASP A 1 42  ? 13.350  7.065   -4.082  1.00 38.43 ? 135 ASP A C   1 
ATOM   337  O  O   . ASP A 1 42  ? 13.246  8.235   -4.450  1.00 39.58 ? 135 ASP A O   1 
ATOM   338  C  CB  . ASP A 1 42  ? 13.981  6.146   -6.358  1.00 39.93 ? 135 ASP A CB  1 
ATOM   339  C  CG  . ASP A 1 42  ? 12.539  5.855   -6.741  1.00 41.74 ? 135 ASP A CG  1 
ATOM   340  O  OD1 . ASP A 1 42  ? 11.907  5.002   -6.082  1.00 43.66 ? 135 ASP A OD1 1 
ATOM   341  O  OD2 . ASP A 1 42  ? 12.046  6.472   -7.713  1.00 41.97 ? 135 ASP A OD2 1 
ATOM   342  N  N   . GLY A 1 43  ? 12.728  6.573   -3.011  1.00 38.05 ? 136 GLY A N   1 
ATOM   343  C  CA  . GLY A 1 43  ? 11.873  7.394   -2.171  1.00 35.60 ? 136 GLY A CA  1 
ATOM   344  C  C   . GLY A 1 43  ? 10.385  7.333   -2.470  1.00 35.53 ? 136 GLY A C   1 
ATOM   345  O  O   . GLY A 1 43  ? 9.965   6.863   -3.526  1.00 34.22 ? 136 GLY A O   1 
ATOM   346  N  N   . PHE A 1 44  ? 9.579   7.796   -1.518  1.00 35.07 ? 137 PHE A N   1 
ATOM   347  C  CA  . PHE A 1 44  ? 8.139   7.844   -1.705  1.00 31.82 ? 137 PHE A CA  1 
ATOM   348  C  C   . PHE A 1 44  ? 7.803   9.210   -2.289  1.00 30.43 ? 137 PHE A C   1 
ATOM   349  O  O   . PHE A 1 44  ? 7.955   10.223  -1.625  1.00 32.89 ? 137 PHE A O   1 
ATOM   350  C  CB  . PHE A 1 44  ? 7.394   7.683   -0.379  1.00 30.62 ? 137 PHE A CB  1 
ATOM   351  C  CG  . PHE A 1 44  ? 7.370   6.277   0.144   1.00 30.24 ? 137 PHE A CG  1 
ATOM   352  C  CD1 . PHE A 1 44  ? 8.386   5.809   0.978   1.00 28.26 ? 137 PHE A CD1 1 
ATOM   353  C  CD2 . PHE A 1 44  ? 6.337   5.411   -0.210  1.00 29.27 ? 137 PHE A CD2 1 
ATOM   354  C  CE1 . PHE A 1 44  ? 8.374   4.502   1.453   1.00 26.49 ? 137 PHE A CE1 1 
ATOM   355  C  CE2 . PHE A 1 44  ? 6.314   4.099   0.257   1.00 29.24 ? 137 PHE A CE2 1 
ATOM   356  C  CZ  . PHE A 1 44  ? 7.337   3.643   1.093   1.00 28.56 ? 137 PHE A CZ  1 
ATOM   357  N  N   . GLY A 1 45  ? 7.349   9.231   -3.534  1.00 30.28 ? 138 GLY A N   1 
ATOM   358  C  CA  . GLY A 1 45  ? 6.984   10.482  -4.168  1.00 30.05 ? 138 GLY A CA  1 
ATOM   359  C  C   . GLY A 1 45  ? 5.601   10.937  -3.727  1.00 31.84 ? 138 GLY A C   1 
ATOM   360  O  O   . GLY A 1 45  ? 4.770   10.119  -3.295  1.00 29.73 ? 138 GLY A O   1 
ATOM   361  N  N   . ILE A 1 46  ? 5.353   12.241  -3.846  1.00 30.54 ? 139 ILE A N   1 
ATOM   362  C  CA  . ILE A 1 46  ? 4.073   12.816  -3.459  1.00 30.60 ? 139 ILE A CA  1 
ATOM   363  C  C   . ILE A 1 46  ? 2.876   12.150  -4.140  1.00 31.41 ? 139 ILE A C   1 
ATOM   364  O  O   . ILE A 1 46  ? 1.864   11.876  -3.492  1.00 32.62 ? 139 ILE A O   1 
ATOM   365  C  CB  . ILE A 1 46  ? 4.020   14.341  -3.748  1.00 29.60 ? 139 ILE A CB  1 
ATOM   366  C  CG1 . ILE A 1 46  ? 2.685   14.907  -3.261  1.00 29.41 ? 139 ILE A CG1 1 
ATOM   367  C  CG2 . ILE A 1 46  ? 4.178   14.611  -5.233  1.00 23.51 ? 139 ILE A CG2 1 
ATOM   368  C  CD1 . ILE A 1 46  ? 2.395   14.616  -1.796  1.00 30.95 ? 139 ILE A CD1 1 
ATOM   369  N  N   . ASP A 1 47  ? 2.988   11.883  -5.436  1.00 29.94 ? 140 ASP A N   1 
ATOM   370  C  CA  . ASP A 1 47  ? 1.888   11.261  -6.165  1.00 31.48 ? 140 ASP A CA  1 
ATOM   371  C  C   . ASP A 1 47  ? 1.557   9.866   -5.623  1.00 30.51 ? 140 ASP A C   1 
ATOM   372  O  O   . ASP A 1 47  ? 0.387   9.517   -5.455  1.00 31.10 ? 140 ASP A O   1 
ATOM   373  C  CB  . ASP A 1 47  ? 2.211   11.217  -7.662  1.00 33.57 ? 140 ASP A CB  1 
ATOM   374  C  CG  . ASP A 1 47  ? 2.391   12.625  -8.267  1.00 39.61 ? 140 ASP A CG  1 
ATOM   375  O  OD1 . ASP A 1 47  ? 1.417   13.419  -8.273  1.00 40.91 ? 140 ASP A OD1 1 
ATOM   376  O  OD2 . ASP A 1 47  ? 3.511   12.940  -8.734  1.00 41.19 ? 140 ASP A OD2 1 
ATOM   377  N  N   . THR A 1 48  ? 2.583   9.079   -5.329  1.00 28.61 ? 141 THR A N   1 
ATOM   378  C  CA  . THR A 1 48  ? 2.380   7.746   -4.783  1.00 28.79 ? 141 THR A CA  1 
ATOM   379  C  C   . THR A 1 48  ? 1.650   7.856   -3.447  1.00 29.35 ? 141 THR A C   1 
ATOM   380  O  O   . THR A 1 48  ? 0.749   7.072   -3.152  1.00 28.46 ? 141 THR A O   1 
ATOM   381  C  CB  . THR A 1 48  ? 3.727   7.031   -4.558  1.00 28.84 ? 141 THR A CB  1 
ATOM   382  O  OG1 . THR A 1 48  ? 4.363   6.810   -5.820  1.00 29.75 ? 141 THR A OG1 1 
ATOM   383  C  CG2 . THR A 1 48  ? 3.524   5.704   -3.865  1.00 29.75 ? 141 THR A CG2 1 
ATOM   384  N  N   . CYS A 1 49  ? 2.032   8.846   -2.647  1.00 30.70 ? 142 CYS A N   1 
ATOM   385  C  CA  . CYS A 1 49  ? 1.416   9.042   -1.343  1.00 31.56 ? 142 CYS A CA  1 
ATOM   386  C  C   . CYS A 1 49  ? -0.034  9.509   -1.428  1.00 30.88 ? 142 CYS A C   1 
ATOM   387  O  O   . CYS A 1 49  ? -0.847  9.189   -0.562  1.00 27.99 ? 142 CYS A O   1 
ATOM   388  C  CB  . CYS A 1 49  ? 2.258   10.013  -0.518  1.00 33.03 ? 142 CYS A CB  1 
ATOM   389  S  SG  . CYS A 1 49  ? 3.880   9.319   -0.106  1.00 34.44 ? 142 CYS A SG  1 
ATOM   390  N  N   . ARG A 1 50  ? -0.362  10.250  -2.478  1.00 31.50 ? 143 ARG A N   1 
ATOM   391  C  CA  . ARG A 1 50  ? -1.725  10.718  -2.662  1.00 31.37 ? 143 ARG A CA  1 
ATOM   392  C  C   . ARG A 1 50  ? -2.629  9.540   -3.048  1.00 31.25 ? 143 ARG A C   1 
ATOM   393  O  O   . ARG A 1 50  ? -3.817  9.530   -2.720  1.00 30.74 ? 143 ARG A O   1 
ATOM   394  C  CB  . ARG A 1 50  ? -1.746  11.817  -3.720  1.00 34.57 ? 143 ARG A CB  1 
ATOM   395  C  CG  . ARG A 1 50  ? -0.867  12.998  -3.315  1.00 42.24 ? 143 ARG A CG  1 
ATOM   396  C  CD  . ARG A 1 50  ? -0.708  14.031  -4.413  1.00 47.61 ? 143 ARG A CD  1 
ATOM   397  N  NE  . ARG A 1 50  ? -1.921  14.811  -4.616  1.00 54.30 ? 143 ARG A NE  1 
ATOM   398  C  CZ  . ARG A 1 50  ? -2.372  15.733  -3.770  1.00 57.93 ? 143 ARG A CZ  1 
ATOM   399  N  NH1 . ARG A 1 50  ? -3.492  16.386  -4.052  1.00 56.43 ? 143 ARG A NH1 1 
ATOM   400  N  NH2 . ARG A 1 50  ? -1.708  16.009  -2.647  1.00 57.95 ? 143 ARG A NH2 1 
ATOM   401  N  N   . SER A 1 51  ? -2.058  8.535   -3.713  1.00 29.31 ? 144 SER A N   1 
ATOM   402  C  CA  . SER A 1 51  ? -2.818  7.347   -4.109  1.00 28.39 ? 144 SER A CA  1 
ATOM   403  C  C   . SER A 1 51  ? -3.105  6.475   -2.898  1.00 25.53 ? 144 SER A C   1 
ATOM   404  O  O   . SER A 1 51  ? -4.227  6.022   -2.704  1.00 25.10 ? 144 SER A O   1 
ATOM   405  C  CB  . SER A 1 51  ? -2.050  6.514   -5.143  1.00 30.43 ? 144 SER A CB  1 
ATOM   406  O  OG  . SER A 1 51  ? -1.944  7.202   -6.377  1.00 36.23 ? 144 SER A OG  1 
ATOM   407  N  N   . MET A 1 52  ? -2.080  6.233   -2.091  1.00 24.72 ? 145 MET A N   1 
ATOM   408  C  CA  . MET A 1 52  ? -2.246  5.418   -0.902  1.00 25.85 ? 145 MET A CA  1 
ATOM   409  C  C   . MET A 1 52  ? -3.284  6.048   0.021   1.00 25.81 ? 145 MET A C   1 
ATOM   410  O  O   . MET A 1 52  ? -4.150  5.351   0.543   1.00 26.71 ? 145 MET A O   1 
ATOM   411  C  CB  . MET A 1 52  ? -0.918  5.259   -0.146  1.00 27.35 ? 145 MET A CB  1 
ATOM   412  C  CG  . MET A 1 52  ? 0.143   4.398   -0.854  1.00 29.31 ? 145 MET A CG  1 
ATOM   413  S  SD  . MET A 1 52  ? 1.560   4.005   0.229   1.00 33.87 ? 145 MET A SD  1 
ATOM   414  C  CE  . MET A 1 52  ? 2.466   5.562   0.157   1.00 28.62 ? 145 MET A CE  1 
ATOM   415  N  N   . VAL A 1 53  ? -3.193  7.362   0.227   1.00 26.11 ? 146 VAL A N   1 
ATOM   416  C  CA  . VAL A 1 53  ? -4.142  8.054   1.092   1.00 25.81 ? 146 VAL A CA  1 
ATOM   417  C  C   . VAL A 1 53  ? -5.573  7.876   0.593   1.00 26.40 ? 146 VAL A C   1 
ATOM   418  O  O   . VAL A 1 53  ? -6.412  7.340   1.311   1.00 26.49 ? 146 VAL A O   1 
ATOM   419  C  CB  . VAL A 1 53  ? -3.835  9.573   1.197   1.00 26.63 ? 146 VAL A CB  1 
ATOM   420  C  CG1 . VAL A 1 53  ? -5.048  10.312  1.752   1.00 24.43 ? 146 VAL A CG1 1 
ATOM   421  C  CG2 . VAL A 1 53  ? -2.647  9.805   2.117   1.00 25.71 ? 146 VAL A CG2 1 
ATOM   422  N  N   . ALA A 1 54  ? -5.844  8.317   -0.633  1.00 27.12 ? 147 ALA A N   1 
ATOM   423  C  CA  . ALA A 1 54  ? -7.189  8.214   -1.212  1.00 29.00 ? 147 ALA A CA  1 
ATOM   424  C  C   . ALA A 1 54  ? -7.739  6.802   -1.148  1.00 29.16 ? 147 ALA A C   1 
ATOM   425  O  O   . ALA A 1 54  ? -8.899  6.584   -0.791  1.00 31.33 ? 147 ALA A O   1 
ATOM   426  C  CB  . ALA A 1 54  ? -7.182  8.689   -2.671  1.00 26.59 ? 147 ALA A CB  1 
ATOM   427  N  N   . VAL A 1 55  ? -6.903  5.838   -1.499  1.00 27.51 ? 148 VAL A N   1 
ATOM   428  C  CA  . VAL A 1 55  ? -7.327  4.452   -1.495  1.00 28.15 ? 148 VAL A CA  1 
ATOM   429  C  C   . VAL A 1 55  ? -7.632  3.960   -0.076  1.00 28.57 ? 148 VAL A C   1 
ATOM   430  O  O   . VAL A 1 55  ? -8.370  2.993   0.097   1.00 29.63 ? 148 VAL A O   1 
ATOM   431  C  CB  . VAL A 1 55  ? -6.253  3.576   -2.189  1.00 25.20 ? 148 VAL A CB  1 
ATOM   432  C  CG1 . VAL A 1 55  ? -5.588  2.627   -1.202  1.00 23.34 ? 148 VAL A CG1 1 
ATOM   433  C  CG2 . VAL A 1 55  ? -6.882  2.848   -3.340  1.00 24.85 ? 148 VAL A CG2 1 
ATOM   434  N  N   . MET A 1 56  ? -7.055  4.630   0.924   1.00 29.27 ? 149 MET A N   1 
ATOM   435  C  CA  . MET A 1 56  ? -7.264  4.298   2.338   1.00 31.23 ? 149 MET A CA  1 
ATOM   436  C  C   . MET A 1 56  ? -8.358  5.176   2.971   1.00 32.13 ? 149 MET A C   1 
ATOM   437  O  O   . MET A 1 56  ? -8.845  4.885   4.062   1.00 31.14 ? 149 MET A O   1 
ATOM   438  C  CB  . MET A 1 56  ? -5.977  4.500   3.141   1.00 32.35 ? 149 MET A CB  1 
ATOM   439  C  CG  . MET A 1 56  ? -4.923  3.418   2.979   1.00 36.44 ? 149 MET A CG  1 
ATOM   440  S  SD  . MET A 1 56  ? -5.558  1.800   3.421   1.00 42.38 ? 149 MET A SD  1 
ATOM   441  C  CE  . MET A 1 56  ? -6.247  2.144   5.032   1.00 43.36 ? 149 MET A CE  1 
ATOM   442  N  N   . ASP A 1 57  ? -8.739  6.241   2.269   1.00 32.10 ? 150 ASP A N   1 
ATOM   443  C  CA  . ASP A 1 57  ? -9.744  7.186   2.750   1.00 33.66 ? 150 ASP A CA  1 
ATOM   444  C  C   . ASP A 1 57  ? -11.176 6.651   2.634   1.00 34.66 ? 150 ASP A C   1 
ATOM   445  O  O   . ASP A 1 57  ? -11.917 7.046   1.741   1.00 36.17 ? 150 ASP A O   1 
ATOM   446  C  CB  . ASP A 1 57  ? -9.587  8.492   1.969   1.00 33.19 ? 150 ASP A CB  1 
ATOM   447  C  CG  . ASP A 1 57  ? -10.337 9.648   2.594   1.00 29.79 ? 150 ASP A CG  1 
ATOM   448  O  OD1 . ASP A 1 57  ? -10.456 9.665   3.829   1.00 29.17 ? 150 ASP A OD1 1 
ATOM   449  O  OD2 . ASP A 1 57  ? -10.786 10.546  1.849   1.00 26.33 ? 150 ASP A OD2 1 
ATOM   450  N  N   . SER A 1 58  ? -11.559 5.764   3.551   1.00 34.95 ? 151 SER A N   1 
ATOM   451  C  CA  . SER A 1 58  ? -12.891 5.155   3.540   1.00 36.37 ? 151 SER A CA  1 
ATOM   452  C  C   . SER A 1 58  ? -14.001 6.143   3.867   1.00 36.52 ? 151 SER A C   1 
ATOM   453  O  O   . SER A 1 58  ? -15.102 6.047   3.332   1.00 37.19 ? 151 SER A O   1 
ATOM   454  C  CB  . SER A 1 58  ? -12.964 4.014   4.551   1.00 36.89 ? 151 SER A CB  1 
ATOM   455  O  OG  . SER A 1 58  ? -11.793 3.224   4.525   1.00 45.43 ? 151 SER A OG  1 
ATOM   456  N  N   . ASP A 1 59  ? -13.720 7.078   4.766   1.00 36.58 ? 152 ASP A N   1 
ATOM   457  C  CA  . ASP A 1 59  ? -14.721 8.062   5.155   1.00 36.93 ? 152 ASP A CA  1 
ATOM   458  C  C   . ASP A 1 59  ? -14.633 9.342   4.330   1.00 36.33 ? 152 ASP A C   1 
ATOM   459  O  O   . ASP A 1 59  ? -15.273 10.334  4.657   1.00 35.85 ? 152 ASP A O   1 
ATOM   460  C  CB  . ASP A 1 59  ? -14.596 8.393   6.649   1.00 35.53 ? 152 ASP A CB  1 
ATOM   461  C  CG  . ASP A 1 59  ? -13.212 8.875   7.030   1.00 35.13 ? 152 ASP A CG  1 
ATOM   462  O  OD1 . ASP A 1 59  ? -12.459 9.325   6.138   1.00 31.50 ? 152 ASP A OD1 1 
ATOM   463  O  OD2 . ASP A 1 59  ? -12.890 8.815   8.232   1.00 35.37 ? 152 ASP A OD2 1 
ATOM   464  N  N   . THR A 1 60  ? -13.841 9.303   3.260   1.00 37.31 ? 153 THR A N   1 
ATOM   465  C  CA  . THR A 1 60  ? -13.652 10.450  2.367   1.00 38.95 ? 153 THR A CA  1 
ATOM   466  C  C   . THR A 1 60  ? -13.459 11.812  3.036   1.00 38.36 ? 153 THR A C   1 
ATOM   467  O  O   . THR A 1 60  ? -14.134 12.781  2.694   1.00 37.39 ? 153 THR A O   1 
ATOM   468  C  CB  . THR A 1 60  ? -14.811 10.581  1.346   1.00 40.43 ? 153 THR A CB  1 
ATOM   469  O  OG1 . THR A 1 60  ? -16.064 10.444  2.024   1.00 41.15 ? 153 THR A OG1 1 
ATOM   470  C  CG2 . THR A 1 60  ? -14.693 9.513   0.257   1.00 43.15 ? 153 THR A CG2 1 
ATOM   471  N  N   . THR A 1 61  ? -12.533 11.876  3.988   1.00 36.73 ? 154 THR A N   1 
ATOM   472  C  CA  . THR A 1 61  ? -12.220 13.125  4.660   1.00 34.44 ? 154 THR A CA  1 
ATOM   473  C  C   . THR A 1 61  ? -11.076 13.759  3.866   1.00 34.94 ? 154 THR A C   1 
ATOM   474  O  O   . THR A 1 61  ? -10.674 14.902  4.119   1.00 34.40 ? 154 THR A O   1 
ATOM   475  C  CB  . THR A 1 61  ? -11.762 12.882  6.110   1.00 34.15 ? 154 THR A CB  1 
ATOM   476  O  OG1 . THR A 1 61  ? -10.682 11.944  6.114   1.00 32.86 ? 154 THR A OG1 1 
ATOM   477  C  CG2 . THR A 1 61  ? -12.922 12.346  6.962   1.00 30.99 ? 154 THR A CG2 1 
ATOM   478  N  N   . GLY A 1 62  ? -10.572 13.002  2.888   1.00 32.37 ? 155 GLY A N   1 
ATOM   479  C  CA  . GLY A 1 62  ? -9.476  13.457  2.053   1.00 28.24 ? 155 GLY A CA  1 
ATOM   480  C  C   . GLY A 1 62  ? -8.137  13.133  2.686   1.00 28.85 ? 155 GLY A C   1 
ATOM   481  O  O   . GLY A 1 62  ? -7.085  13.256  2.046   1.00 27.41 ? 155 GLY A O   1 
ATOM   482  N  N   . LYS A 1 63  ? -8.173  12.718  3.950   1.00 28.10 ? 156 LYS A N   1 
ATOM   483  C  CA  . LYS A 1 63  ? -6.945  12.387  4.671   1.00 28.23 ? 156 LYS A CA  1 
ATOM   484  C  C   . LYS A 1 63  ? -7.145  11.171  5.556   1.00 27.41 ? 156 LYS A C   1 
ATOM   485  O  O   . LYS A 1 63  ? -8.241  10.620  5.643   1.00 25.99 ? 156 LYS A O   1 
ATOM   486  C  CB  . LYS A 1 63  ? -6.477  13.566  5.537   1.00 27.19 ? 156 LYS A CB  1 
ATOM   487  C  CG  . LYS A 1 63  ? -6.479  14.921  4.838   1.00 27.18 ? 156 LYS A CG  1 
ATOM   488  C  CD  . LYS A 1 63  ? -5.695  15.956  5.664   1.00 32.15 ? 156 LYS A CD  1 
ATOM   489  C  CE  . LYS A 1 63  ? -6.225  17.372  5.476   1.00 32.18 ? 156 LYS A CE  1 
ATOM   490  N  NZ  . LYS A 1 63  ? -6.235  17.808  4.054   1.00 35.49 ? 156 LYS A NZ  1 
ATOM   491  N  N   . LEU A 1 64  ? -6.076  10.768  6.229   1.00 26.88 ? 157 LEU A N   1 
ATOM   492  C  CA  . LEU A 1 64  ? -6.128  9.598   7.085   1.00 28.33 ? 157 LEU A CA  1 
ATOM   493  C  C   . LEU A 1 64  ? -6.388  9.907   8.548   1.00 29.44 ? 157 LEU A C   1 
ATOM   494  O  O   . LEU A 1 64  ? -5.642  10.666  9.178   1.00 27.94 ? 157 LEU A O   1 
ATOM   495  C  CB  . LEU A 1 64  ? -4.821  8.802   6.980   1.00 27.20 ? 157 LEU A CB  1 
ATOM   496  C  CG  . LEU A 1 64  ? -4.343  8.427   5.579   1.00 28.43 ? 157 LEU A CG  1 
ATOM   497  C  CD1 . LEU A 1 64  ? -3.052  7.639   5.688   1.00 28.40 ? 157 LEU A CD1 1 
ATOM   498  C  CD2 . LEU A 1 64  ? -5.415  7.616   4.858   1.00 29.94 ? 157 LEU A CD2 1 
ATOM   499  N  N   . GLY A 1 65  ? -7.458  9.308   9.067   1.00 29.39 ? 158 GLY A N   1 
ATOM   500  C  CA  . GLY A 1 65  ? -7.808  9.445   10.461  1.00 27.35 ? 158 GLY A CA  1 
ATOM   501  C  C   . GLY A 1 65  ? -6.961  8.422   11.193  1.00 29.92 ? 158 GLY A C   1 
ATOM   502  O  O   . GLY A 1 65  ? -6.158  7.722   10.566  1.00 29.58 ? 158 GLY A O   1 
ATOM   503  N  N   . PHE A 1 66  ? -7.145  8.300   12.503  1.00 30.77 ? 159 PHE A N   1 
ATOM   504  C  CA  . PHE A 1 66  ? -6.336  7.370   13.277  1.00 32.92 ? 159 PHE A CA  1 
ATOM   505  C  C   . PHE A 1 66  ? -6.397  5.906   12.840  1.00 34.36 ? 159 PHE A C   1 
ATOM   506  O  O   . PHE A 1 66  ? -5.360  5.288   12.622  1.00 36.17 ? 159 PHE A O   1 
ATOM   507  C  CB  . PHE A 1 66  ? -6.681  7.461   14.766  1.00 30.54 ? 159 PHE A CB  1 
ATOM   508  C  CG  . PHE A 1 66  ? -5.932  6.475   15.608  1.00 27.93 ? 159 PHE A CG  1 
ATOM   509  C  CD1 . PHE A 1 66  ? -4.554  6.564   15.738  1.00 28.65 ? 159 PHE A CD1 1 
ATOM   510  C  CD2 . PHE A 1 66  ? -6.597  5.430   16.235  1.00 29.89 ? 159 PHE A CD2 1 
ATOM   511  C  CE1 . PHE A 1 66  ? -3.840  5.629   16.477  1.00 27.39 ? 159 PHE A CE1 1 
ATOM   512  C  CE2 . PHE A 1 66  ? -5.892  4.487   16.980  1.00 29.70 ? 159 PHE A CE2 1 
ATOM   513  C  CZ  . PHE A 1 66  ? -4.511  4.591   17.098  1.00 29.33 ? 159 PHE A CZ  1 
ATOM   514  N  N   . GLU A 1 67  ? -7.601  5.352   12.732  1.00 34.17 ? 160 GLU A N   1 
ATOM   515  C  CA  . GLU A 1 67  ? -7.763  3.957   12.335  1.00 35.52 ? 160 GLU A CA  1 
ATOM   516  C  C   . GLU A 1 67  ? -7.175  3.676   10.946  1.00 34.94 ? 160 GLU A C   1 
ATOM   517  O  O   . GLU A 1 67  ? -6.389  2.740   10.774  1.00 35.54 ? 160 GLU A O   1 
ATOM   518  C  CB  . GLU A 1 67  ? -9.246  3.572   12.373  1.00 37.68 ? 160 GLU A CB  1 
ATOM   519  C  CG  . GLU A 1 67  ? -9.852  3.588   13.783  1.00 40.59 ? 160 GLU A CG  1 
ATOM   520  C  CD  . GLU A 1 67  ? -9.281  2.502   14.684  1.00 42.67 ? 160 GLU A CD  1 
ATOM   521  O  OE1 . GLU A 1 67  ? -9.389  2.627   15.923  1.00 44.78 ? 160 GLU A OE1 1 
ATOM   522  O  OE2 . GLU A 1 67  ? -8.733  1.513   14.155  1.00 45.12 ? 160 GLU A OE2 1 
ATOM   523  N  N   . GLU A 1 68  ? -7.548  4.489   9.963   1.00 33.42 ? 161 GLU A N   1 
ATOM   524  C  CA  . GLU A 1 68  ? -7.038  4.325   8.612   1.00 31.30 ? 161 GLU A CA  1 
ATOM   525  C  C   . GLU A 1 68  ? -5.516  4.276   8.638   1.00 32.05 ? 161 GLU A C   1 
ATOM   526  O  O   . GLU A 1 68  ? -4.907  3.381   8.049   1.00 32.25 ? 161 GLU A O   1 
ATOM   527  C  CB  . GLU A 1 68  ? -7.497  5.484   7.728   1.00 30.35 ? 161 GLU A CB  1 
ATOM   528  C  CG  . GLU A 1 68  ? -8.994  5.532   7.491   1.00 29.32 ? 161 GLU A CG  1 
ATOM   529  C  CD  . GLU A 1 68  ? -9.429  6.835   6.842   1.00 32.39 ? 161 GLU A CD  1 
ATOM   530  O  OE1 . GLU A 1 68  ? -8.551  7.684   6.585   1.00 34.94 ? 161 GLU A OE1 1 
ATOM   531  O  OE2 . GLU A 1 68  ? -10.641 7.015   6.590   1.00 32.44 ? 161 GLU A OE2 1 
ATOM   532  N  N   . PHE A 1 69  ? -4.903  5.230   9.334   1.00 31.28 ? 162 PHE A N   1 
ATOM   533  C  CA  . PHE A 1 69  ? -3.448  5.293   9.421   1.00 29.12 ? 162 PHE A CA  1 
ATOM   534  C  C   . PHE A 1 69  ? -2.886  4.084   10.164  1.00 28.68 ? 162 PHE A C   1 
ATOM   535  O  O   . PHE A 1 69  ? -1.790  3.608   9.853   1.00 26.21 ? 162 PHE A O   1 
ATOM   536  C  CB  . PHE A 1 69  ? -3.013  6.579   10.129  1.00 26.49 ? 162 PHE A CB  1 
ATOM   537  C  CG  . PHE A 1 69  ? -1.528  6.699   10.319  1.00 24.39 ? 162 PHE A CG  1 
ATOM   538  C  CD1 . PHE A 1 69  ? -0.722  7.204   9.309   1.00 24.08 ? 162 PHE A CD1 1 
ATOM   539  C  CD2 . PHE A 1 69  ? -0.935  6.312   11.517  1.00 26.26 ? 162 PHE A CD2 1 
ATOM   540  C  CE1 . PHE A 1 69  ? 0.651   7.325   9.481   1.00 24.29 ? 162 PHE A CE1 1 
ATOM   541  C  CE2 . PHE A 1 69  ? 0.452   6.428   11.708  1.00 26.63 ? 162 PHE A CE2 1 
ATOM   542  C  CZ  . PHE A 1 69  ? 1.246   6.938   10.687  1.00 24.28 ? 162 PHE A CZ  1 
ATOM   543  N  N   . LYS A 1 70  ? -3.632  3.601   11.153  1.00 29.75 ? 163 LYS A N   1 
ATOM   544  C  CA  . LYS A 1 70  ? -3.198  2.447   11.931  1.00 31.76 ? 163 LYS A CA  1 
ATOM   545  C  C   . LYS A 1 70  ? -3.209  1.222   11.019  1.00 32.17 ? 163 LYS A C   1 
ATOM   546  O  O   . LYS A 1 70  ? -2.255  0.444   10.995  1.00 30.65 ? 163 LYS A O   1 
ATOM   547  C  CB  . LYS A 1 70  ? -4.133  2.209   13.118  1.00 33.66 ? 163 LYS A CB  1 
ATOM   548  C  CG  . LYS A 1 70  ? -3.717  1.018   13.989  1.00 39.33 ? 163 LYS A CG  1 
ATOM   549  C  CD  . LYS A 1 70  ? -4.873  0.487   14.843  1.00 40.84 ? 163 LYS A CD  1 
ATOM   550  C  CE  . LYS A 1 70  ? -5.379  1.532   15.825  1.00 44.60 ? 163 LYS A CE  1 
ATOM   551  N  NZ  . LYS A 1 70  ? -6.532  1.047   16.655  1.00 48.58 ? 163 LYS A NZ  1 
ATOM   552  N  N   . TYR A 1 71  ? -4.295  1.068   10.266  1.00 31.59 ? 164 TYR A N   1 
ATOM   553  C  CA  . TYR A 1 71  ? -4.443  -0.046  9.339   1.00 33.56 ? 164 TYR A CA  1 
ATOM   554  C  C   . TYR A 1 71  ? -3.257  -0.068  8.372   1.00 33.09 ? 164 TYR A C   1 
ATOM   555  O  O   . TYR A 1 71  ? -2.584  -1.090  8.199   1.00 32.28 ? 164 TYR A O   1 
ATOM   556  C  CB  . TYR A 1 71  ? -5.747  0.103   8.550   1.00 35.60 ? 164 TYR A CB  1 
ATOM   557  C  CG  . TYR A 1 71  ? -6.046  -1.069  7.650   1.00 38.72 ? 164 TYR A CG  1 
ATOM   558  C  CD1 . TYR A 1 71  ? -6.631  -2.230  8.160   1.00 40.43 ? 164 TYR A CD1 1 
ATOM   559  C  CD2 . TYR A 1 71  ? -5.702  -1.042  6.295   1.00 39.84 ? 164 TYR A CD2 1 
ATOM   560  C  CE1 . TYR A 1 71  ? -6.866  -3.342  7.341   1.00 41.52 ? 164 TYR A CE1 1 
ATOM   561  C  CE2 . TYR A 1 71  ? -5.930  -2.149  5.468   1.00 39.64 ? 164 TYR A CE2 1 
ATOM   562  C  CZ  . TYR A 1 71  ? -6.511  -3.294  5.998   1.00 41.23 ? 164 TYR A CZ  1 
ATOM   563  O  OH  . TYR A 1 71  ? -6.742  -4.386  5.194   1.00 41.63 ? 164 TYR A OH  1 
ATOM   564  N  N   . LEU A 1 72  ? -3.006  1.082   7.756   1.00 33.89 ? 165 LEU A N   1 
ATOM   565  C  CA  . LEU A 1 72  ? -1.919  1.245   6.804   1.00 34.05 ? 165 LEU A CA  1 
ATOM   566  C  C   . LEU A 1 72  ? -0.555  0.953   7.417   1.00 36.55 ? 165 LEU A C   1 
ATOM   567  O  O   . LEU A 1 72  ? 0.282   0.285   6.807   1.00 37.87 ? 165 LEU A O   1 
ATOM   568  C  CB  . LEU A 1 72  ? -1.936  2.669   6.251   1.00 34.76 ? 165 LEU A CB  1 
ATOM   569  C  CG  . LEU A 1 72  ? -0.818  3.096   5.297   1.00 34.32 ? 165 LEU A CG  1 
ATOM   570  C  CD1 . LEU A 1 72  ? -0.811  2.205   4.075   1.00 32.40 ? 165 LEU A CD1 1 
ATOM   571  C  CD2 . LEU A 1 72  ? -1.033  4.541   4.893   1.00 31.74 ? 165 LEU A CD2 1 
ATOM   572  N  N   . TRP A 1 73  ? -0.331  1.441   8.632   1.00 37.65 ? 166 TRP A N   1 
ATOM   573  C  CA  . TRP A 1 73  ? 0.952   1.239   9.288   1.00 37.82 ? 166 TRP A CA  1 
ATOM   574  C  C   . TRP A 1 73  ? 1.242   -0.224  9.600   1.00 37.22 ? 166 TRP A C   1 
ATOM   575  O  O   . TRP A 1 73  ? 2.345   -0.706  9.356   1.00 35.21 ? 166 TRP A O   1 
ATOM   576  C  CB  . TRP A 1 73  ? 1.027   2.075   10.566  1.00 41.52 ? 166 TRP A CB  1 
ATOM   577  C  CG  . TRP A 1 73  ? 2.434   2.274   11.031  1.00 45.79 ? 166 TRP A CG  1 
ATOM   578  C  CD1 . TRP A 1 73  ? 3.045   1.677   12.097  1.00 45.85 ? 166 TRP A CD1 1 
ATOM   579  C  CD2 . TRP A 1 73  ? 3.425   3.102   10.409  1.00 47.62 ? 166 TRP A CD2 1 
ATOM   580  N  NE1 . TRP A 1 73  ? 4.357   2.082   12.177  1.00 48.13 ? 166 TRP A NE1 1 
ATOM   581  C  CE2 . TRP A 1 73  ? 4.617   2.957   11.154  1.00 48.57 ? 166 TRP A CE2 1 
ATOM   582  C  CE3 . TRP A 1 73  ? 3.422   3.952   9.291   1.00 47.14 ? 166 TRP A CE3 1 
ATOM   583  C  CZ2 . TRP A 1 73  ? 5.797   3.631   10.817  1.00 49.82 ? 166 TRP A CZ2 1 
ATOM   584  C  CZ3 . TRP A 1 73  ? 4.594   4.620   8.955   1.00 47.83 ? 166 TRP A CZ3 1 
ATOM   585  C  CH2 . TRP A 1 73  ? 5.766   4.455   9.717   1.00 49.50 ? 166 TRP A CH2 1 
ATOM   586  N  N   . ASN A 1 74  ? 0.258   -0.930  10.147  1.00 36.70 ? 167 ASN A N   1 
ATOM   587  C  CA  . ASN A 1 74  ? 0.448   -2.338  10.457  1.00 37.31 ? 167 ASN A CA  1 
ATOM   588  C  C   . ASN A 1 74  ? 0.789   -3.084  9.176   1.00 37.37 ? 167 ASN A C   1 
ATOM   589  O  O   . ASN A 1 74  ? 1.751   -3.855  9.136   1.00 39.20 ? 167 ASN A O   1 
ATOM   590  C  CB  . ASN A 1 74  ? -0.812  -2.929  11.091  1.00 37.28 ? 167 ASN A CB  1 
ATOM   591  C  CG  . ASN A 1 74  ? -1.054  -2.398  12.487  1.00 39.84 ? 167 ASN A CG  1 
ATOM   592  O  OD1 . ASN A 1 74  ? -0.103  -2.112  13.222  1.00 40.63 ? 167 ASN A OD1 1 
ATOM   593  N  ND2 . ASN A 1 74  ? -2.323  -2.272  12.869  1.00 39.60 ? 167 ASN A ND2 1 
ATOM   594  N  N   . ASN A 1 75  ? 0.003   -2.839  8.133   1.00 35.34 ? 168 ASN A N   1 
ATOM   595  C  CA  . ASN A 1 75  ? 0.224   -3.460  6.836   1.00 35.31 ? 168 ASN A CA  1 
ATOM   596  C  C   . ASN A 1 75  ? 1.664   -3.247  6.370   1.00 35.20 ? 168 ASN A C   1 
ATOM   597  O  O   . ASN A 1 75  ? 2.328   -4.188  5.936   1.00 35.09 ? 168 ASN A O   1 
ATOM   598  C  CB  . ASN A 1 75  ? -0.736  -2.869  5.793   1.00 34.40 ? 168 ASN A CB  1 
ATOM   599  C  CG  . ASN A 1 75  ? -2.089  -3.549  5.785   1.00 32.34 ? 168 ASN A CG  1 
ATOM   600  O  OD1 . ASN A 1 75  ? -3.048  -3.033  5.221   1.00 33.59 ? 168 ASN A OD1 1 
ATOM   601  N  ND2 . ASN A 1 75  ? -2.168  -4.719  6.394   1.00 34.75 ? 168 ASN A ND2 1 
ATOM   602  N  N   . ILE A 1 76  ? 2.147   -2.014  6.462   1.00 36.23 ? 169 ILE A N   1 
ATOM   603  C  CA  . ILE A 1 76  ? 3.504   -1.707  6.025   1.00 38.70 ? 169 ILE A CA  1 
ATOM   604  C  C   . ILE A 1 76  ? 4.543   -2.458  6.844   1.00 41.84 ? 169 ILE A C   1 
ATOM   605  O  O   . ILE A 1 76  ? 5.550   -2.928  6.305   1.00 41.54 ? 169 ILE A O   1 
ATOM   606  C  CB  . ILE A 1 76  ? 3.796   -0.190  6.105   1.00 37.79 ? 169 ILE A CB  1 
ATOM   607  C  CG1 . ILE A 1 76  ? 2.839   0.572   5.190   1.00 36.71 ? 169 ILE A CG1 1 
ATOM   608  C  CG2 . ILE A 1 76  ? 5.238   0.095   5.676   1.00 37.88 ? 169 ILE A CG2 1 
ATOM   609  C  CD1 . ILE A 1 76  ? 3.080   2.075   5.162   1.00 35.86 ? 169 ILE A CD1 1 
ATOM   610  N  N   . LYS A 1 77  ? 4.291   -2.575  8.145   1.00 44.34 ? 170 LYS A N   1 
ATOM   611  C  CA  . LYS A 1 77  ? 5.200   -3.271  9.051   1.00 46.57 ? 170 LYS A CA  1 
ATOM   612  C  C   . LYS A 1 77  ? 5.307   -4.723  8.598   1.00 46.47 ? 170 LYS A C   1 
ATOM   613  O  O   . LYS A 1 77  ? 6.403   -5.266  8.428   1.00 46.00 ? 170 LYS A O   1 
ATOM   614  C  CB  . LYS A 1 77  ? 4.646   -3.215  10.478  1.00 49.47 ? 170 LYS A CB  1 
ATOM   615  C  CG  . LYS A 1 77  ? 5.685   -3.372  11.576  1.00 55.16 ? 170 LYS A CG  1 
ATOM   616  C  CD  . LYS A 1 77  ? 5.026   -3.530  12.955  1.00 58.96 ? 170 LYS A CD  1 
ATOM   617  C  CE  . LYS A 1 77  ? 4.012   -2.421  13.251  1.00 59.94 ? 170 LYS A CE  1 
ATOM   618  N  NZ  . LYS A 1 77  ? 4.628   -1.066  13.318  1.00 61.54 ? 170 LYS A NZ  1 
ATOM   619  N  N   . LYS A 1 78  ? 4.143   -5.334  8.403   1.00 46.42 ? 171 LYS A N   1 
ATOM   620  C  CA  . LYS A 1 78  ? 4.029   -6.718  7.971   1.00 45.47 ? 171 LYS A CA  1 
ATOM   621  C  C   . LYS A 1 78  ? 4.630   -6.938  6.584   1.00 44.76 ? 171 LYS A C   1 
ATOM   622  O  O   . LYS A 1 78  ? 5.491   -7.798  6.402   1.00 45.10 ? 171 LYS A O   1 
ATOM   623  C  CB  . LYS A 1 78  ? 2.554   -7.125  7.980   1.00 46.11 ? 171 LYS A CB  1 
ATOM   624  C  CG  . LYS A 1 78  ? 2.267   -8.516  7.463   1.00 48.40 ? 171 LYS A CG  1 
ATOM   625  C  CD  . LYS A 1 78  ? 0.827   -8.914  7.749   1.00 50.69 ? 171 LYS A CD  1 
ATOM   626  C  CE  . LYS A 1 78  ? -0.157  -7.908  7.165   1.00 54.11 ? 171 LYS A CE  1 
ATOM   627  N  NZ  . LYS A 1 78  ? -1.578  -8.296  7.399   1.00 54.37 ? 171 LYS A NZ  1 
ATOM   628  N  N   . TRP A 1 79  ? 4.185   -6.154  5.610   1.00 43.14 ? 172 TRP A N   1 
ATOM   629  C  CA  . TRP A 1 79  ? 4.690   -6.287  4.248   1.00 42.65 ? 172 TRP A CA  1 
ATOM   630  C  C   . TRP A 1 79  ? 6.178   -5.964  4.178   1.00 42.88 ? 172 TRP A C   1 
ATOM   631  O  O   . TRP A 1 79  ? 6.874   -6.378  3.254   1.00 42.81 ? 172 TRP A O   1 
ATOM   632  C  CB  . TRP A 1 79  ? 3.917   -5.370  3.295   1.00 38.97 ? 172 TRP A CB  1 
ATOM   633  C  CG  . TRP A 1 79  ? 2.451   -5.665  3.241   1.00 35.98 ? 172 TRP A CG  1 
ATOM   634  C  CD1 . TRP A 1 79  ? 1.850   -6.869  3.455   1.00 34.93 ? 172 TRP A CD1 1 
ATOM   635  C  CD2 . TRP A 1 79  ? 1.403   -4.748  2.899   1.00 34.30 ? 172 TRP A CD2 1 
ATOM   636  N  NE1 . TRP A 1 79  ? 0.493   -6.764  3.267   1.00 34.74 ? 172 TRP A NE1 1 
ATOM   637  C  CE2 . TRP A 1 79  ? 0.191   -5.472  2.923   1.00 34.52 ? 172 TRP A CE2 1 
ATOM   638  C  CE3 . TRP A 1 79  ? 1.370   -3.385  2.571   1.00 30.32 ? 172 TRP A CE3 1 
ATOM   639  C  CZ2 . TRP A 1 79  ? -1.044  -4.879  2.629   1.00 32.45 ? 172 TRP A CZ2 1 
ATOM   640  C  CZ3 . TRP A 1 79  ? 0.150   -2.797  2.283   1.00 31.15 ? 172 TRP A CZ3 1 
ATOM   641  C  CH2 . TRP A 1 79  ? -1.043  -3.544  2.313   1.00 31.15 ? 172 TRP A CH2 1 
ATOM   642  N  N   . GLN A 1 80  ? 6.655   -5.217  5.162   1.00 43.44 ? 173 GLN A N   1 
ATOM   643  C  CA  . GLN A 1 80  ? 8.053   -4.840  5.222   1.00 44.95 ? 173 GLN A CA  1 
ATOM   644  C  C   . GLN A 1 80  ? 8.912   -6.070  5.541   1.00 46.15 ? 173 GLN A C   1 
ATOM   645  O  O   . GLN A 1 80  ? 9.973   -6.266  4.947   1.00 46.55 ? 173 GLN A O   1 
ATOM   646  C  CB  . GLN A 1 80  ? 8.229   -3.753  6.283   1.00 46.73 ? 173 GLN A CB  1 
ATOM   647  C  CG  . GLN A 1 80  ? 9.639   -3.255  6.479   1.00 49.46 ? 173 GLN A CG  1 
ATOM   648  C  CD  . GLN A 1 80  ? 10.274  -3.837  7.717   1.00 51.45 ? 173 GLN A CD  1 
ATOM   649  O  OE1 . GLN A 1 80  ? 9.674   -3.835  8.791   1.00 53.45 ? 173 GLN A OE1 1 
ATOM   650  N  NE2 . GLN A 1 80  ? 11.497  -4.336  7.578   1.00 52.09 ? 173 GLN A NE2 1 
ATOM   651  N  N   . ALA A 1 81  ? 8.450   -6.903  6.468   1.00 45.67 ? 174 ALA A N   1 
ATOM   652  C  CA  . ALA A 1 81  ? 9.191   -8.105  6.837   1.00 45.19 ? 174 ALA A CA  1 
ATOM   653  C  C   . ALA A 1 81  ? 9.138   -9.122  5.707   1.00 45.24 ? 174 ALA A C   1 
ATOM   654  O  O   . ALA A 1 81  ? 10.133  -9.785  5.407   1.00 45.65 ? 174 ALA A O   1 
ATOM   655  C  CB  . ALA A 1 81  ? 8.613   -8.707  8.108   1.00 46.12 ? 174 ALA A CB  1 
ATOM   656  N  N   . ILE A 1 82  ? 7.969   -9.238  5.081   1.00 44.57 ? 175 ILE A N   1 
ATOM   657  C  CA  . ILE A 1 82  ? 7.776   -10.164 3.974   1.00 42.94 ? 175 ILE A CA  1 
ATOM   658  C  C   . ILE A 1 82  ? 8.687   -9.781  2.810   1.00 44.45 ? 175 ILE A C   1 
ATOM   659  O  O   . ILE A 1 82  ? 9.164   -10.641 2.069   1.00 46.56 ? 175 ILE A O   1 
ATOM   660  C  CB  . ILE A 1 82  ? 6.311   -10.156 3.490   1.00 40.31 ? 175 ILE A CB  1 
ATOM   661  C  CG1 . ILE A 1 82  ? 5.391   -10.623 4.622   1.00 37.40 ? 175 ILE A CG1 1 
ATOM   662  C  CG2 . ILE A 1 82  ? 6.158   -11.048 2.258   1.00 39.81 ? 175 ILE A CG2 1 
ATOM   663  C  CD1 . ILE A 1 82  ? 3.919   -10.665 4.247   1.00 29.26 ? 175 ILE A CD1 1 
ATOM   664  N  N   . TYR A 1 83  ? 8.933   -8.486  2.658   1.00 42.88 ? 176 TYR A N   1 
ATOM   665  C  CA  . TYR A 1 83  ? 9.793   -7.994  1.589   1.00 43.41 ? 176 TYR A CA  1 
ATOM   666  C  C   . TYR A 1 83  ? 11.217  -8.511  1.799   1.00 45.37 ? 176 TYR A C   1 
ATOM   667  O  O   . TYR A 1 83  ? 11.788  -9.154  0.916   1.00 44.79 ? 176 TYR A O   1 
ATOM   668  C  CB  . TYR A 1 83  ? 9.756   -6.462  1.583   1.00 40.06 ? 176 TYR A CB  1 
ATOM   669  C  CG  . TYR A 1 83  ? 10.560  -5.757  0.507   1.00 37.37 ? 176 TYR A CG  1 
ATOM   670  C  CD1 . TYR A 1 83  ? 11.917  -5.468  0.689   1.00 37.46 ? 176 TYR A CD1 1 
ATOM   671  C  CD2 . TYR A 1 83  ? 9.942   -5.285  -0.649  1.00 34.88 ? 176 TYR A CD2 1 
ATOM   672  C  CE1 . TYR A 1 83  ? 12.630  -4.711  -0.253  1.00 34.36 ? 176 TYR A CE1 1 
ATOM   673  C  CE2 . TYR A 1 83  ? 10.645  -4.534  -1.592  1.00 34.62 ? 176 TYR A CE2 1 
ATOM   674  C  CZ  . TYR A 1 83  ? 11.982  -4.245  -1.388  1.00 34.52 ? 176 TYR A CZ  1 
ATOM   675  O  OH  . TYR A 1 83  ? 12.653  -3.466  -2.307  1.00 34.42 ? 176 TYR A OH  1 
ATOM   676  N  N   . LYS A 1 84  ? 11.773  -8.246  2.981   1.00 48.29 ? 177 LYS A N   1 
ATOM   677  C  CA  . LYS A 1 84  ? 13.133  -8.665  3.324   1.00 50.31 ? 177 LYS A CA  1 
ATOM   678  C  C   . LYS A 1 84  ? 13.280  -10.185 3.297   1.00 51.47 ? 177 LYS A C   1 
ATOM   679  O  O   . LYS A 1 84  ? 14.269  -10.720 2.786   1.00 51.15 ? 177 LYS A O   1 
ATOM   680  C  CB  . LYS A 1 84  ? 13.506  -8.148  4.715   1.00 51.59 ? 177 LYS A CB  1 
ATOM   681  C  CG  . LYS A 1 84  ? 13.300  -6.652  4.904   1.00 54.22 ? 177 LYS A CG  1 
ATOM   682  C  CD  . LYS A 1 84  ? 13.683  -6.218  6.310   1.00 57.82 ? 177 LYS A CD  1 
ATOM   683  C  CE  . LYS A 1 84  ? 12.913  -7.011  7.363   1.00 60.58 ? 177 LYS A CE  1 
ATOM   684  N  NZ  . LYS A 1 84  ? 13.306  -6.644  8.759   1.00 63.42 ? 177 LYS A NZ  1 
ATOM   685  N  N   . GLN A 1 85  ? 12.288  -10.868 3.857   1.00 52.09 ? 178 GLN A N   1 
ATOM   686  C  CA  . GLN A 1 85  ? 12.280  -12.319 3.910   1.00 52.87 ? 178 GLN A CA  1 
ATOM   687  C  C   . GLN A 1 85  ? 12.443  -12.901 2.508   1.00 53.47 ? 178 GLN A C   1 
ATOM   688  O  O   . GLN A 1 85  ? 13.317  -13.734 2.271   1.00 55.83 ? 178 GLN A O   1 
ATOM   689  C  CB  . GLN A 1 85  ? 10.962  -12.806 4.514   1.00 54.31 ? 178 GLN A CB  1 
ATOM   690  C  CG  . GLN A 1 85  ? 10.918  -14.293 4.829   1.00 57.54 ? 178 GLN A CG  1 
ATOM   691  C  CD  . GLN A 1 85  ? 9.500   -14.805 5.045   1.00 60.92 ? 178 GLN A CD  1 
ATOM   692  O  OE1 . GLN A 1 85  ? 8.663   -14.128 5.654   1.00 62.83 ? 178 GLN A OE1 1 
ATOM   693  N  NE2 . GLN A 1 85  ? 9.226   -16.011 4.557   1.00 61.12 ? 178 GLN A NE2 1 
ATOM   694  N  N   . PHE A 1 86  ? 11.613  -12.446 1.576   1.00 53.06 ? 179 PHE A N   1 
ATOM   695  C  CA  . PHE A 1 86  ? 11.654  -12.951 0.209   1.00 52.13 ? 179 PHE A CA  1 
ATOM   696  C  C   . PHE A 1 86  ? 12.693  -12.363 -0.746  1.00 52.70 ? 179 PHE A C   1 
ATOM   697  O  O   . PHE A 1 86  ? 12.761  -12.767 -1.909  1.00 52.30 ? 179 PHE A O   1 
ATOM   698  C  CB  . PHE A 1 86  ? 10.265  -12.854 -0.418  1.00 48.98 ? 179 PHE A CB  1 
ATOM   699  C  CG  . PHE A 1 86  ? 9.295   -13.844 0.137   1.00 46.93 ? 179 PHE A CG  1 
ATOM   700  C  CD1 . PHE A 1 86  ? 8.803   -13.705 1.427   1.00 46.87 ? 179 PHE A CD1 1 
ATOM   701  C  CD2 . PHE A 1 86  ? 8.896   -14.938 -0.618  1.00 46.52 ? 179 PHE A CD2 1 
ATOM   702  C  CE1 . PHE A 1 86  ? 7.926   -14.643 1.959   1.00 47.09 ? 179 PHE A CE1 1 
ATOM   703  C  CE2 . PHE A 1 86  ? 8.019   -15.882 -0.094  1.00 46.81 ? 179 PHE A CE2 1 
ATOM   704  C  CZ  . PHE A 1 86  ? 7.533   -15.734 1.197   1.00 46.43 ? 179 PHE A CZ  1 
ATOM   705  N  N   . ASP A 1 87  ? 13.493  -11.413 -0.277  1.00 53.56 ? 180 ASP A N   1 
ATOM   706  C  CA  . ASP A 1 87  ? 14.538  -10.854 -1.130  1.00 56.23 ? 180 ASP A CA  1 
ATOM   707  C  C   . ASP A 1 87  ? 15.747  -11.762 -0.924  1.00 58.18 ? 180 ASP A C   1 
ATOM   708  O  O   . ASP A 1 87  ? 16.812  -11.323 -0.487  1.00 58.84 ? 180 ASP A O   1 
ATOM   709  C  CB  . ASP A 1 87  ? 14.878  -9.418  -0.724  1.00 54.98 ? 180 ASP A CB  1 
ATOM   710  C  CG  . ASP A 1 87  ? 16.087  -8.875  -1.469  1.00 54.79 ? 180 ASP A CG  1 
ATOM   711  O  OD1 . ASP A 1 87  ? 16.286  -9.265  -2.642  1.00 53.20 ? 180 ASP A OD1 1 
ATOM   712  O  OD2 . ASP A 1 87  ? 16.829  -8.056  -0.888  1.00 53.36 ? 180 ASP A OD2 1 
ATOM   713  N  N   . VAL A 1 88  ? 15.551  -13.038 -1.243  1.00 60.08 ? 181 VAL A N   1 
ATOM   714  C  CA  . VAL A 1 88  ? 16.568  -14.072 -1.085  1.00 61.49 ? 181 VAL A CA  1 
ATOM   715  C  C   . VAL A 1 88  ? 17.955  -13.778 -1.661  1.00 61.51 ? 181 VAL A C   1 
ATOM   716  O  O   . VAL A 1 88  ? 18.940  -14.380 -1.234  1.00 62.42 ? 181 VAL A O   1 
ATOM   717  C  CB  . VAL A 1 88  ? 16.064  -15.406 -1.668  1.00 62.41 ? 181 VAL A CB  1 
ATOM   718  C  CG1 . VAL A 1 88  ? 14.821  -15.859 -0.913  1.00 61.41 ? 181 VAL A CG1 1 
ATOM   719  C  CG2 . VAL A 1 88  ? 15.760  -15.245 -3.154  1.00 63.16 ? 181 VAL A CG2 1 
ATOM   720  N  N   . ASP A 1 89  ? 18.039  -12.858 -2.618  1.00 60.45 ? 182 ASP A N   1 
ATOM   721  C  CA  . ASP A 1 89  ? 19.322  -12.517 -3.221  1.00 60.02 ? 182 ASP A CA  1 
ATOM   722  C  C   . ASP A 1 89  ? 19.876  -11.217 -2.643  1.00 60.50 ? 182 ASP A C   1 
ATOM   723  O  O   . ASP A 1 89  ? 20.858  -10.671 -3.150  1.00 62.00 ? 182 ASP A O   1 
ATOM   724  C  CB  . ASP A 1 89  ? 19.170  -12.384 -4.736  1.00 60.09 ? 182 ASP A CB  1 
ATOM   725  C  CG  . ASP A 1 89  ? 18.423  -11.131 -5.136  1.00 61.33 ? 182 ASP A CG  1 
ATOM   726  O  OD1 . ASP A 1 89  ? 17.457  -10.769 -4.432  1.00 62.18 ? 182 ASP A OD1 1 
ATOM   727  O  OD2 . ASP A 1 89  ? 18.796  -10.511 -6.156  1.00 61.75 ? 182 ASP A OD2 1 
ATOM   728  N  N   . ARG A 1 90  ? 19.240  -10.724 -1.584  1.00 59.45 ? 183 ARG A N   1 
ATOM   729  C  CA  . ARG A 1 90  ? 19.657  -9.488  -0.926  1.00 58.71 ? 183 ARG A CA  1 
ATOM   730  C  C   . ARG A 1 90  ? 19.952  -8.344  -1.895  1.00 57.38 ? 183 ARG A C   1 
ATOM   731  O  O   . ARG A 1 90  ? 20.936  -7.620  -1.731  1.00 56.22 ? 183 ARG A O   1 
ATOM   732  C  CB  . ARG A 1 90  ? 20.885  -9.751  -0.051  1.00 61.04 ? 183 ARG A CB  1 
ATOM   733  C  CG  . ARG A 1 90  ? 20.680  -10.866 0.957   1.00 64.58 ? 183 ARG A CG  1 
ATOM   734  C  CD  . ARG A 1 90  ? 19.470  -10.598 1.842   1.00 68.32 ? 183 ARG A CD  1 
ATOM   735  N  NE  . ARG A 1 90  ? 19.171  -11.725 2.725   1.00 72.45 ? 183 ARG A NE  1 
ATOM   736  C  CZ  . ARG A 1 90  ? 20.015  -12.218 3.628   1.00 73.94 ? 183 ARG A CZ  1 
ATOM   737  N  NH1 . ARG A 1 90  ? 21.222  -11.686 3.777   1.00 73.99 ? 183 ARG A NH1 1 
ATOM   738  N  NH2 . ARG A 1 90  ? 19.651  -13.248 4.384   1.00 74.42 ? 183 ARG A NH2 1 
ATOM   739  N  N   . SER A 1 91  ? 19.093  -8.184  -2.900  1.00 55.86 ? 184 SER A N   1 
ATOM   740  C  CA  . SER A 1 91  ? 19.249  -7.122  -3.892  1.00 54.30 ? 184 SER A CA  1 
ATOM   741  C  C   . SER A 1 91  ? 18.676  -5.816  -3.355  1.00 53.79 ? 184 SER A C   1 
ATOM   742  O  O   . SER A 1 91  ? 18.994  -4.733  -3.852  1.00 51.69 ? 184 SER A O   1 
ATOM   743  C  CB  . SER A 1 91  ? 18.521  -7.489  -5.188  1.00 54.90 ? 184 SER A CB  1 
ATOM   744  O  OG  . SER A 1 91  ? 17.120  -7.597  -4.981  1.00 53.16 ? 184 SER A OG  1 
ATOM   745  N  N   . GLY A 1 92  ? 17.832  -5.934  -2.331  1.00 53.77 ? 185 GLY A N   1 
ATOM   746  C  CA  . GLY A 1 92  ? 17.199  -4.770  -1.746  1.00 53.34 ? 185 GLY A CA  1 
ATOM   747  C  C   . GLY A 1 92  ? 15.902  -4.474  -2.481  1.00 53.27 ? 185 GLY A C   1 
ATOM   748  O  O   . GLY A 1 92  ? 15.167  -3.550  -2.129  1.00 52.68 ? 185 GLY A O   1 
ATOM   749  N  N   . THR A 1 93  ? 15.630  -5.268  -3.513  1.00 52.89 ? 186 THR A N   1 
ATOM   750  C  CA  . THR A 1 93  ? 14.429  -5.118  -4.325  1.00 52.96 ? 186 THR A CA  1 
ATOM   751  C  C   . THR A 1 93  ? 13.790  -6.488  -4.515  1.00 53.06 ? 186 THR A C   1 
ATOM   752  O  O   . THR A 1 93  ? 14.420  -7.509  -4.254  1.00 54.03 ? 186 THR A O   1 
ATOM   753  C  CB  . THR A 1 93  ? 14.765  -4.521  -5.717  1.00 52.60 ? 186 THR A CB  1 
ATOM   754  O  OG1 . THR A 1 93  ? 15.618  -5.421  -6.436  1.00 53.70 ? 186 THR A OG1 1 
ATOM   755  C  CG2 . THR A 1 93  ? 15.472  -3.181  -5.566  1.00 50.71 ? 186 THR A CG2 1 
ATOM   756  N  N   . ILE A 1 94  ? 12.539  -6.512  -4.963  1.00 52.23 ? 187 ILE A N   1 
ATOM   757  C  CA  . ILE A 1 94  ? 11.845  -7.771  -5.182  1.00 51.38 ? 187 ILE A CA  1 
ATOM   758  C  C   . ILE A 1 94  ? 11.898  -8.142  -6.654  1.00 52.29 ? 187 ILE A C   1 
ATOM   759  O  O   . ILE A 1 94  ? 11.358  -7.431  -7.507  1.00 52.19 ? 187 ILE A O   1 
ATOM   760  C  CB  . ILE A 1 94  ? 10.374  -7.687  -4.731  1.00 51.04 ? 187 ILE A CB  1 
ATOM   761  C  CG1 . ILE A 1 94  ? 10.308  -7.568  -3.206  1.00 50.48 ? 187 ILE A CG1 1 
ATOM   762  C  CG2 . ILE A 1 94  ? 9.607   -8.914  -5.209  1.00 50.37 ? 187 ILE A CG2 1 
ATOM   763  C  CD1 . ILE A 1 94  ? 10.872  -8.760  -2.462  1.00 48.90 ? 187 ILE A CD1 1 
ATOM   764  N  N   . GLY A 1 95  ? 12.552  -9.266  -6.939  1.00 51.67 ? 188 GLY A N   1 
ATOM   765  C  CA  . GLY A 1 95  ? 12.696  -9.725  -8.307  1.00 50.79 ? 188 GLY A CA  1 
ATOM   766  C  C   . GLY A 1 95  ? 11.490  -10.433 -8.895  1.00 50.84 ? 188 GLY A C   1 
ATOM   767  O  O   . GLY A 1 95  ? 10.635  -10.965 -8.186  1.00 49.46 ? 188 GLY A O   1 
ATOM   768  N  N   . SER A 1 96  ? 11.441  -10.435 -10.220 1.00 51.92 ? 189 SER A N   1 
ATOM   769  C  CA  . SER A 1 96  ? 10.370  -11.064 -10.977 1.00 51.65 ? 189 SER A CA  1 
ATOM   770  C  C   . SER A 1 96  ? 10.038  -12.475 -10.476 1.00 51.14 ? 189 SER A C   1 
ATOM   771  O  O   . SER A 1 96  ? 8.883   -12.901 -10.527 1.00 49.85 ? 189 SER A O   1 
ATOM   772  C  CB  . SER A 1 96  ? 10.769  -11.114 -12.454 1.00 52.04 ? 189 SER A CB  1 
ATOM   773  O  OG  . SER A 1 96  ? 9.681   -11.494 -13.276 1.00 56.57 ? 189 SER A OG  1 
ATOM   774  N  N   . SER A 1 97  ? 11.041  -13.199 -9.985  1.00 50.28 ? 190 SER A N   1 
ATOM   775  C  CA  . SER A 1 97  ? 10.800  -14.558 -9.508  1.00 50.46 ? 190 SER A CA  1 
ATOM   776  C  C   . SER A 1 97  ? 10.524  -14.647 -8.007  1.00 49.49 ? 190 SER A C   1 
ATOM   777  O  O   . SER A 1 97  ? 10.073  -15.683 -7.523  1.00 50.23 ? 190 SER A O   1 
ATOM   778  C  CB  . SER A 1 97  ? 11.981  -15.471 -9.869  1.00 50.86 ? 190 SER A CB  1 
ATOM   779  O  OG  . SER A 1 97  ? 13.097  -15.237 -9.027  1.00 50.42 ? 190 SER A OG  1 
ATOM   780  N  N   . GLU A 1 98  ? 10.796  -13.570 -7.276  1.00 49.12 ? 191 GLU A N   1 
ATOM   781  C  CA  . GLU A 1 98  ? 10.564  -13.543 -5.831  1.00 48.13 ? 191 GLU A CA  1 
ATOM   782  C  C   . GLU A 1 98  ? 9.172   -12.975 -5.500  1.00 47.74 ? 191 GLU A C   1 
ATOM   783  O  O   . GLU A 1 98  ? 8.613   -13.252 -4.438  1.00 47.18 ? 191 GLU A O   1 
ATOM   784  C  CB  . GLU A 1 98  ? 11.633  -12.686 -5.138  1.00 47.60 ? 191 GLU A CB  1 
ATOM   785  C  CG  . GLU A 1 98  ? 13.065  -12.946 -5.596  1.00 47.43 ? 191 GLU A CG  1 
ATOM   786  C  CD  . GLU A 1 98  ? 14.070  -11.976 -4.978  1.00 48.46 ? 191 GLU A CD  1 
ATOM   787  O  OE1 . GLU A 1 98  ? 13.851  -10.748 -5.059  1.00 45.85 ? 191 GLU A OE1 1 
ATOM   788  O  OE2 . GLU A 1 98  ? 15.083  -12.441 -4.417  1.00 49.38 ? 191 GLU A OE2 1 
ATOM   789  N  N   . LEU A 1 99  ? 8.620   -12.190 -6.423  1.00 47.30 ? 192 LEU A N   1 
ATOM   790  C  CA  . LEU A 1 99  ? 7.314   -11.545 -6.251  1.00 46.10 ? 192 LEU A CA  1 
ATOM   791  C  C   . LEU A 1 99  ? 6.142   -12.460 -5.872  1.00 46.29 ? 192 LEU A C   1 
ATOM   792  O  O   . LEU A 1 99  ? 5.468   -12.232 -4.860  1.00 45.99 ? 192 LEU A O   1 
ATOM   793  C  CB  . LEU A 1 99  ? 6.949   -10.774 -7.524  1.00 44.41 ? 192 LEU A CB  1 
ATOM   794  C  CG  . LEU A 1 99  ? 5.647   -9.968  -7.524  1.00 44.49 ? 192 LEU A CG  1 
ATOM   795  C  CD1 . LEU A 1 99  ? 5.906   -8.581  -6.970  1.00 42.48 ? 192 LEU A CD1 1 
ATOM   796  C  CD2 . LEU A 1 99  ? 5.107   -9.866  -8.938  1.00 43.61 ? 192 LEU A CD2 1 
ATOM   797  N  N   . PRO A 1 100 ? 5.873   -13.499 -6.685  1.00 45.47 ? 193 PRO A N   1 
ATOM   798  C  CA  . PRO A 1 100 ? 4.761   -14.407 -6.386  1.00 44.05 ? 193 PRO A CA  1 
ATOM   799  C  C   . PRO A 1 100 ? 4.749   -14.905 -4.947  1.00 43.89 ? 193 PRO A C   1 
ATOM   800  O  O   . PRO A 1 100 ? 3.709   -14.891 -4.291  1.00 45.00 ? 193 PRO A O   1 
ATOM   801  C  CB  . PRO A 1 100 ? 4.957   -15.527 -7.397  1.00 43.61 ? 193 PRO A CB  1 
ATOM   802  C  CG  . PRO A 1 100 ? 5.537   -14.795 -8.571  1.00 42.70 ? 193 PRO A CG  1 
ATOM   803  C  CD  . PRO A 1 100 ? 6.573   -13.923 -7.910  1.00 43.46 ? 193 PRO A CD  1 
ATOM   804  N  N   . GLY A 1 101 ? 5.903   -15.343 -4.458  1.00 43.09 ? 194 GLY A N   1 
ATOM   805  C  CA  . GLY A 1 101 ? 5.977   -15.818 -3.089  1.00 41.27 ? 194 GLY A CA  1 
ATOM   806  C  C   . GLY A 1 101 ? 5.675   -14.682 -2.125  1.00 41.85 ? 194 GLY A C   1 
ATOM   807  O  O   . GLY A 1 101 ? 4.952   -14.859 -1.140  1.00 41.40 ? 194 GLY A O   1 
ATOM   808  N  N   . ALA A 1 102 ? 6.231   -13.510 -2.417  1.00 41.32 ? 195 ALA A N   1 
ATOM   809  C  CA  . ALA A 1 102 ? 6.040   -12.321 -1.590  1.00 40.80 ? 195 ALA A CA  1 
ATOM   810  C  C   . ALA A 1 102 ? 4.558   -11.956 -1.481  1.00 39.14 ? 195 ALA A C   1 
ATOM   811  O  O   . ALA A 1 102 ? 4.033   -11.768 -0.386  1.00 40.34 ? 195 ALA A O   1 
ATOM   812  C  CB  . ALA A 1 102 ? 6.832   -11.152 -2.175  1.00 38.46 ? 195 ALA A CB  1 
ATOM   813  N  N   . PHE A 1 103 ? 3.892   -11.857 -2.624  1.00 38.30 ? 196 PHE A N   1 
ATOM   814  C  CA  . PHE A 1 103 ? 2.478   -11.531 -2.654  1.00 38.68 ? 196 PHE A CA  1 
ATOM   815  C  C   . PHE A 1 103 ? 1.634   -12.592 -1.961  1.00 41.83 ? 196 PHE A C   1 
ATOM   816  O  O   . PHE A 1 103 ? 0.744   -12.274 -1.166  1.00 44.20 ? 196 PHE A O   1 
ATOM   817  C  CB  . PHE A 1 103 ? 2.015   -11.366 -4.101  1.00 36.17 ? 196 PHE A CB  1 
ATOM   818  C  CG  . PHE A 1 103 ? 2.142   -9.960  -4.623  1.00 34.95 ? 196 PHE A CG  1 
ATOM   819  C  CD1 . PHE A 1 103 ? 3.231   -9.164  -4.273  1.00 34.12 ? 196 PHE A CD1 1 
ATOM   820  C  CD2 . PHE A 1 103 ? 1.175   -9.434  -5.474  1.00 33.73 ? 196 PHE A CD2 1 
ATOM   821  C  CE1 . PHE A 1 103 ? 3.354   -7.865  -4.763  1.00 33.36 ? 196 PHE A CE1 1 
ATOM   822  C  CE2 . PHE A 1 103 ? 1.291   -8.134  -5.971  1.00 33.39 ? 196 PHE A CE2 1 
ATOM   823  C  CZ  . PHE A 1 103 ? 2.382   -7.351  -5.614  1.00 32.18 ? 196 PHE A CZ  1 
ATOM   824  N  N   . GLU A 1 104 ? 1.911   -13.857 -2.258  1.00 43.65 ? 197 GLU A N   1 
ATOM   825  C  CA  . GLU A 1 104 ? 1.160   -14.952 -1.658  1.00 45.16 ? 197 GLU A CA  1 
ATOM   826  C  C   . GLU A 1 104 ? 1.342   -15.011 -0.147  1.00 43.66 ? 197 GLU A C   1 
ATOM   827  O  O   . GLU A 1 104 ? 0.391   -15.274 0.589   1.00 42.64 ? 197 GLU A O   1 
ATOM   828  C  CB  . GLU A 1 104 ? 1.555   -16.277 -2.322  1.00 49.39 ? 197 GLU A CB  1 
ATOM   829  C  CG  . GLU A 1 104 ? 1.085   -16.339 -3.777  1.00 56.10 ? 197 GLU A CG  1 
ATOM   830  C  CD  . GLU A 1 104 ? 1.593   -17.547 -4.539  1.00 59.62 ? 197 GLU A CD  1 
ATOM   831  O  OE1 . GLU A 1 104 ? 1.297   -17.636 -5.754  1.00 61.36 ? 197 GLU A OE1 1 
ATOM   832  O  OE2 . GLU A 1 104 ? 2.281   -18.400 -3.934  1.00 61.36 ? 197 GLU A OE2 1 
ATOM   833  N  N   . ALA A 1 105 ? 2.560   -14.754 0.317   1.00 42.70 ? 198 ALA A N   1 
ATOM   834  C  CA  . ALA A 1 105 ? 2.833   -14.755 1.747   1.00 44.08 ? 198 ALA A CA  1 
ATOM   835  C  C   . ALA A 1 105 ? 1.978   -13.659 2.370   1.00 46.40 ? 198 ALA A C   1 
ATOM   836  O  O   . ALA A 1 105 ? 1.415   -13.837 3.455   1.00 47.48 ? 198 ALA A O   1 
ATOM   837  C  CB  . ALA A 1 105 ? 4.305   -14.476 2.006   1.00 43.94 ? 198 ALA A CB  1 
ATOM   838  N  N   . ALA A 1 106 ? 1.884   -12.526 1.673   1.00 45.52 ? 199 ALA A N   1 
ATOM   839  C  CA  . ALA A 1 106 ? 1.092   -11.395 2.140   1.00 45.10 ? 199 ALA A CA  1 
ATOM   840  C  C   . ALA A 1 106 ? -0.398  -11.719 2.120   1.00 45.39 ? 199 ALA A C   1 
ATOM   841  O  O   . ALA A 1 106 ? -1.198  -11.019 2.744   1.00 45.60 ? 199 ALA A O   1 
ATOM   842  C  CB  . ALA A 1 106 ? 1.369   -10.176 1.284   1.00 45.78 ? 199 ALA A CB  1 
ATOM   843  N  N   . GLY A 1 107 ? -0.776  -12.767 1.390   1.00 44.14 ? 200 GLY A N   1 
ATOM   844  C  CA  . GLY A 1 107 ? -2.176  -13.153 1.343   1.00 44.41 ? 200 GLY A CA  1 
ATOM   845  C  C   . GLY A 1 107 ? -2.902  -12.875 0.041   1.00 45.23 ? 200 GLY A C   1 
ATOM   846  O  O   . GLY A 1 107 ? -4.132  -12.920 -0.011  1.00 45.01 ? 200 GLY A O   1 
ATOM   847  N  N   . PHE A 1 108 ? -2.154  -12.589 -1.017  1.00 46.35 ? 201 PHE A N   1 
ATOM   848  C  CA  . PHE A 1 108 ? -2.774  -12.313 -2.306  1.00 46.83 ? 201 PHE A CA  1 
ATOM   849  C  C   . PHE A 1 108 ? -2.402  -13.368 -3.353  1.00 47.78 ? 201 PHE A C   1 
ATOM   850  O  O   . PHE A 1 108 ? -1.262  -13.432 -3.815  1.00 48.48 ? 201 PHE A O   1 
ATOM   851  C  CB  . PHE A 1 108 ? -2.377  -10.911 -2.795  1.00 44.50 ? 201 PHE A CB  1 
ATOM   852  C  CG  . PHE A 1 108 ? -2.653  -9.818  -1.792  1.00 42.10 ? 201 PHE A CG  1 
ATOM   853  C  CD1 . PHE A 1 108 ? -1.689  -9.449  -0.864  1.00 39.36 ? 201 PHE A CD1 1 
ATOM   854  C  CD2 . PHE A 1 108 ? -3.897  -9.192  -1.749  1.00 41.21 ? 201 PHE A CD2 1 
ATOM   855  C  CE1 . PHE A 1 108 ? -1.958  -8.473  0.096   1.00 41.35 ? 201 PHE A CE1 1 
ATOM   856  C  CE2 . PHE A 1 108 ? -4.176  -8.216  -0.792  1.00 41.64 ? 201 PHE A CE2 1 
ATOM   857  C  CZ  . PHE A 1 108 ? -3.202  -7.857  0.134   1.00 40.52 ? 201 PHE A CZ  1 
ATOM   858  N  N   . HIS A 1 109 ? -3.366  -14.206 -3.718  1.00 48.57 ? 202 HIS A N   1 
ATOM   859  C  CA  . HIS A 1 109 ? -3.120  -15.233 -4.725  1.00 50.29 ? 202 HIS A CA  1 
ATOM   860  C  C   . HIS A 1 109 ? -3.593  -14.751 -6.084  1.00 48.45 ? 202 HIS A C   1 
ATOM   861  O  O   . HIS A 1 109 ? -4.796  -14.696 -6.351  1.00 48.66 ? 202 HIS A O   1 
ATOM   862  C  CB  . HIS A 1 109 ? -3.831  -16.541 -4.367  1.00 54.35 ? 202 HIS A CB  1 
ATOM   863  C  CG  . HIS A 1 109 ? -3.301  -17.197 -3.131  1.00 60.21 ? 202 HIS A CG  1 
ATOM   864  N  ND1 . HIS A 1 109 ? -3.684  -16.816 -1.861  1.00 63.20 ? 202 HIS A ND1 1 
ATOM   865  C  CD2 . HIS A 1 109 ? -2.375  -18.172 -2.967  1.00 62.45 ? 202 HIS A CD2 1 
ATOM   866  C  CE1 . HIS A 1 109 ? -3.014  -17.525 -0.970  1.00 63.95 ? 202 HIS A CE1 1 
ATOM   867  N  NE2 . HIS A 1 109 ? -2.213  -18.355 -1.615  1.00 63.96 ? 202 HIS A NE2 1 
ATOM   868  N  N   . LEU A 1 110 ? -2.637  -14.398 -6.938  1.00 44.92 ? 203 LEU A N   1 
ATOM   869  C  CA  . LEU A 1 110 ? -2.938  -13.923 -8.280  1.00 42.96 ? 203 LEU A CA  1 
ATOM   870  C  C   . LEU A 1 110 ? -2.538  -14.996 -9.283  1.00 44.13 ? 203 LEU A C   1 
ATOM   871  O  O   . LEU A 1 110 ? -1.865  -15.959 -8.921  1.00 47.46 ? 203 LEU A O   1 
ATOM   872  C  CB  . LEU A 1 110 ? -2.150  -12.642 -8.551  1.00 40.27 ? 203 LEU A CB  1 
ATOM   873  C  CG  . LEU A 1 110 ? -2.372  -11.516 -7.538  1.00 39.11 ? 203 LEU A CG  1 
ATOM   874  C  CD1 . LEU A 1 110 ? -1.516  -10.305 -7.908  1.00 36.91 ? 203 LEU A CD1 1 
ATOM   875  C  CD2 . LEU A 1 110 ? -3.858  -11.150 -7.509  1.00 36.26 ? 203 LEU A CD2 1 
ATOM   876  N  N   . ASN A 1 111 ? -2.955  -14.849 -10.536 1.00 43.22 ? 204 ASN A N   1 
ATOM   877  C  CA  . ASN A 1 111 ? -2.576  -15.814 -11.560 1.00 41.00 ? 204 ASN A CA  1 
ATOM   878  C  C   . ASN A 1 111 ? -1.500  -15.193 -12.451 1.00 42.10 ? 204 ASN A C   1 
ATOM   879  O  O   . ASN A 1 111 ? -1.237  -13.994 -12.371 1.00 41.78 ? 204 ASN A O   1 
ATOM   880  C  CB  . ASN A 1 111 ? -3.786  -16.234 -12.396 1.00 39.36 ? 204 ASN A CB  1 
ATOM   881  C  CG  . ASN A 1 111 ? -4.528  -15.058 -12.988 1.00 37.24 ? 204 ASN A CG  1 
ATOM   882  O  OD1 . ASN A 1 111 ? -3.926  -14.075 -13.404 1.00 38.56 ? 204 ASN A OD1 1 
ATOM   883  N  ND2 . ASN A 1 111 ? -5.841  -15.166 -13.051 1.00 36.16 ? 204 ASN A ND2 1 
ATOM   884  N  N   . GLU A 1 112 ? -0.884  -16.013 -13.294 1.00 43.60 ? 205 GLU A N   1 
ATOM   885  C  CA  . GLU A 1 112 ? 0.187   -15.570 -14.189 1.00 43.47 ? 205 GLU A CA  1 
ATOM   886  C  C   . GLU A 1 112 ? -0.078  -14.235 -14.879 1.00 41.14 ? 205 GLU A C   1 
ATOM   887  O  O   . GLU A 1 112 ? 0.788   -13.360 -14.911 1.00 39.79 ? 205 GLU A O   1 
ATOM   888  C  CB  . GLU A 1 112 ? 0.460   -16.657 -15.239 1.00 46.89 ? 205 GLU A CB  1 
ATOM   889  C  CG  . GLU A 1 112 ? 1.559   -16.339 -16.259 1.00 51.83 ? 205 GLU A CG  1 
ATOM   890  C  CD  . GLU A 1 112 ? 1.125   -15.320 -17.309 1.00 55.92 ? 205 GLU A CD  1 
ATOM   891  O  OE1 . GLU A 1 112 ? 0.047   -15.514 -17.918 1.00 57.74 ? 205 GLU A OE1 1 
ATOM   892  O  OE2 . GLU A 1 112 ? 1.864   -14.333 -17.531 1.00 57.26 ? 205 GLU A OE2 1 
ATOM   893  N  N   . HIS A 1 113 ? -1.273  -14.085 -15.431 1.00 39.23 ? 206 HIS A N   1 
ATOM   894  C  CA  . HIS A 1 113 ? -1.634  -12.866 -16.133 1.00 37.04 ? 206 HIS A CA  1 
ATOM   895  C  C   . HIS A 1 113 ? -1.658  -11.640 -15.224 1.00 35.92 ? 206 HIS A C   1 
ATOM   896  O  O   . HIS A 1 113 ? -1.139  -10.588 -15.593 1.00 35.47 ? 206 HIS A O   1 
ATOM   897  C  CB  . HIS A 1 113 ? -2.981  -13.060 -16.819 1.00 38.77 ? 206 HIS A CB  1 
ATOM   898  C  CG  . HIS A 1 113 ? -3.452  -11.864 -17.580 1.00 42.60 ? 206 HIS A CG  1 
ATOM   899  N  ND1 . HIS A 1 113 ? -4.162  -10.839 -16.991 1.00 46.24 ? 206 HIS A ND1 1 
ATOM   900  C  CD2 . HIS A 1 113 ? -3.337  -11.537 -18.889 1.00 44.11 ? 206 HIS A CD2 1 
ATOM   901  C  CE1 . HIS A 1 113 ? -4.468  -9.935  -17.905 1.00 47.64 ? 206 HIS A CE1 1 
ATOM   902  N  NE2 . HIS A 1 113 ? -3.979  -10.335 -19.065 1.00 46.60 ? 206 HIS A NE2 1 
ATOM   903  N  N   . LEU A 1 114 ? -2.247  -11.766 -14.039 1.00 34.32 ? 207 LEU A N   1 
ATOM   904  C  CA  . LEU A 1 114 ? -2.295  -10.641 -13.117 1.00 34.64 ? 207 LEU A CA  1 
ATOM   905  C  C   . LEU A 1 114 ? -0.885  -10.294 -12.625 1.00 34.28 ? 207 LEU A C   1 
ATOM   906  O  O   . LEU A 1 114 ? -0.539  -9.123  -12.520 1.00 33.98 ? 207 LEU A O   1 
ATOM   907  C  CB  . LEU A 1 114 ? -3.231  -10.937 -11.934 1.00 35.73 ? 207 LEU A CB  1 
ATOM   908  C  CG  . LEU A 1 114 ? -4.729  -10.555 -12.018 1.00 37.98 ? 207 LEU A CG  1 
ATOM   909  C  CD1 . LEU A 1 114 ? -5.024  -9.785  -13.302 1.00 37.23 ? 207 LEU A CD1 1 
ATOM   910  C  CD2 . LEU A 1 114 ? -5.602  -11.804 -11.939 1.00 34.43 ? 207 LEU A CD2 1 
ATOM   911  N  N   . TYR A 1 115 ? -0.068  -11.307 -12.339 1.00 35.32 ? 208 TYR A N   1 
ATOM   912  C  CA  . TYR A 1 115 ? 1.305   -11.070 -11.888 1.00 35.09 ? 208 TYR A CA  1 
ATOM   913  C  C   . TYR A 1 115 ? 2.112   -10.316 -12.950 1.00 35.59 ? 208 TYR A C   1 
ATOM   914  O  O   . TYR A 1 115 ? 2.945   -9.467  -12.617 1.00 33.40 ? 208 TYR A O   1 
ATOM   915  C  CB  . TYR A 1 115 ? 2.011   -12.388 -11.563 1.00 36.84 ? 208 TYR A CB  1 
ATOM   916  C  CG  . TYR A 1 115 ? 1.685   -12.959 -10.199 1.00 38.87 ? 208 TYR A CG  1 
ATOM   917  C  CD1 . TYR A 1 115 ? 1.905   -12.217 -9.038  1.00 40.89 ? 208 TYR A CD1 1 
ATOM   918  C  CD2 . TYR A 1 115 ? 1.145   -14.240 -10.067 1.00 40.90 ? 208 TYR A CD2 1 
ATOM   919  C  CE1 . TYR A 1 115 ? 1.588   -12.734 -7.775  1.00 42.19 ? 208 TYR A CE1 1 
ATOM   920  C  CE2 . TYR A 1 115 ? 0.829   -14.768 -8.815  1.00 41.85 ? 208 TYR A CE2 1 
ATOM   921  C  CZ  . TYR A 1 115 ? 1.048   -14.009 -7.673  1.00 43.41 ? 208 TYR A CZ  1 
ATOM   922  O  OH  . TYR A 1 115 ? 0.697   -14.517 -6.437  1.00 44.79 ? 208 TYR A OH  1 
ATOM   923  N  N   . SER A 1 116 ? 1.862   -10.628 -14.225 1.00 34.67 ? 209 SER A N   1 
ATOM   924  C  CA  . SER A 1 116 ? 2.559   -9.977  -15.331 1.00 34.52 ? 209 SER A CA  1 
ATOM   925  C  C   . SER A 1 116 ? 2.164   -8.514  -15.453 1.00 34.96 ? 209 SER A C   1 
ATOM   926  O  O   . SER A 1 116 ? 2.980   -7.656  -15.795 1.00 33.79 ? 209 SER A O   1 
ATOM   927  C  CB  . SER A 1 116 ? 2.254   -10.687 -16.648 1.00 36.33 ? 209 SER A CB  1 
ATOM   928  O  OG  . SER A 1 116 ? 3.287   -11.605 -16.965 1.00 41.98 ? 209 SER A OG  1 
ATOM   929  N  N   . MET A 1 117 ? 0.891   -8.241  -15.194 1.00 34.88 ? 210 MET A N   1 
ATOM   930  C  CA  . MET A 1 117 ? 0.392   -6.887  -15.246 1.00 34.79 ? 210 MET A CA  1 
ATOM   931  C  C   . MET A 1 117 ? 1.070   -6.125  -14.101 1.00 33.67 ? 210 MET A C   1 
ATOM   932  O  O   . MET A 1 117 ? 1.528   -4.995  -14.273 1.00 32.84 ? 210 MET A O   1 
ATOM   933  C  CB  . MET A 1 117 ? -1.133  -6.911  -15.095 1.00 37.00 ? 210 MET A CB  1 
ATOM   934  C  CG  . MET A 1 117 ? -1.772  -5.562  -14.826 1.00 40.99 ? 210 MET A CG  1 
ATOM   935  S  SD  . MET A 1 117 ? -1.725  -5.169  -13.068 1.00 44.35 ? 210 MET A SD  1 
ATOM   936  C  CE  . MET A 1 117 ? -3.017  -6.289  -12.447 1.00 41.67 ? 210 MET A CE  1 
ATOM   937  N  N   . ILE A 1 118 ? 1.166   -6.765  -12.939 1.00 31.25 ? 211 ILE A N   1 
ATOM   938  C  CA  . ILE A 1 118 ? 1.791   -6.139  -11.784 1.00 31.70 ? 211 ILE A CA  1 
ATOM   939  C  C   . ILE A 1 118 ? 3.239   -5.767  -12.069 1.00 33.42 ? 211 ILE A C   1 
ATOM   940  O  O   . ILE A 1 118 ? 3.648   -4.638  -11.809 1.00 33.33 ? 211 ILE A O   1 
ATOM   941  C  CB  . ILE A 1 118 ? 1.727   -7.055  -10.545 1.00 30.50 ? 211 ILE A CB  1 
ATOM   942  C  CG1 . ILE A 1 118 ? 0.276   -7.174  -10.069 1.00 29.01 ? 211 ILE A CG1 1 
ATOM   943  C  CG2 . ILE A 1 118 ? 2.626   -6.508  -9.437  1.00 29.15 ? 211 ILE A CG2 1 
ATOM   944  C  CD1 . ILE A 1 118 ? -0.351  -5.847  -9.659  1.00 25.73 ? 211 ILE A CD1 1 
ATOM   945  N  N   . ILE A 1 119 ? 4.011   -6.714  -12.602 1.00 34.41 ? 212 ILE A N   1 
ATOM   946  C  CA  . ILE A 1 119 ? 5.416   -6.464  -12.936 1.00 35.16 ? 212 ILE A CA  1 
ATOM   947  C  C   . ILE A 1 119 ? 5.532   -5.299  -13.925 1.00 35.89 ? 212 ILE A C   1 
ATOM   948  O  O   . ILE A 1 119 ? 6.329   -4.380  -13.749 1.00 36.07 ? 212 ILE A O   1 
ATOM   949  C  CB  . ILE A 1 119 ? 6.075   -7.707  -13.608 1.00 36.13 ? 212 ILE A CB  1 
ATOM   950  C  CG1 . ILE A 1 119 ? 5.988   -8.926  -12.682 1.00 35.56 ? 212 ILE A CG1 1 
ATOM   951  C  CG2 . ILE A 1 119 ? 7.526   -7.396  -13.976 1.00 31.64 ? 212 ILE A CG2 1 
ATOM   952  C  CD1 . ILE A 1 119 ? 6.751   -8.780  -11.406 1.00 36.72 ? 212 ILE A CD1 1 
ATOM   953  N  N   . ARG A 1 120 ? 4.718   -5.356  -14.966 1.00 36.32 ? 213 ARG A N   1 
ATOM   954  C  CA  . ARG A 1 120 ? 4.720   -4.347  -16.012 1.00 38.17 ? 213 ARG A CA  1 
ATOM   955  C  C   . ARG A 1 120 ? 4.500   -2.925  -15.488 1.00 37.88 ? 213 ARG A C   1 
ATOM   956  O  O   . ARG A 1 120 ? 5.159   -1.982  -15.927 1.00 37.04 ? 213 ARG A O   1 
ATOM   957  C  CB  . ARG A 1 120 ? 3.635   -4.709  -17.028 1.00 40.39 ? 213 ARG A CB  1 
ATOM   958  C  CG  . ARG A 1 120 ? 3.802   -4.126  -18.414 1.00 42.37 ? 213 ARG A CG  1 
ATOM   959  C  CD  . ARG A 1 120 ? 2.672   -4.621  -19.307 1.00 45.61 ? 213 ARG A CD  1 
ATOM   960  N  NE  . ARG A 1 120 ? 2.587   -6.077  -19.298 1.00 46.68 ? 213 ARG A NE  1 
ATOM   961  C  CZ  . ARG A 1 120 ? 1.451   -6.757  -19.174 1.00 49.89 ? 213 ARG A CZ  1 
ATOM   962  N  NH1 . ARG A 1 120 ? 0.293   -6.111  -19.049 1.00 50.36 ? 213 ARG A NH1 1 
ATOM   963  N  NH2 . ARG A 1 120 ? 1.473   -8.083  -19.154 1.00 49.56 ? 213 ARG A NH2 1 
ATOM   964  N  N   . ARG A 1 121 ? 3.578   -2.782  -14.542 1.00 38.63 ? 214 ARG A N   1 
ATOM   965  C  CA  . ARG A 1 121 ? 3.236   -1.479  -13.977 1.00 37.01 ? 214 ARG A CA  1 
ATOM   966  C  C   . ARG A 1 121 ? 4.049   -1.039  -12.760 1.00 35.26 ? 214 ARG A C   1 
ATOM   967  O  O   . ARG A 1 121 ? 4.325   0.147   -12.609 1.00 35.31 ? 214 ARG A O   1 
ATOM   968  C  CB  . ARG A 1 121 ? 1.738   -1.461  -13.632 1.00 38.74 ? 214 ARG A CB  1 
ATOM   969  C  CG  . ARG A 1 121 ? 1.268   -0.302  -12.744 1.00 38.83 ? 214 ARG A CG  1 
ATOM   970  C  CD  . ARG A 1 121 ? 1.176   1.013   -13.501 1.00 39.17 ? 214 ARG A CD  1 
ATOM   971  N  NE  . ARG A 1 121 ? 0.746   2.105   -12.631 1.00 37.95 ? 214 ARG A NE  1 
ATOM   972  C  CZ  . ARG A 1 121 ? 1.499   2.650   -11.677 1.00 37.84 ? 214 ARG A CZ  1 
ATOM   973  N  NH1 . ARG A 1 121 ? 2.731   2.211   -11.469 1.00 35.82 ? 214 ARG A NH1 1 
ATOM   974  N  NH2 . ARG A 1 121 ? 1.017   3.629   -10.924 1.00 38.39 ? 214 ARG A NH2 1 
ATOM   975  N  N   . TYR A 1 122 ? 4.448   -1.977  -11.904 1.00 35.17 ? 215 TYR A N   1 
ATOM   976  C  CA  . TYR A 1 122 ? 5.188   -1.620  -10.695 1.00 34.86 ? 215 TYR A CA  1 
ATOM   977  C  C   . TYR A 1 122 ? 6.643   -2.064  -10.589 1.00 36.48 ? 215 TYR A C   1 
ATOM   978  O  O   . TYR A 1 122 ? 7.286   -1.829  -9.561  1.00 36.56 ? 215 TYR A O   1 
ATOM   979  C  CB  . TYR A 1 122 ? 4.439   -2.112  -9.450  1.00 32.86 ? 215 TYR A CB  1 
ATOM   980  C  CG  . TYR A 1 122 ? 3.015   -1.619  -9.337  1.00 35.53 ? 215 TYR A CG  1 
ATOM   981  C  CD1 . TYR A 1 122 ? 1.975   -2.288  -9.973  1.00 34.51 ? 215 TYR A CD1 1 
ATOM   982  C  CD2 . TYR A 1 122 ? 2.705   -0.476  -8.588  1.00 37.76 ? 215 TYR A CD2 1 
ATOM   983  C  CE1 . TYR A 1 122 ? 0.659   -1.841  -9.867  1.00 38.26 ? 215 TYR A CE1 1 
ATOM   984  C  CE2 . TYR A 1 122 ? 1.389   -0.015  -8.475  1.00 36.39 ? 215 TYR A CE2 1 
ATOM   985  C  CZ  . TYR A 1 122 ? 0.369   -0.702  -9.118  1.00 40.09 ? 215 TYR A CZ  1 
ATOM   986  O  OH  . TYR A 1 122 ? -0.938  -0.256  -9.025  1.00 40.47 ? 215 TYR A OH  1 
ATOM   987  N  N   . SER A 1 123 ? 7.172   -2.708  -11.622 1.00 38.55 ? 216 SER A N   1 
ATOM   988  C  CA  . SER A 1 123 ? 8.569   -3.140  -11.588 1.00 41.55 ? 216 SER A CA  1 
ATOM   989  C  C   . SER A 1 123 ? 9.348   -2.383  -12.653 1.00 44.00 ? 216 SER A C   1 
ATOM   990  O  O   . SER A 1 123 ? 8.755   -1.838  -13.574 1.00 44.98 ? 216 SER A O   1 
ATOM   991  C  CB  . SER A 1 123 ? 8.675   -4.649  -11.825 1.00 39.10 ? 216 SER A CB  1 
ATOM   992  O  OG  . SER A 1 123 ? 8.032   -5.368  -10.792 1.00 36.60 ? 216 SER A OG  1 
ATOM   993  N  N   . ASP A 1 124 ? 10.671  -2.349  -12.538 1.00 48.38 ? 217 ASP A N   1 
ATOM   994  C  CA  . ASP A 1 124 ? 11.484  -1.627  -13.516 1.00 52.49 ? 217 ASP A CA  1 
ATOM   995  C  C   . ASP A 1 124 ? 11.734  -2.412  -14.806 1.00 54.43 ? 217 ASP A C   1 
ATOM   996  O  O   . ASP A 1 124 ? 11.259  -3.539  -14.974 1.00 54.04 ? 217 ASP A O   1 
ATOM   997  C  CB  . ASP A 1 124 ? 12.823  -1.211  -12.891 1.00 52.82 ? 217 ASP A CB  1 
ATOM   998  C  CG  . ASP A 1 124 ? 13.708  -2.395  -12.555 1.00 54.00 ? 217 ASP A CG  1 
ATOM   999  O  OD1 . ASP A 1 124 ? 14.746  -2.187  -11.894 1.00 55.34 ? 217 ASP A OD1 1 
ATOM   1000 O  OD2 . ASP A 1 124 ? 13.378  -3.532  -12.952 1.00 54.71 ? 217 ASP A OD2 1 
ATOM   1001 N  N   . GLU A 1 125 ? 12.485  -1.795  -15.716 1.00 56.69 ? 218 GLU A N   1 
ATOM   1002 C  CA  . GLU A 1 125 ? 12.824  -2.396  -17.001 1.00 57.68 ? 218 GLU A CA  1 
ATOM   1003 C  C   . GLU A 1 125 ? 13.503  -3.744  -16.795 1.00 57.12 ? 218 GLU A C   1 
ATOM   1004 O  O   . GLU A 1 125 ? 13.566  -4.564  -17.709 1.00 57.96 ? 218 GLU A O   1 
ATOM   1005 C  CB  . GLU A 1 125 ? 13.771  -1.475  -17.771 1.00 61.33 ? 218 GLU A CB  1 
ATOM   1006 C  CG  . GLU A 1 125 ? 13.265  -0.051  -17.937 1.00 66.76 ? 218 GLU A CG  1 
ATOM   1007 C  CD  . GLU A 1 125 ? 12.444  0.137   -19.193 1.00 69.53 ? 218 GLU A CD  1 
ATOM   1008 O  OE1 . GLU A 1 125 ? 11.520  -0.672  -19.428 1.00 70.88 ? 218 GLU A OE1 1 
ATOM   1009 O  OE2 . GLU A 1 125 ? 12.723  1.099   -19.942 1.00 71.04 ? 218 GLU A OE2 1 
ATOM   1010 N  N   . GLY A 1 126 ? 14.013  -3.971  -15.590 1.00 56.04 ? 219 GLY A N   1 
ATOM   1011 C  CA  . GLY A 1 126 ? 14.691  -5.221  -15.306 1.00 53.96 ? 219 GLY A CA  1 
ATOM   1012 C  C   . GLY A 1 126 ? 13.824  -6.203  -14.552 1.00 53.14 ? 219 GLY A C   1 
ATOM   1013 O  O   . GLY A 1 126 ? 14.313  -7.235  -14.095 1.00 53.08 ? 219 GLY A O   1 
ATOM   1014 N  N   . GLY A 1 127 ? 12.540  -5.884  -14.417 1.00 52.60 ? 220 GLY A N   1 
ATOM   1015 C  CA  . GLY A 1 127 ? 11.623  -6.764  -13.710 1.00 50.37 ? 220 GLY A CA  1 
ATOM   1016 C  C   . GLY A 1 127 ? 11.809  -6.712  -12.207 1.00 49.76 ? 220 GLY A C   1 
ATOM   1017 O  O   . GLY A 1 127 ? 11.405  -7.628  -11.485 1.00 49.23 ? 220 GLY A O   1 
ATOM   1018 N  N   . ASN A 1 128 ? 12.432  -5.637  -11.735 1.00 48.31 ? 221 ASN A N   1 
ATOM   1019 C  CA  . ASN A 1 128 ? 12.672  -5.450  -10.310 1.00 47.91 ? 221 ASN A CA  1 
ATOM   1020 C  C   . ASN A 1 128 ? 11.707  -4.405  -9.763  1.00 45.79 ? 221 ASN A C   1 
ATOM   1021 O  O   . ASN A 1 128 ? 11.274  -3.509  -10.489 1.00 45.08 ? 221 ASN A O   1 
ATOM   1022 C  CB  . ASN A 1 128 ? 14.117  -5.004  -10.070 1.00 48.99 ? 221 ASN A CB  1 
ATOM   1023 C  CG  . ASN A 1 128 ? 15.127  -5.960  -10.675 1.00 52.11 ? 221 ASN A CG  1 
ATOM   1024 O  OD1 . ASN A 1 128 ? 15.124  -7.159  -10.375 1.00 52.24 ? 221 ASN A OD1 1 
ATOM   1025 N  ND2 . ASN A 1 128 ? 15.996  -5.436  -11.536 1.00 51.09 ? 221 ASN A ND2 1 
ATOM   1026 N  N   . MET A 1 129 ? 11.382  -4.528  -8.478  1.00 43.02 ? 222 MET A N   1 
ATOM   1027 C  CA  . MET A 1 129 ? 10.458  -3.613  -7.809  1.00 40.76 ? 222 MET A CA  1 
ATOM   1028 C  C   . MET A 1 129 ? 11.079  -3.111  -6.500  1.00 39.07 ? 222 MET A C   1 
ATOM   1029 O  O   . MET A 1 129 ? 11.419  -3.911  -5.630  1.00 37.95 ? 222 MET A O   1 
ATOM   1030 C  CB  . MET A 1 129 ? 9.145   -4.352  -7.509  1.00 38.69 ? 222 MET A CB  1 
ATOM   1031 C  CG  . MET A 1 129 ? 8.007   -3.473  -7.008  1.00 37.40 ? 222 MET A CG  1 
ATOM   1032 S  SD  . MET A 1 129 ? 6.595   -4.447  -6.434  1.00 37.69 ? 222 MET A SD  1 
ATOM   1033 C  CE  . MET A 1 129 ? 5.947   -5.124  -7.967  1.00 35.08 ? 222 MET A CE  1 
ATOM   1034 N  N   . ASP A 1 130 ? 11.245  -1.798  -6.355  1.00 38.15 ? 223 ASP A N   1 
ATOM   1035 C  CA  . ASP A 1 130 ? 11.816  -1.277  -5.118  1.00 37.23 ? 223 ASP A CA  1 
ATOM   1036 C  C   . ASP A 1 130 ? 10.766  -1.290  -4.012  1.00 36.01 ? 223 ASP A C   1 
ATOM   1037 O  O   . ASP A 1 130 ? 9.638   -1.737  -4.218  1.00 34.25 ? 223 ASP A O   1 
ATOM   1038 C  CB  . ASP A 1 130 ? 12.373  0.138   -5.305  1.00 38.62 ? 223 ASP A CB  1 
ATOM   1039 C  CG  . ASP A 1 130 ? 11.316  1.132   -5.730  1.00 41.29 ? 223 ASP A CG  1 
ATOM   1040 O  OD1 . ASP A 1 130 ? 10.213  1.130   -5.143  1.00 43.35 ? 223 ASP A OD1 1 
ATOM   1041 O  OD2 . ASP A 1 130 ? 11.593  1.925   -6.648  1.00 42.49 ? 223 ASP A OD2 1 
ATOM   1042 N  N   . PHE A 1 131 ? 11.135  -0.777  -2.845  1.00 36.32 ? 224 PHE A N   1 
ATOM   1043 C  CA  . PHE A 1 131 ? 10.246  -0.788  -1.692  1.00 35.29 ? 224 PHE A CA  1 
ATOM   1044 C  C   . PHE A 1 131 ? 9.030   0.130   -1.763  1.00 34.88 ? 224 PHE A C   1 
ATOM   1045 O  O   . PHE A 1 131 ? 7.924   -0.290  -1.416  1.00 36.22 ? 224 PHE A O   1 
ATOM   1046 C  CB  . PHE A 1 131 ? 11.042  -0.491  -0.417  1.00 36.27 ? 224 PHE A CB  1 
ATOM   1047 C  CG  . PHE A 1 131 ? 10.252  -0.699  0.840   1.00 37.85 ? 224 PHE A CG  1 
ATOM   1048 C  CD1 . PHE A 1 131 ? 9.811   -1.974  1.194   1.00 38.61 ? 224 PHE A CD1 1 
ATOM   1049 C  CD2 . PHE A 1 131 ? 9.914   0.380   1.651   1.00 38.25 ? 224 PHE A CD2 1 
ATOM   1050 C  CE1 . PHE A 1 131 ? 9.036   -2.172  2.342   1.00 39.93 ? 224 PHE A CE1 1 
ATOM   1051 C  CE2 . PHE A 1 131 ? 9.139   0.197   2.802   1.00 39.47 ? 224 PHE A CE2 1 
ATOM   1052 C  CZ  . PHE A 1 131 ? 8.699   -1.086  3.148   1.00 40.29 ? 224 PHE A CZ  1 
ATOM   1053 N  N   . ASP A 1 132 ? 9.212   1.373   -2.199  1.00 32.04 ? 225 ASP A N   1 
ATOM   1054 C  CA  . ASP A 1 132 ? 8.065   2.262   -2.273  1.00 30.21 ? 225 ASP A CA  1 
ATOM   1055 C  C   . ASP A 1 132 ? 7.053   1.735   -3.284  1.00 30.36 ? 225 ASP A C   1 
ATOM   1056 O  O   . ASP A 1 132 ? 5.851   1.912   -3.105  1.00 31.33 ? 225 ASP A O   1 
ATOM   1057 C  CB  . ASP A 1 132 ? 8.480   3.709   -2.600  1.00 28.73 ? 225 ASP A CB  1 
ATOM   1058 C  CG  . ASP A 1 132 ? 9.186   3.846   -3.938  1.00 28.68 ? 225 ASP A CG  1 
ATOM   1059 O  OD1 . ASP A 1 132 ? 10.325  3.353   -4.077  1.00 28.51 ? 225 ASP A OD1 1 
ATOM   1060 O  OD2 . ASP A 1 132 ? 8.603   4.464   -4.851  1.00 26.61 ? 225 ASP A OD2 1 
ATOM   1061 N  N   . ASN A 1 133 ? 7.534   1.069   -4.330  1.00 30.36 ? 226 ASN A N   1 
ATOM   1062 C  CA  . ASN A 1 133 ? 6.642   0.505   -5.340  1.00 31.25 ? 226 ASN A CA  1 
ATOM   1063 C  C   . ASN A 1 133 ? 5.916   -0.707  -4.782  1.00 33.35 ? 226 ASN A C   1 
ATOM   1064 O  O   . ASN A 1 133 ? 4.724   -0.895  -5.024  1.00 33.90 ? 226 ASN A O   1 
ATOM   1065 C  CB  . ASN A 1 133 ? 7.418   0.075   -6.590  1.00 31.45 ? 226 ASN A CB  1 
ATOM   1066 C  CG  . ASN A 1 133 ? 7.958   1.248   -7.377  1.00 33.52 ? 226 ASN A CG  1 
ATOM   1067 O  OD1 . ASN A 1 133 ? 8.346   1.101   -8.534  1.00 36.14 ? 226 ASN A OD1 1 
ATOM   1068 N  ND2 . ASN A 1 133 ? 7.994   2.418   -6.754  1.00 31.34 ? 226 ASN A ND2 1 
ATOM   1069 N  N   . PHE A 1 134 ? 6.650   -1.527  -4.031  1.00 33.80 ? 227 PHE A N   1 
ATOM   1070 C  CA  . PHE A 1 134 ? 6.102   -2.737  -3.430  1.00 31.89 ? 227 PHE A CA  1 
ATOM   1071 C  C   . PHE A 1 134 ? 4.989   -2.406  -2.438  1.00 33.01 ? 227 PHE A C   1 
ATOM   1072 O  O   . PHE A 1 134 ? 3.911   -3.011  -2.469  1.00 33.24 ? 227 PHE A O   1 
ATOM   1073 C  CB  . PHE A 1 134 ? 7.225   -3.500  -2.729  1.00 30.76 ? 227 PHE A CB  1 
ATOM   1074 C  CG  . PHE A 1 134 ? 6.787   -4.769  -2.060  1.00 31.63 ? 227 PHE A CG  1 
ATOM   1075 C  CD1 . PHE A 1 134 ? 6.609   -4.817  -0.683  1.00 31.95 ? 227 PHE A CD1 1 
ATOM   1076 C  CD2 . PHE A 1 134 ? 6.589   -5.933  -2.801  1.00 31.07 ? 227 PHE A CD2 1 
ATOM   1077 C  CE1 . PHE A 1 134 ? 6.245   -6.007  -0.048  1.00 31.05 ? 227 PHE A CE1 1 
ATOM   1078 C  CE2 . PHE A 1 134 ? 6.226   -7.122  -2.177  1.00 31.82 ? 227 PHE A CE2 1 
ATOM   1079 C  CZ  . PHE A 1 134 ? 6.054   -7.160  -0.795  1.00 30.43 ? 227 PHE A CZ  1 
ATOM   1080 N  N   . ILE A 1 135 ? 5.250   -1.446  -1.558  1.00 32.11 ? 228 ILE A N   1 
ATOM   1081 C  CA  . ILE A 1 135 ? 4.260   -1.052  -0.567  1.00 33.02 ? 228 ILE A CA  1 
ATOM   1082 C  C   . ILE A 1 135 ? 3.065   -0.405  -1.251  1.00 32.07 ? 228 ILE A C   1 
ATOM   1083 O  O   . ILE A 1 135 ? 1.916   -0.741  -0.973  1.00 31.62 ? 228 ILE A O   1 
ATOM   1084 C  CB  . ILE A 1 135 ? 4.864   -0.076  0.451   1.00 33.11 ? 228 ILE A CB  1 
ATOM   1085 C  CG1 . ILE A 1 135 ? 5.914   -0.807  1.284   1.00 33.22 ? 228 ILE A CG1 1 
ATOM   1086 C  CG2 . ILE A 1 135 ? 3.773   0.501   1.339   1.00 33.81 ? 228 ILE A CG2 1 
ATOM   1087 C  CD1 . ILE A 1 135 ? 5.350   -1.949  2.104   1.00 28.77 ? 228 ILE A CD1 1 
ATOM   1088 N  N   . SER A 1 136 ? 3.353   0.519   -2.160  1.00 32.29 ? 229 SER A N   1 
ATOM   1089 C  CA  . SER A 1 136 ? 2.312   1.210   -2.905  1.00 31.45 ? 229 SER A CA  1 
ATOM   1090 C  C   . SER A 1 136 ? 1.350   0.228   -3.580  1.00 29.96 ? 229 SER A C   1 
ATOM   1091 O  O   . SER A 1 136 ? 0.133   0.401   -3.504  1.00 29.63 ? 229 SER A O   1 
ATOM   1092 C  CB  . SER A 1 136 ? 2.947   2.110   -3.966  1.00 32.02 ? 229 SER A CB  1 
ATOM   1093 O  OG  . SER A 1 136 ? 1.953   2.651   -4.815  1.00 38.67 ? 229 SER A OG  1 
ATOM   1094 N  N   . CYS A 1 137 ? 1.906   -0.801  -4.226  1.00 28.04 ? 230 CYS A N   1 
ATOM   1095 C  CA  . CYS A 1 137 ? 1.118   -1.808  -4.936  1.00 25.61 ? 230 CYS A CA  1 
ATOM   1096 C  C   . CYS A 1 137 ? 0.209   -2.610  -4.018  1.00 25.05 ? 230 CYS A C   1 
ATOM   1097 O  O   . CYS A 1 137 ? -0.992  -2.762  -4.272  1.00 22.73 ? 230 CYS A O   1 
ATOM   1098 C  CB  . CYS A 1 137 ? 2.050   -2.758  -5.692  1.00 29.63 ? 230 CYS A CB  1 
ATOM   1099 S  SG  . CYS A 1 137 ? 1.221   -4.124  -6.546  1.00 28.72 ? 230 CYS A SG  1 
ATOM   1100 N  N   . LEU A 1 138 ? 0.788   -3.127  -2.945  1.00 24.80 ? 231 LEU A N   1 
ATOM   1101 C  CA  . LEU A 1 138 ? 0.024   -3.910  -1.990  1.00 25.13 ? 231 LEU A CA  1 
ATOM   1102 C  C   . LEU A 1 138 ? -1.112  -3.109  -1.368  1.00 26.45 ? 231 LEU A C   1 
ATOM   1103 O  O   . LEU A 1 138 ? -2.207  -3.636  -1.181  1.00 26.97 ? 231 LEU A O   1 
ATOM   1104 C  CB  . LEU A 1 138 ? 0.950   -4.455  -0.896  1.00 24.12 ? 231 LEU A CB  1 
ATOM   1105 C  CG  . LEU A 1 138 ? 1.836   -5.612  -1.378  1.00 24.03 ? 231 LEU A CG  1 
ATOM   1106 C  CD1 . LEU A 1 138 ? 2.769   -6.076  -0.266  1.00 24.03 ? 231 LEU A CD1 1 
ATOM   1107 C  CD2 . LEU A 1 138 ? 0.937   -6.753  -1.832  1.00 23.89 ? 231 LEU A CD2 1 
ATOM   1108 N  N   . VAL A 1 139 ? -0.858  -1.839  -1.049  1.00 25.82 ? 232 VAL A N   1 
ATOM   1109 C  CA  . VAL A 1 139 ? -1.895  -1.005  -0.450  1.00 26.20 ? 232 VAL A CA  1 
ATOM   1110 C  C   . VAL A 1 139 ? -3.063  -0.914  -1.414  1.00 25.83 ? 232 VAL A C   1 
ATOM   1111 O  O   . VAL A 1 139 ? -4.219  -1.138  -1.036  1.00 24.91 ? 232 VAL A O   1 
ATOM   1112 C  CB  . VAL A 1 139 ? -1.372  0.423   -0.123  1.00 27.62 ? 232 VAL A CB  1 
ATOM   1113 C  CG1 . VAL A 1 139 ? -2.527  1.323   0.299   1.00 25.04 ? 232 VAL A CG1 1 
ATOM   1114 C  CG2 . VAL A 1 139 ? -0.338  0.355   0.992   1.00 22.31 ? 232 VAL A CG2 1 
ATOM   1115 N  N   . ARG A 1 140 ? -2.750  -0.609  -2.667  1.00 25.79 ? 233 ARG A N   1 
ATOM   1116 C  CA  . ARG A 1 140 ? -3.771  -0.497  -3.707  1.00 28.12 ? 233 ARG A CA  1 
ATOM   1117 C  C   . ARG A 1 140 ? -4.461  -1.845  -3.962  1.00 29.24 ? 233 ARG A C   1 
ATOM   1118 O  O   . ARG A 1 140 ? -5.691  -1.929  -4.054  1.00 29.33 ? 233 ARG A O   1 
ATOM   1119 C  CB  . ARG A 1 140 ? -3.125  -0.006  -4.991  1.00 27.10 ? 233 ARG A CB  1 
ATOM   1120 C  CG  . ARG A 1 140 ? -4.070  0.447   -6.073  1.00 31.39 ? 233 ARG A CG  1 
ATOM   1121 C  CD  . ARG A 1 140 ? -3.263  0.588   -7.348  1.00 37.43 ? 233 ARG A CD  1 
ATOM   1122 N  NE  . ARG A 1 140 ? -3.991  1.206   -8.446  1.00 41.42 ? 233 ARG A NE  1 
ATOM   1123 C  CZ  . ARG A 1 140 ? -4.347  2.481   -8.471  1.00 43.18 ? 233 ARG A CZ  1 
ATOM   1124 N  NH1 . ARG A 1 140 ? -4.045  3.265   -7.446  1.00 45.91 ? 233 ARG A NH1 1 
ATOM   1125 N  NH2 . ARG A 1 140 ? -4.990  2.969   -9.526  1.00 43.59 ? 233 ARG A NH2 1 
ATOM   1126 N  N   . LEU A 1 141 ? -3.662  -2.899  -4.075  1.00 30.78 ? 234 LEU A N   1 
ATOM   1127 C  CA  . LEU A 1 141 ? -4.188  -4.235  -4.322  1.00 30.81 ? 234 LEU A CA  1 
ATOM   1128 C  C   . LEU A 1 141 ? -5.134  -4.657  -3.194  1.00 29.52 ? 234 LEU A C   1 
ATOM   1129 O  O   . LEU A 1 141 ? -6.267  -5.099  -3.440  1.00 28.14 ? 234 LEU A O   1 
ATOM   1130 C  CB  . LEU A 1 141 ? -3.028  -5.224  -4.448  1.00 31.25 ? 234 LEU A CB  1 
ATOM   1131 C  CG  . LEU A 1 141 ? -3.359  -6.676  -4.792  1.00 32.39 ? 234 LEU A CG  1 
ATOM   1132 C  CD1 . LEU A 1 141 ? -4.127  -6.734  -6.106  1.00 27.50 ? 234 LEU A CD1 1 
ATOM   1133 C  CD2 . LEU A 1 141 ? -2.063  -7.474  -4.880  1.00 30.85 ? 234 LEU A CD2 1 
ATOM   1134 N  N   . ASP A 1 142 ? -4.660  -4.515  -1.959  1.00 28.56 ? 235 ASP A N   1 
ATOM   1135 C  CA  . ASP A 1 142 ? -5.457  -4.855  -0.789  1.00 27.86 ? 235 ASP A CA  1 
ATOM   1136 C  C   . ASP A 1 142 ? -6.778  -4.086  -0.818  1.00 28.63 ? 235 ASP A C   1 
ATOM   1137 O  O   . ASP A 1 142 ? -7.839  -4.647  -0.541  1.00 28.36 ? 235 ASP A O   1 
ATOM   1138 C  CB  . ASP A 1 142 ? -4.690  -4.504  0.486   1.00 30.26 ? 235 ASP A CB  1 
ATOM   1139 C  CG  . ASP A 1 142 ? -5.556  -4.620  1.740   1.00 34.43 ? 235 ASP A CG  1 
ATOM   1140 O  OD1 . ASP A 1 142 ? -5.803  -5.756  2.197   1.00 36.94 ? 235 ASP A OD1 1 
ATOM   1141 O  OD2 . ASP A 1 142 ? -5.995  -3.574  2.265   1.00 32.39 ? 235 ASP A OD2 1 
ATOM   1142 N  N   . ALA A 1 143 ? -6.700  -2.796  -1.157  1.00 29.46 ? 236 ALA A N   1 
ATOM   1143 C  CA  . ALA A 1 143 ? -7.878  -1.931  -1.230  1.00 29.82 ? 236 ALA A CA  1 
ATOM   1144 C  C   . ALA A 1 143 ? -8.825  -2.341  -2.355  1.00 29.67 ? 236 ALA A C   1 
ATOM   1145 O  O   . ALA A 1 143 ? -10.042 -2.324  -2.179  1.00 28.74 ? 236 ALA A O   1 
ATOM   1146 C  CB  . ALA A 1 143 ? -7.453  -0.466  -1.416  1.00 30.84 ? 236 ALA A CB  1 
ATOM   1147 N  N   . MET A 1 144 ? -8.277  -2.704  -3.513  1.00 28.55 ? 237 MET A N   1 
ATOM   1148 C  CA  . MET A 1 144 ? -9.133  -3.114  -4.625  1.00 28.09 ? 237 MET A CA  1 
ATOM   1149 C  C   . MET A 1 144 ? -9.843  -4.431  -4.319  1.00 26.00 ? 237 MET A C   1 
ATOM   1150 O  O   . MET A 1 144 ? -10.980 -4.638  -4.730  1.00 23.45 ? 237 MET A O   1 
ATOM   1151 C  CB  . MET A 1 144 ? -8.323  -3.208  -5.922  1.00 29.34 ? 237 MET A CB  1 
ATOM   1152 C  CG  . MET A 1 144 ? -7.906  -1.840  -6.445  1.00 28.44 ? 237 MET A CG  1 
ATOM   1153 S  SD  . MET A 1 144 ? -9.311  -0.723  -6.613  1.00 31.08 ? 237 MET A SD  1 
ATOM   1154 C  CE  . MET A 1 144 ? -9.180  0.257   -5.110  1.00 35.45 ? 237 MET A CE  1 
ATOM   1155 N  N   . PHE A 1 145 ? -9.174  -5.314  -3.588  1.00 24.93 ? 238 PHE A N   1 
ATOM   1156 C  CA  . PHE A 1 145 ? -9.789  -6.576  -3.192  1.00 26.12 ? 238 PHE A CA  1 
ATOM   1157 C  C   . PHE A 1 145 ? -10.953 -6.285  -2.249  1.00 26.66 ? 238 PHE A C   1 
ATOM   1158 O  O   . PHE A 1 145 ? -12.039 -6.836  -2.404  1.00 25.90 ? 238 PHE A O   1 
ATOM   1159 C  CB  . PHE A 1 145 ? -8.777  -7.469  -2.459  1.00 27.92 ? 238 PHE A CB  1 
ATOM   1160 C  CG  . PHE A 1 145 ? -8.073  -8.473  -3.350  1.00 29.92 ? 238 PHE A CG  1 
ATOM   1161 C  CD1 . PHE A 1 145 ? -8.705  -9.661  -3.719  1.00 31.09 ? 238 PHE A CD1 1 
ATOM   1162 C  CD2 . PHE A 1 145 ? -6.762  -8.257  -3.771  1.00 28.60 ? 238 PHE A CD2 1 
ATOM   1163 C  CE1 . PHE A 1 145 ? -8.040  -10.621 -4.488  1.00 31.04 ? 238 PHE A CE1 1 
ATOM   1164 C  CE2 . PHE A 1 145 ? -6.088  -9.214  -4.543  1.00 32.40 ? 238 PHE A CE2 1 
ATOM   1165 C  CZ  . PHE A 1 145 ? -6.728  -10.398 -4.899  1.00 30.74 ? 238 PHE A CZ  1 
ATOM   1166 N  N   . ARG A 1 146 ? -10.725 -5.417  -1.264  1.00 28.58 ? 239 ARG A N   1 
ATOM   1167 C  CA  . ARG A 1 146 ? -11.769 -5.093  -0.296  1.00 29.33 ? 239 ARG A CA  1 
ATOM   1168 C  C   . ARG A 1 146 ? -12.955 -4.415  -0.952  1.00 29.59 ? 239 ARG A C   1 
ATOM   1169 O  O   . ARG A 1 146 ? -14.104 -4.723  -0.637  1.00 30.34 ? 239 ARG A O   1 
ATOM   1170 C  CB  . ARG A 1 146 ? -11.212 -4.231  0.840   1.00 33.84 ? 239 ARG A CB  1 
ATOM   1171 C  CG  . ARG A 1 146 ? -10.228 -4.987  1.740   1.00 34.59 ? 239 ARG A CG  1 
ATOM   1172 C  CD  . ARG A 1 146 ? -9.829  -4.210  3.009   1.00 38.27 ? 239 ARG A CD  1 
ATOM   1173 N  NE  . ARG A 1 146 ? -8.967  -3.052  2.759   1.00 40.62 ? 239 ARG A NE  1 
ATOM   1174 C  CZ  . ARG A 1 146 ? -9.403  -1.823  2.479   1.00 45.18 ? 239 ARG A CZ  1 
ATOM   1175 N  NH1 . ARG A 1 146 ? -10.707 -1.566  2.405   1.00 46.58 ? 239 ARG A NH1 1 
ATOM   1176 N  NH2 . ARG A 1 146 ? -8.532  -0.839  2.278   1.00 45.45 ? 239 ARG A NH2 1 
ATOM   1177 N  N   . ALA A 1 147 ? -12.683 -3.509  -1.883  1.00 27.73 ? 240 ALA A N   1 
ATOM   1178 C  CA  . ALA A 1 147 ? -13.758 -2.823  -2.573  1.00 28.39 ? 240 ALA A CA  1 
ATOM   1179 C  C   . ALA A 1 147 ? -14.623 -3.836  -3.321  1.00 29.37 ? 240 ALA A C   1 
ATOM   1180 O  O   . ALA A 1 147 ? -15.852 -3.727  -3.361  1.00 28.70 ? 240 ALA A O   1 
ATOM   1181 C  CB  . ALA A 1 147 ? -13.186 -1.799  -3.551  1.00 27.64 ? 240 ALA A CB  1 
ATOM   1182 N  N   . PHE A 1 148 ? -13.975 -4.827  -3.919  1.00 30.83 ? 241 PHE A N   1 
ATOM   1183 C  CA  . PHE A 1 148 ? -14.708 -5.824  -4.675  1.00 32.21 ? 241 PHE A CA  1 
ATOM   1184 C  C   . PHE A 1 148 ? -15.602 -6.647  -3.763  1.00 33.26 ? 241 PHE A C   1 
ATOM   1185 O  O   . PHE A 1 148 ? -16.796 -6.784  -4.019  1.00 32.70 ? 241 PHE A O   1 
ATOM   1186 C  CB  . PHE A 1 148 ? -13.756 -6.757  -5.420  1.00 29.45 ? 241 PHE A CB  1 
ATOM   1187 C  CG  . PHE A 1 148 ? -14.444 -7.624  -6.427  1.00 26.93 ? 241 PHE A CG  1 
ATOM   1188 C  CD1 . PHE A 1 148 ? -14.629 -7.179  -7.729  1.00 26.22 ? 241 PHE A CD1 1 
ATOM   1189 C  CD2 . PHE A 1 148 ? -14.915 -8.884  -6.073  1.00 24.84 ? 241 PHE A CD2 1 
ATOM   1190 C  CE1 . PHE A 1 148 ? -15.270 -7.981  -8.674  1.00 26.18 ? 241 PHE A CE1 1 
ATOM   1191 C  CE2 . PHE A 1 148 ? -15.556 -9.687  -7.008  1.00 23.84 ? 241 PHE A CE2 1 
ATOM   1192 C  CZ  . PHE A 1 148 ? -15.733 -9.235  -8.312  1.00 23.73 ? 241 PHE A CZ  1 
ATOM   1193 N  N   . LYS A 1 149 ? -15.020 -7.189  -2.700  1.00 36.14 ? 242 LYS A N   1 
ATOM   1194 C  CA  . LYS A 1 149 ? -15.776 -8.006  -1.756  1.00 40.62 ? 242 LYS A CA  1 
ATOM   1195 C  C   . LYS A 1 149 ? -16.981 -7.284  -1.164  1.00 41.51 ? 242 LYS A C   1 
ATOM   1196 O  O   . LYS A 1 149 ? -18.068 -7.859  -1.082  1.00 42.28 ? 242 LYS A O   1 
ATOM   1197 C  CB  . LYS A 1 149 ? -14.861 -8.492  -0.629  1.00 42.59 ? 242 LYS A CB  1 
ATOM   1198 C  CG  . LYS A 1 149 ? -13.787 -9.457  -1.113  1.00 48.27 ? 242 LYS A CG  1 
ATOM   1199 C  CD  . LYS A 1 149 ? -12.725 -9.719  -0.052  1.00 49.27 ? 242 LYS A CD  1 
ATOM   1200 C  CE  . LYS A 1 149 ? -11.552 -10.494 -0.643  1.00 50.36 ? 242 LYS A CE  1 
ATOM   1201 N  NZ  . LYS A 1 149 ? -10.352 -10.457 0.236   1.00 50.46 ? 242 LYS A NZ  1 
ATOM   1202 N  N   . SER A 1 150 ? -16.797 -6.028  -0.762  1.00 42.54 ? 243 SER A N   1 
ATOM   1203 C  CA  . SER A 1 150 ? -17.887 -5.263  -0.167  1.00 44.79 ? 243 SER A CA  1 
ATOM   1204 C  C   . SER A 1 150 ? -19.040 -5.073  -1.146  1.00 44.65 ? 243 SER A C   1 
ATOM   1205 O  O   . SER A 1 150 ? -20.189 -5.007  -0.735  1.00 46.77 ? 243 SER A O   1 
ATOM   1206 C  CB  . SER A 1 150 ? -17.395 -3.899  0.330   1.00 45.46 ? 243 SER A CB  1 
ATOM   1207 O  OG  . SER A 1 150 ? -17.252 -2.979  -0.736  1.00 50.24 ? 243 SER A OG  1 
ATOM   1208 N  N   . LEU A 1 151 ? -18.742 -4.992  -2.437  1.00 44.87 ? 244 LEU A N   1 
ATOM   1209 C  CA  . LEU A 1 151 ? -19.793 -4.830  -3.435  1.00 46.03 ? 244 LEU A CA  1 
ATOM   1210 C  C   . LEU A 1 151 ? -20.347 -6.169  -3.921  1.00 47.43 ? 244 LEU A C   1 
ATOM   1211 O  O   . LEU A 1 151 ? -21.223 -6.216  -4.779  1.00 46.08 ? 244 LEU A O   1 
ATOM   1212 C  CB  . LEU A 1 151 ? -19.276 -4.038  -4.634  1.00 46.24 ? 244 LEU A CB  1 
ATOM   1213 C  CG  . LEU A 1 151 ? -19.305 -2.514  -4.554  1.00 45.91 ? 244 LEU A CG  1 
ATOM   1214 C  CD1 . LEU A 1 151 ? -18.478 -2.035  -3.371  1.00 47.43 ? 244 LEU A CD1 1 
ATOM   1215 C  CD2 . LEU A 1 151 ? -18.770 -1.947  -5.855  1.00 44.51 ? 244 LEU A CD2 1 
ATOM   1216 N  N   . ASP A 1 152 ? -19.833 -7.258  -3.363  1.00 51.01 ? 245 ASP A N   1 
ATOM   1217 C  CA  . ASP A 1 152 ? -20.276 -8.596  -3.742  1.00 53.68 ? 245 ASP A CA  1 
ATOM   1218 C  C   . ASP A 1 152 ? -20.403 -9.496  -2.511  1.00 56.51 ? 245 ASP A C   1 
ATOM   1219 O  O   . ASP A 1 152 ? -19.841 -10.589 -2.473  1.00 58.03 ? 245 ASP A O   1 
ATOM   1220 C  CB  . ASP A 1 152 ? -19.278 -9.200  -4.737  1.00 50.63 ? 245 ASP A CB  1 
ATOM   1221 C  CG  . ASP A 1 152 ? -19.655 -10.602 -5.170  1.00 49.97 ? 245 ASP A CG  1 
ATOM   1222 O  OD1 . ASP A 1 152 ? -20.779 -10.784 -5.690  1.00 50.32 ? 245 ASP A OD1 1 
ATOM   1223 O  OD2 . ASP A 1 152 ? -18.823 -11.520 -4.997  1.00 47.49 ? 245 ASP A OD2 1 
ATOM   1224 N  N   . LYS A 1 153 ? -21.140 -9.035  -1.504  1.00 60.20 ? 246 LYS A N   1 
ATOM   1225 C  CA  . LYS A 1 153 ? -21.320 -9.815  -0.279  1.00 64.31 ? 246 LYS A CA  1 
ATOM   1226 C  C   . LYS A 1 153 ? -22.125 -11.082 -0.564  1.00 66.04 ? 246 LYS A C   1 
ATOM   1227 O  O   . LYS A 1 153 ? -22.060 -12.057 0.191   1.00 65.63 ? 246 LYS A O   1 
ATOM   1228 C  CB  . LYS A 1 153 ? -22.023 -8.977  0.795   1.00 65.95 ? 246 LYS A CB  1 
ATOM   1229 C  CG  . LYS A 1 153 ? -21.246 -7.736  1.238   1.00 68.70 ? 246 LYS A CG  1 
ATOM   1230 C  CD  . LYS A 1 153 ? -19.877 -8.077  1.833   1.00 70.27 ? 246 LYS A CD  1 
ATOM   1231 C  CE  . LYS A 1 153 ? -19.991 -8.773  3.188   1.00 72.55 ? 246 LYS A CE  1 
ATOM   1232 N  NZ  . LYS A 1 153 ? -20.655 -10.106 3.110   1.00 73.17 ? 246 LYS A NZ  1 
ATOM   1233 N  N   . ASP A 1 154 ? -22.878 -11.057 -1.663  1.00 67.31 ? 247 ASP A N   1 
ATOM   1234 C  CA  . ASP A 1 154 ? -23.686 -12.199 -2.077  1.00 67.15 ? 247 ASP A CA  1 
ATOM   1235 C  C   . ASP A 1 154 ? -22.797 -13.236 -2.772  1.00 65.50 ? 247 ASP A C   1 
ATOM   1236 O  O   . ASP A 1 154 ? -23.280 -14.254 -3.270  1.00 66.63 ? 247 ASP A O   1 
ATOM   1237 C  CB  . ASP A 1 154 ? -24.820 -11.733 -3.004  1.00 68.96 ? 247 ASP A CB  1 
ATOM   1238 C  CG  . ASP A 1 154 ? -24.318 -10.912 -4.182  1.00 71.62 ? 247 ASP A CG  1 
ATOM   1239 O  OD1 . ASP A 1 154 ? -23.426 -10.056 -3.975  1.00 71.94 ? 247 ASP A OD1 1 
ATOM   1240 O  OD2 . ASP A 1 154 ? -24.826 -11.113 -5.309  1.00 71.75 ? 247 ASP A OD2 1 
ATOM   1241 N  N   . GLY A 1 155 ? -21.493 -12.953 -2.791  1.00 62.68 ? 248 GLY A N   1 
ATOM   1242 C  CA  . GLY A 1 155 ? -20.500 -13.842 -3.380  1.00 58.46 ? 248 GLY A CA  1 
ATOM   1243 C  C   . GLY A 1 155 ? -20.763 -14.481 -4.735  1.00 55.27 ? 248 GLY A C   1 
ATOM   1244 O  O   . GLY A 1 155 ? -20.423 -15.648 -4.936  1.00 54.39 ? 248 GLY A O   1 
ATOM   1245 N  N   . THR A 1 156 ? -21.343 -13.729 -5.666  1.00 51.57 ? 249 THR A N   1 
ATOM   1246 C  CA  . THR A 1 156 ? -21.638 -14.250 -7.000  1.00 47.77 ? 249 THR A CA  1 
ATOM   1247 C  C   . THR A 1 156 ? -20.425 -14.228 -7.927  1.00 46.39 ? 249 THR A C   1 
ATOM   1248 O  O   . THR A 1 156 ? -20.505 -14.695 -9.067  1.00 46.05 ? 249 THR A O   1 
ATOM   1249 C  CB  . THR A 1 156 ? -22.750 -13.441 -7.683  1.00 48.38 ? 249 THR A CB  1 
ATOM   1250 O  OG1 . THR A 1 156 ? -22.298 -12.097 -7.897  1.00 43.88 ? 249 THR A OG1 1 
ATOM   1251 C  CG2 . THR A 1 156 ? -24.011 -13.433 -6.814  1.00 49.00 ? 249 THR A CG2 1 
ATOM   1252 N  N   . GLY A 1 157 ? -19.313 -13.675 -7.446  1.00 42.39 ? 250 GLY A N   1 
ATOM   1253 C  CA  . GLY A 1 157 ? -18.114 -13.609 -8.259  1.00 39.68 ? 250 GLY A CA  1 
ATOM   1254 C  C   . GLY A 1 157 ? -18.152 -12.466 -9.258  1.00 38.98 ? 250 GLY A C   1 
ATOM   1255 O  O   . GLY A 1 157 ? -17.292 -12.351 -10.132 1.00 37.24 ? 250 GLY A O   1 
ATOM   1256 N  N   . GLN A 1 158 ? -19.161 -11.616 -9.128  1.00 38.45 ? 251 GLN A N   1 
ATOM   1257 C  CA  . GLN A 1 158 ? -19.309 -10.478 -10.013 1.00 37.13 ? 251 GLN A CA  1 
ATOM   1258 C  C   . GLN A 1 158 ? -19.940 -9.297  -9.299  1.00 37.76 ? 251 GLN A C   1 
ATOM   1259 O  O   . GLN A 1 158 ? -20.775 -9.467  -8.407  1.00 37.43 ? 251 GLN A O   1 
ATOM   1260 C  CB  . GLN A 1 158 ? -20.173 -10.852 -11.205 1.00 37.05 ? 251 GLN A CB  1 
ATOM   1261 C  CG  . GLN A 1 158 ? -19.437 -10.888 -12.521 1.00 38.98 ? 251 GLN A CG  1 
ATOM   1262 C  CD  . GLN A 1 158 ? -20.331 -11.334 -13.648 1.00 41.53 ? 251 GLN A CD  1 
ATOM   1263 O  OE1 . GLN A 1 158 ? -19.993 -11.187 -14.825 1.00 44.24 ? 251 GLN A OE1 1 
ATOM   1264 N  NE2 . GLN A 1 158 ? -21.486 -11.889 -13.296 1.00 41.61 ? 251 GLN A NE2 1 
ATOM   1265 N  N   . ILE A 1 159 ? -19.518 -8.097  -9.684  1.00 37.35 ? 252 ILE A N   1 
ATOM   1266 C  CA  . ILE A 1 159 ? -20.071 -6.876  -9.118  1.00 36.77 ? 252 ILE A CA  1 
ATOM   1267 C  C   . ILE A 1 159 ? -20.560 -6.051  -10.296 1.00 37.94 ? 252 ILE A C   1 
ATOM   1268 O  O   . ILE A 1 159 ? -20.012 -6.133  -11.399 1.00 38.81 ? 252 ILE A O   1 
ATOM   1269 C  CB  . ILE A 1 159 ? -19.025 -6.061  -8.318  1.00 35.91 ? 252 ILE A CB  1 
ATOM   1270 C  CG1 . ILE A 1 159 ? -17.863 -5.647  -9.225  1.00 35.13 ? 252 ILE A CG1 1 
ATOM   1271 C  CG2 . ILE A 1 159 ? -18.526 -6.878  -7.137  1.00 33.47 ? 252 ILE A CG2 1 
ATOM   1272 C  CD1 . ILE A 1 159 ? -16.939 -4.624  -8.588  1.00 33.23 ? 252 ILE A CD1 1 
ATOM   1273 N  N   . GLN A 1 160 ? -21.600 -5.263  -10.066 1.00 38.46 ? 253 GLN A N   1 
ATOM   1274 C  CA  . GLN A 1 160 ? -22.173 -4.440  -11.119 1.00 38.60 ? 253 GLN A CA  1 
ATOM   1275 C  C   . GLN A 1 160 ? -22.185 -2.989  -10.648 1.00 36.06 ? 253 GLN A C   1 
ATOM   1276 O  O   . GLN A 1 160 ? -22.649 -2.707  -9.544  1.00 36.28 ? 253 GLN A O   1 
ATOM   1277 C  CB  . GLN A 1 160 ? -23.593 -4.933  -11.416 1.00 41.34 ? 253 GLN A CB  1 
ATOM   1278 C  CG  . GLN A 1 160 ? -24.225 -4.345  -12.659 1.00 48.19 ? 253 GLN A CG  1 
ATOM   1279 C  CD  . GLN A 1 160 ? -25.639 -4.863  -12.887 1.00 51.12 ? 253 GLN A CD  1 
ATOM   1280 O  OE1 . GLN A 1 160 ? -26.486 -4.808  -11.991 1.00 50.92 ? 253 GLN A OE1 1 
ATOM   1281 N  NE2 . GLN A 1 160 ? -25.901 -5.364  -14.096 1.00 50.96 ? 253 GLN A NE2 1 
ATOM   1282 N  N   . VAL A 1 161 ? -21.661 -2.076  -11.467 1.00 32.54 ? 254 VAL A N   1 
ATOM   1283 C  CA  . VAL A 1 161 ? -21.633 -0.666  -11.091 1.00 30.19 ? 254 VAL A CA  1 
ATOM   1284 C  C   . VAL A 1 161 ? -22.032 0.262   -12.224 1.00 29.38 ? 254 VAL A C   1 
ATOM   1285 O  O   . VAL A 1 161 ? -21.841 -0.057  -13.397 1.00 29.19 ? 254 VAL A O   1 
ATOM   1286 C  CB  . VAL A 1 161 ? -20.225 -0.214  -10.587 1.00 29.76 ? 254 VAL A CB  1 
ATOM   1287 C  CG1 . VAL A 1 161 ? -19.835 -0.991  -9.336  1.00 30.61 ? 254 VAL A CG1 1 
ATOM   1288 C  CG2 . VAL A 1 161 ? -19.186 -0.406  -11.679 1.00 27.75 ? 254 VAL A CG2 1 
ATOM   1289 N  N   . ASN A 1 162 ? -22.604 1.407   -11.856 1.00 28.49 ? 255 ASN A N   1 
ATOM   1290 C  CA  . ASN A 1 162 ? -22.987 2.422   -12.824 1.00 26.90 ? 255 ASN A CA  1 
ATOM   1291 C  C   . ASN A 1 162 ? -21.748 3.299   -13.012 1.00 26.13 ? 255 ASN A C   1 
ATOM   1292 O  O   . ASN A 1 162 ? -20.760 3.152   -12.285 1.00 27.07 ? 255 ASN A O   1 
ATOM   1293 C  CB  . ASN A 1 162 ? -24.183 3.250   -12.323 1.00 27.56 ? 255 ASN A CB  1 
ATOM   1294 C  CG  . ASN A 1 162 ? -23.931 3.911   -10.967 1.00 27.53 ? 255 ASN A CG  1 
ATOM   1295 O  OD1 . ASN A 1 162 ? -23.106 4.818   -10.839 1.00 27.56 ? 255 ASN A OD1 1 
ATOM   1296 N  ND2 . ASN A 1 162 ? -24.654 3.458   -9.951  1.00 28.75 ? 255 ASN A ND2 1 
ATOM   1297 N  N   . ILE A 1 163 ? -21.801 4.203   -13.978 1.00 24.87 ? 256 ILE A N   1 
ATOM   1298 C  CA  . ILE A 1 163 ? -20.672 5.069   -14.296 1.00 25.67 ? 256 ILE A CA  1 
ATOM   1299 C  C   . ILE A 1 163 ? -20.137 5.946   -13.157 1.00 25.82 ? 256 ILE A C   1 
ATOM   1300 O  O   . ILE A 1 163 ? -18.958 6.301   -13.154 1.00 26.32 ? 256 ILE A O   1 
ATOM   1301 C  CB  . ILE A 1 163 ? -21.015 5.969   -15.516 1.00 26.21 ? 256 ILE A CB  1 
ATOM   1302 C  CG1 . ILE A 1 163 ? -19.776 6.720   -16.002 1.00 29.68 ? 256 ILE A CG1 1 
ATOM   1303 C  CG2 . ILE A 1 163 ? -22.056 6.983   -15.139 1.00 27.50 ? 256 ILE A CG2 1 
ATOM   1304 C  CD1 . ILE A 1 163 ? -18.767 5.866   -16.669 1.00 25.42 ? 256 ILE A CD1 1 
ATOM   1305 N  N   . GLN A 1 164 ? -20.978 6.283   -12.185 1.00 25.42 ? 257 GLN A N   1 
ATOM   1306 C  CA  . GLN A 1 164 ? -20.530 7.147   -11.094 1.00 24.58 ? 257 GLN A CA  1 
ATOM   1307 C  C   . GLN A 1 164 ? -19.776 6.377   -10.018 1.00 23.76 ? 257 GLN A C   1 
ATOM   1308 O  O   . GLN A 1 164 ? -18.826 6.886   -9.420  1.00 21.96 ? 257 GLN A O   1 
ATOM   1309 C  CB  . GLN A 1 164 ? -21.728 7.898   -10.488 1.00 24.39 ? 257 GLN A CB  1 
ATOM   1310 C  CG  . GLN A 1 164 ? -22.468 8.759   -11.520 1.00 27.28 ? 257 GLN A CG  1 
ATOM   1311 C  CD  . GLN A 1 164 ? -23.544 9.672   -10.920 1.00 29.72 ? 257 GLN A CD  1 
ATOM   1312 O  OE1 . GLN A 1 164 ? -24.333 10.268  -11.656 1.00 29.38 ? 257 GLN A OE1 1 
ATOM   1313 N  NE2 . GLN A 1 164 ? -23.572 9.791   -9.590  1.00 27.78 ? 257 GLN A NE2 1 
ATOM   1314 N  N   . GLU A 1 165 ? -20.199 5.147   -9.766  1.00 22.07 ? 258 GLU A N   1 
ATOM   1315 C  CA  . GLU A 1 165 ? -19.520 4.336   -8.773  1.00 23.29 ? 258 GLU A CA  1 
ATOM   1316 C  C   . GLU A 1 165 ? -18.153 3.984   -9.352  1.00 22.56 ? 258 GLU A C   1 
ATOM   1317 O  O   . GLU A 1 165 ? -17.140 4.049   -8.660  1.00 21.51 ? 258 GLU A O   1 
ATOM   1318 C  CB  . GLU A 1 165 ? -20.325 3.076   -8.496  1.00 25.31 ? 258 GLU A CB  1 
ATOM   1319 C  CG  . GLU A 1 165 ? -21.750 3.370   -8.108  1.00 29.70 ? 258 GLU A CG  1 
ATOM   1320 C  CD  . GLU A 1 165 ? -22.560 2.122   -7.901  1.00 32.16 ? 258 GLU A CD  1 
ATOM   1321 O  OE1 . GLU A 1 165 ? -22.651 1.312   -8.853  1.00 33.95 ? 258 GLU A OE1 1 
ATOM   1322 O  OE2 . GLU A 1 165 ? -23.105 1.957   -6.786  1.00 34.74 ? 258 GLU A OE2 1 
ATOM   1323 N  N   . TRP A 1 166 ? -18.154 3.641   -10.638 1.00 22.65 ? 259 TRP A N   1 
ATOM   1324 C  CA  . TRP A 1 166 ? -16.951 3.287   -11.386 1.00 23.95 ? 259 TRP A CA  1 
ATOM   1325 C  C   . TRP A 1 166 ? -15.906 4.400   -11.281 1.00 25.57 ? 259 TRP A C   1 
ATOM   1326 O  O   . TRP A 1 166 ? -14.794 4.173   -10.807 1.00 25.57 ? 259 TRP A O   1 
ATOM   1327 C  CB  . TRP A 1 166 ? -17.328 3.050   -12.847 1.00 24.31 ? 259 TRP A CB  1 
ATOM   1328 C  CG  . TRP A 1 166 ? -16.182 2.782   -13.776 1.00 24.75 ? 259 TRP A CG  1 
ATOM   1329 C  CD1 . TRP A 1 166 ? -15.751 3.584   -14.786 1.00 26.15 ? 259 TRP A CD1 1 
ATOM   1330 C  CD2 . TRP A 1 166 ? -15.348 1.613   -13.806 1.00 24.37 ? 259 TRP A CD2 1 
ATOM   1331 N  NE1 . TRP A 1 166 ? -14.698 2.991   -15.450 1.00 26.02 ? 259 TRP A NE1 1 
ATOM   1332 C  CE2 . TRP A 1 166 ? -14.432 1.781   -14.869 1.00 25.07 ? 259 TRP A CE2 1 
ATOM   1333 C  CE3 . TRP A 1 166 ? -15.284 0.442   -13.038 1.00 24.40 ? 259 TRP A CE3 1 
ATOM   1334 C  CZ2 . TRP A 1 166 ? -13.461 0.817   -15.189 1.00 26.32 ? 259 TRP A CZ2 1 
ATOM   1335 C  CZ3 . TRP A 1 166 ? -14.315 -0.517  -13.355 1.00 27.50 ? 259 TRP A CZ3 1 
ATOM   1336 C  CH2 . TRP A 1 166 ? -13.418 -0.321  -14.423 1.00 25.71 ? 259 TRP A CH2 1 
ATOM   1337 N  N   . LEU A 1 167 ? -16.277 5.604   -11.709 1.00 26.27 ? 260 LEU A N   1 
ATOM   1338 C  CA  . LEU A 1 167 ? -15.373 6.751   -11.659 1.00 25.99 ? 260 LEU A CA  1 
ATOM   1339 C  C   . LEU A 1 167 ? -14.888 7.061   -10.246 1.00 26.90 ? 260 LEU A C   1 
ATOM   1340 O  O   . LEU A 1 167 ? -13.729 7.453   -10.040 1.00 27.40 ? 260 LEU A O   1 
ATOM   1341 C  CB  . LEU A 1 167 ? -16.053 7.990   -12.250 1.00 22.65 ? 260 LEU A CB  1 
ATOM   1342 C  CG  . LEU A 1 167 ? -16.182 7.915   -13.766 1.00 23.56 ? 260 LEU A CG  1 
ATOM   1343 C  CD1 . LEU A 1 167 ? -16.744 9.219   -14.310 1.00 21.09 ? 260 LEU A CD1 1 
ATOM   1344 C  CD2 . LEU A 1 167 ? -14.791 7.633   -14.366 1.00 22.19 ? 260 LEU A CD2 1 
ATOM   1345 N  N   . GLN A 1 168 ? -15.777 6.895   -9.274  1.00 24.16 ? 261 GLN A N   1 
ATOM   1346 C  CA  . GLN A 1 168 ? -15.416 7.147   -7.898  1.00 23.78 ? 261 GLN A CA  1 
ATOM   1347 C  C   . GLN A 1 168 ? -14.331 6.179   -7.473  1.00 25.12 ? 261 GLN A C   1 
ATOM   1348 O  O   . GLN A 1 168 ? -13.321 6.574   -6.898  1.00 24.65 ? 261 GLN A O   1 
ATOM   1349 C  CB  . GLN A 1 168 ? -16.627 6.971   -6.987  1.00 24.99 ? 261 GLN A CB  1 
ATOM   1350 C  CG  . GLN A 1 168 ? -16.271 6.805   -5.520  1.00 27.88 ? 261 GLN A CG  1 
ATOM   1351 C  CD  . GLN A 1 168 ? -15.746 8.087   -4.887  1.00 29.94 ? 261 GLN A CD  1 
ATOM   1352 O  OE1 . GLN A 1 168 ? -14.928 8.047   -3.957  1.00 30.12 ? 261 GLN A OE1 1 
ATOM   1353 N  NE2 . GLN A 1 168 ? -16.222 9.225   -5.376  1.00 27.69 ? 261 GLN A NE2 1 
ATOM   1354 N  N   . LEU A 1 169 ? -14.546 4.902   -7.769  1.00 27.58 ? 262 LEU A N   1 
ATOM   1355 C  CA  . LEU A 1 169 ? -13.610 3.862   -7.385  1.00 27.77 ? 262 LEU A CA  1 
ATOM   1356 C  C   . LEU A 1 169 ? -12.290 3.867   -8.145  1.00 28.40 ? 262 LEU A C   1 
ATOM   1357 O  O   . LEU A 1 169 ? -11.251 3.549   -7.571  1.00 29.36 ? 262 LEU A O   1 
ATOM   1358 C  CB  . LEU A 1 169 ? -14.278 2.494   -7.522  1.00 28.50 ? 262 LEU A CB  1 
ATOM   1359 C  CG  . LEU A 1 169 ? -15.321 2.193   -6.450  1.00 29.11 ? 262 LEU A CG  1 
ATOM   1360 C  CD1 . LEU A 1 169 ? -16.198 1.032   -6.888  1.00 26.81 ? 262 LEU A CD1 1 
ATOM   1361 C  CD2 . LEU A 1 169 ? -14.621 1.905   -5.130  1.00 26.29 ? 262 LEU A CD2 1 
ATOM   1362 N  N   . THR A 1 170 ? -12.324 4.234   -9.420  1.00 27.16 ? 263 THR A N   1 
ATOM   1363 C  CA  . THR A 1 170 ? -11.110 4.241   -10.223 1.00 28.09 ? 263 THR A CA  1 
ATOM   1364 C  C   . THR A 1 170 ? -10.332 5.554   -10.166 1.00 28.44 ? 263 THR A C   1 
ATOM   1365 O  O   . THR A 1 170 ? -9.104  5.551   -10.213 1.00 29.07 ? 263 THR A O   1 
ATOM   1366 C  CB  . THR A 1 170 ? -11.411 3.901   -11.716 1.00 27.92 ? 263 THR A CB  1 
ATOM   1367 O  OG1 . THR A 1 170 ? -12.355 4.835   -12.247 1.00 29.58 ? 263 THR A OG1 1 
ATOM   1368 C  CG2 . THR A 1 170 ? -11.993 2.515   -11.838 1.00 28.26 ? 263 THR A CG2 1 
ATOM   1369 N  N   . MET A 1 171 ? -11.032 6.677   -10.071 1.00 28.46 ? 264 MET A N   1 
ATOM   1370 C  CA  . MET A 1 171 ? -10.345 7.962   -10.034 1.00 29.08 ? 264 MET A CA  1 
ATOM   1371 C  C   . MET A 1 171 ? -9.829  8.297   -8.646  1.00 29.63 ? 264 MET A C   1 
ATOM   1372 O  O   . MET A 1 171 ? -8.816  8.978   -8.513  1.00 33.97 ? 264 MET A O   1 
ATOM   1373 C  CB  . MET A 1 171 ? -11.265 9.081   -10.522 1.00 29.23 ? 264 MET A CB  1 
ATOM   1374 C  CG  . MET A 1 171 ? -11.647 8.969   -11.988 1.00 30.64 ? 264 MET A CG  1 
ATOM   1375 S  SD  . MET A 1 171 ? -10.196 8.901   -13.059 1.00 33.71 ? 264 MET A SD  1 
ATOM   1376 C  CE  . MET A 1 171 ? -9.532  10.530  -12.851 1.00 30.81 ? 264 MET A CE  1 
ATOM   1377 N  N   . TYR A 1 172 ? -10.520 7.828   -7.613  1.00 28.24 ? 265 TYR A N   1 
ATOM   1378 C  CA  . TYR A 1 172 ? -10.089 8.110   -6.251  1.00 27.52 ? 265 TYR A CA  1 
ATOM   1379 C  C   . TYR A 1 172 ? -9.197  6.982   -5.748  1.00 25.74 ? 265 TYR A C   1 
ATOM   1380 O  O   . TYR A 1 172 ? -9.542  6.251   -4.825  1.00 26.07 ? 265 TYR A O   1 
ATOM   1381 C  CB  . TYR A 1 172 ? -11.305 8.315   -5.332  1.00 26.86 ? 265 TYR A CB  1 
ATOM   1382 C  CG  . TYR A 1 172 ? -10.959 9.064   -4.063  1.00 25.80 ? 265 TYR A CG  1 
ATOM   1383 C  CD1 . TYR A 1 172 ? -11.041 8.443   -2.816  1.00 24.19 ? 265 TYR A CD1 1 
ATOM   1384 C  CD2 . TYR A 1 172 ? -10.474 10.372  -4.116  1.00 25.57 ? 265 TYR A CD2 1 
ATOM   1385 C  CE1 . TYR A 1 172 ? -10.639 9.107   -1.652  1.00 26.23 ? 265 TYR A CE1 1 
ATOM   1386 C  CE2 . TYR A 1 172 ? -10.068 11.044  -2.954  1.00 24.65 ? 265 TYR A CE2 1 
ATOM   1387 C  CZ  . TYR A 1 172 ? -10.153 10.405  -1.732  1.00 26.96 ? 265 TYR A CZ  1 
ATOM   1388 O  OH  . TYR A 1 172 ? -9.748  11.051  -0.583  1.00 30.48 ? 265 TYR A OH  1 
ATOM   1389 N  N   . SER A 1 173 ? -8.031  6.856   -6.374  1.00 25.62 ? 266 SER A N   1 
ATOM   1390 C  CA  . SER A 1 173 ? -7.066  5.817   -6.027  1.00 26.34 ? 266 SER A CA  1 
ATOM   1391 C  C   . SER A 1 173 ? -5.677  6.239   -6.498  1.00 27.46 ? 266 SER A C   1 
ATOM   1392 O  O   . SER A 1 173 ? -5.564  7.366   -7.014  1.00 29.32 ? 266 SER A O   1 
ATOM   1393 C  CB  . SER A 1 173 ? -7.456  4.486   -6.695  1.00 23.98 ? 266 SER A CB  1 
ATOM   1394 O  OG  . SER A 1 173 ? -7.430  4.596   -8.109  1.00 19.66 ? 266 SER A OG  1 
ATOM   1395 O  OXT . SER A 1 173 ? -4.725  5.445   -6.357  1.00 29.43 ? 266 SER A OXT 1 
HETATM 1396 CA CA  . CA  B 2 .   ? -10.245 9.540   6.102   1.00 31.37 ? 1   CA  A CA  1 
HETATM 1397 CA CA  . CA  C 2 .   ? -2.483  17.016  9.102   1.00 36.23 ? 2   CA  A CA  1 
HETATM 1398 CA CA  . CA  D 2 .   ? 15.695  -9.619  -4.860  1.00 48.45 ? 3   CA  A CA  1 
HETATM 1399 CA CA  . CA  E 2 .   ? 10.151  3.458   -6.605  1.00 35.26 ? 4   CA  A CA  1 
HETATM 1400 I  I   . ISA F 3 .   ? 8.457   2.951   5.522   1.00 57.17 ? 267 ISA A I   1 
HETATM 1401 C  CZ  . ISA F 3 .   ? 8.667   1.662   7.024   1.00 56.51 ? 267 ISA A CZ  1 
HETATM 1402 C  CE1 . ISA F 3 .   ? 7.722   1.725   8.103   1.00 58.68 ? 267 ISA A CE1 1 
HETATM 1403 C  CD1 . ISA F 3 .   ? 7.830   0.878   9.189   1.00 59.92 ? 267 ISA A CD1 1 
HETATM 1404 C  CE2 . ISA F 3 .   ? 9.702   0.758   7.029   1.00 55.67 ? 267 ISA A CE2 1 
HETATM 1405 C  CD2 . ISA F 3 .   ? 9.828   -0.126  8.150   1.00 59.88 ? 267 ISA A CD2 1 
HETATM 1406 C  CG  . ISA F 3 .   ? 8.893   -0.078  9.260   1.00 61.25 ? 267 ISA A CG  1 
HETATM 1407 C  C4  . ISA F 3 .   ? 9.015   -0.966  10.444  1.00 64.89 ? 267 ISA A C4  1 
HETATM 1408 C  C3  . ISA F 3 .   ? 9.125   -0.159  11.846  1.00 68.07 ? 267 ISA A C3  1 
HETATM 1409 S  S3  . ISA F 3 .   ? 7.560   -0.439  12.676  1.00 70.22 ? 267 ISA A S3  1 
HETATM 1410 C  C2  . ISA F 3 .   ? 10.092  0.731   12.524  1.00 69.78 ? 267 ISA A C2  1 
HETATM 1411 O  O3  . ISA F 3 .   ? 9.619   1.676   13.243  1.00 70.51 ? 267 ISA A O3  1 
HETATM 1412 O  O2  . ISA F 3 .   ? 11.343  0.511   12.352  1.00 68.67 ? 267 ISA A O2  1 
HETATM 1413 O  O   . HOH G 4 .   ? -9.336  6.635   10.326  1.00 30.90 ? 268 HOH A O   1 
HETATM 1414 O  O   . HOH G 4 .   ? -3.230  15.716  15.629  1.00 36.64 ? 269 HOH A O   1 
HETATM 1415 O  O   . HOH G 4 .   ? -8.971  10.278  13.819  1.00 35.25 ? 270 HOH A O   1 
HETATM 1416 O  O   . HOH G 4 .   ? -7.201  11.598  -0.427  1.00 26.59 ? 271 HOH A O   1 
HETATM 1417 O  O   . HOH G 4 .   ? -12.462 5.241   7.495   1.00 33.25 ? 272 HOH A O   1 
HETATM 1418 O  O   . HOH G 4 .   ? 7.209   7.010   -4.893  1.00 27.42 ? 273 HOH A O   1 
HETATM 1419 O  O   . HOH G 4 .   ? 2.922   17.499  13.055  1.00 28.36 ? 274 HOH A O   1 
HETATM 1420 O  O   . HOH G 4 .   ? -24.073 4.782   -15.408 1.00 26.02 ? 275 HOH A O   1 
HETATM 1421 O  O   . HOH G 4 .   ? -10.946 12.275  12.203  1.00 46.25 ? 276 HOH A O   1 
HETATM 1422 O  O   . HOH G 4 .   ? -10.532 9.830   8.597   1.00 24.18 ? 277 HOH A O   1 
HETATM 1423 O  O   . HOH G 4 .   ? -11.576 5.543   -0.988  1.00 32.73 ? 278 HOH A O   1 
HETATM 1424 O  O   . HOH G 4 .   ? 9.522   13.546  2.292   1.00 35.33 ? 279 HOH A O   1 
HETATM 1425 O  O   . HOH G 4 .   ? -1.042  -8.682  4.347   1.00 41.68 ? 280 HOH A O   1 
HETATM 1426 O  O   . HOH G 4 .   ? -3.023  -0.645  3.594   1.00 30.81 ? 281 HOH A O   1 
HETATM 1427 O  O   . HOH G 4 .   ? -0.039  2.823   -6.863  1.00 35.46 ? 282 HOH A O   1 
HETATM 1428 O  O   . HOH G 4 .   ? -10.753 3.584   -4.589  1.00 37.29 ? 283 HOH A O   1 
HETATM 1429 O  O   . HOH G 4 .   ? 3.820   15.680  10.270  1.00 37.06 ? 284 HOH A O   1 
HETATM 1430 O  O   . HOH G 4 .   ? 11.763  -15.322 -2.468  1.00 34.31 ? 285 HOH A O   1 
HETATM 1431 O  O   . HOH G 4 .   ? -4.107  14.014  1.561   1.00 28.83 ? 286 HOH A O   1 
HETATM 1432 O  O   . HOH G 4 .   ? 5.633   12.049  -7.222  1.00 35.70 ? 287 HOH A O   1 
HETATM 1433 O  O   . HOH G 4 .   ? -1.664  16.705  0.913   1.00 42.40 ? 288 HOH A O   1 
HETATM 1434 O  O   . HOH G 4 .   ? 8.132   13.547  9.462   1.00 44.26 ? 289 HOH A O   1 
HETATM 1435 O  O   . HOH G 4 .   ? -3.096  17.689  6.831   1.00 34.11 ? 290 HOH A O   1 
HETATM 1436 O  O   . HOH G 4 .   ? 1.164   13.855  -11.038 1.00 34.88 ? 291 HOH A O   1 
HETATM 1437 O  O   . HOH G 4 .   ? -4.648  -3.247  11.454  1.00 55.27 ? 292 HOH A O   1 
HETATM 1438 O  O   . HOH G 4 .   ? -6.700  -1.019  12.402  1.00 56.60 ? 293 HOH A O   1 
HETATM 1439 O  O   . HOH G 4 .   ? 9.117   12.762  18.853  1.00 39.82 ? 294 HOH A O   1 
HETATM 1440 O  O   . HOH G 4 .   ? -24.201 -5.001  -16.243 1.00 45.33 ? 295 HOH A O   1 
HETATM 1441 O  O   . HOH G 4 .   ? -0.178  -11.420 6.108   1.00 54.74 ? 296 HOH A O   1 
HETATM 1442 O  O   . HOH G 4 .   ? 13.300  3.158   -21.381 1.00 54.20 ? 297 HOH A O   1 
HETATM 1443 O  O   . HOH G 4 .   ? 9.782   8.325   -6.097  1.00 51.06 ? 298 HOH A O   1 
HETATM 1444 O  O   . HOH G 4 .   ? 13.670  -9.608  -12.815 1.00 45.41 ? 299 HOH A O   1 
HETATM 1445 O  O   . HOH G 4 .   ? 4.315   -14.185 -14.252 1.00 55.29 ? 300 HOH A O   1 
HETATM 1446 O  O   . HOH G 4 .   ? -5.033  -1.186  1.528   1.00 56.31 ? 301 HOH A O   1 
HETATM 1447 O  O   . HOH G 4 .   ? -5.884  1.626   24.556  1.00 53.68 ? 302 HOH A O   1 
HETATM 1448 O  O   . HOH G 4 .   ? 7.582   13.939  -4.589  1.00 38.69 ? 303 HOH A O   1 
HETATM 1449 O  O   . HOH G 4 .   ? 1.205   20.164  7.409   1.00 48.82 ? 304 HOH A O   1 
HETATM 1450 O  O   . HOH G 4 .   ? 8.370   -4.255  -15.668 1.00 30.40 ? 305 HOH A O   1 
HETATM 1451 O  O   . HOH G 4 .   ? -24.524 5.526   -7.449  1.00 40.55 ? 306 HOH A O   1 
HETATM 1452 O  O   . HOH G 4 .   ? -14.219 -6.104  2.231   1.00 39.48 ? 307 HOH A O   1 
HETATM 1453 O  O   . HOH G 4 .   ? -5.964  -13.718 -3.526  1.00 45.62 ? 308 HOH A O   1 
HETATM 1454 O  O   . HOH G 4 .   ? 3.147   -13.798 -19.891 1.00 51.99 ? 309 HOH A O   1 
HETATM 1455 O  O   . HOH G 4 .   ? -9.858  1.661   2.883   1.00 54.36 ? 310 HOH A O   1 
HETATM 1456 O  O   . HOH G 4 .   ? -5.125  11.963  -2.497  1.00 35.63 ? 311 HOH A O   1 
HETATM 1457 O  O   . HOH G 4 .   ? -22.488 -5.410  -7.568  1.00 37.54 ? 312 HOH A O   1 
HETATM 1458 O  O   . HOH G 4 .   ? -1.241  2.988   -3.548  1.00 45.81 ? 313 HOH A O   1 
HETATM 1459 O  O   . HOH G 4 .   ? -4.474  9.752   18.709  1.00 36.84 ? 314 HOH A O   1 
HETATM 1460 O  O   . HOH G 4 .   ? -3.180  -16.272 -15.928 1.00 41.63 ? 315 HOH A O   1 
HETATM 1461 O  O   . HOH G 4 .   ? 10.859  2.699   -9.190  1.00 31.61 ? 316 HOH A O   1 
HETATM 1462 O  O   . HOH G 4 .   ? -1.878  -18.742 -14.129 1.00 41.33 ? 317 HOH A O   1 
HETATM 1463 O  O   . HOH G 4 .   ? -24.262 -0.258  -5.119  1.00 58.39 ? 318 HOH A O   1 
HETATM 1464 O  O   . HOH G 4 .   ? 5.204   16.233  7.558   1.00 43.67 ? 319 HOH A O   1 
HETATM 1465 O  O   . HOH G 4 .   ? 15.724  -9.949  -7.414  1.00 40.30 ? 320 HOH A O   1 
HETATM 1466 O  O   . HOH G 4 .   ? 17.473  3.410   -1.058  1.00 40.67 ? 321 HOH A O   1 
HETATM 1467 O  O   . HOH G 4 .   ? 0.327   20.832  11.458  1.00 43.83 ? 322 HOH A O   1 
HETATM 1468 O  O   . HOH G 4 .   ? -12.236 14.462  9.858   1.00 44.81 ? 323 HOH A O   1 
# 
